data_9FSW
#
_entry.id   9FSW
#
_cell.length_a   93.606
_cell.length_b   123.989
_cell.length_c   126.688
_cell.angle_alpha   90.000
_cell.angle_beta   91.184
_cell.angle_gamma   90.000
#
_symmetry.space_group_name_H-M   'P 1 21 1'
#
loop_
_entity.id
_entity.type
_entity.pdbx_description
1 polymer 'ATP-dependent Clp protease proteolytic subunit'
2 non-polymer (4S)-2-METHYL-2,4-PENTANEDIOL
3 non-polymer GLYCEROL
4 water water
#
_entity_poly.entity_id   1
_entity_poly.type   'polypeptide(L)'
_entity_poly.pdbx_seq_one_letter_code
;MNLIPTVIETTNRGERAYDIYSRLLKDRIIMLGSQIDDNVANSIVSQLLFLQAQDSEKDIYLYINSPGGSVTAGFAIYDT
IQHIKPDVQTICIGMAASMGSFLLAAGAKGKRFALPNAEVMIHQPLGGAQGQATEIEIAANHILKTREKLNRILSERTGQ
SIEKIQQDTDRDNFLTAAEAKEYGLIDEVMEPEHHHHHH
;
_entity_poly.pdbx_strand_id   A,B,C,D,E,F,G,H,I,J,K,L,M,N
#
loop_
_chem_comp.id
_chem_comp.type
_chem_comp.name
_chem_comp.formula
GOL non-polymer GLYCEROL 'C3 H8 O3'
MPD non-polymer (4S)-2-METHYL-2,4-PENTANEDIOL 'C6 H14 O2'
#
# COMPACT_ATOMS: atom_id res chain seq x y z
N ILE A 4 -15.19 -28.81 8.89
CA ILE A 4 -13.82 -29.15 9.22
C ILE A 4 -13.65 -30.57 9.77
N PRO A 5 -14.47 -30.99 10.74
CA PRO A 5 -14.23 -32.29 11.37
C PRO A 5 -14.44 -33.45 10.40
N THR A 6 -13.80 -34.56 10.73
CA THR A 6 -13.83 -35.77 9.91
C THR A 6 -14.72 -36.81 10.58
N VAL A 7 -15.54 -37.49 9.78
CA VAL A 7 -16.39 -38.55 10.32
C VAL A 7 -15.86 -39.93 9.92
N TYR A 18 -14.40 -38.99 5.52
CA TYR A 18 -15.19 -37.89 4.99
C TYR A 18 -15.14 -36.67 5.91
N ASP A 19 -15.45 -35.50 5.35
CA ASP A 19 -15.77 -34.33 6.17
C ASP A 19 -17.26 -34.33 6.52
N ILE A 20 -17.65 -33.43 7.42
CA ILE A 20 -19.02 -33.44 7.93
C ILE A 20 -20.02 -33.20 6.80
N TYR A 21 -19.65 -32.44 5.77
CA TYR A 21 -20.59 -32.16 4.69
C TYR A 21 -20.76 -33.35 3.76
N SER A 22 -19.68 -34.07 3.47
CA SER A 22 -19.78 -35.28 2.67
C SER A 22 -20.60 -36.34 3.39
N ARG A 23 -20.49 -36.41 4.72
CA ARG A 23 -21.31 -37.34 5.48
C ARG A 23 -22.79 -37.00 5.40
N LEU A 24 -23.13 -35.71 5.47
CA LEU A 24 -24.52 -35.31 5.32
C LEU A 24 -25.01 -35.53 3.89
N LEU A 25 -24.11 -35.38 2.91
CA LEU A 25 -24.48 -35.62 1.53
C LEU A 25 -24.88 -37.07 1.32
N LYS A 26 -24.32 -37.99 2.11
CA LYS A 26 -24.73 -39.39 2.03
C LYS A 26 -26.20 -39.56 2.40
N ASP A 27 -26.71 -38.70 3.28
CA ASP A 27 -28.13 -38.69 3.61
C ASP A 27 -28.92 -37.72 2.74
N ARG A 28 -28.38 -37.32 1.58
CA ARG A 28 -29.06 -36.46 0.62
C ARG A 28 -29.34 -35.06 1.20
N ILE A 29 -28.45 -34.58 2.05
CA ILE A 29 -28.55 -33.26 2.67
C ILE A 29 -27.45 -32.38 2.09
N ILE A 30 -27.84 -31.22 1.57
CA ILE A 30 -26.91 -30.26 0.98
C ILE A 30 -26.93 -29.01 1.85
N MET A 31 -25.75 -28.51 2.20
CA MET A 31 -25.63 -27.35 3.08
C MET A 31 -25.20 -26.14 2.25
N LEU A 32 -26.09 -25.16 2.13
CA LEU A 32 -25.76 -23.86 1.55
C LEU A 32 -25.62 -22.89 2.71
N GLY A 33 -24.38 -22.60 3.08
CA GLY A 33 -24.13 -21.74 4.22
C GLY A 33 -23.13 -20.64 3.92
N SER A 34 -23.25 -20.03 2.74
CA SER A 34 -22.34 -18.97 2.35
C SER A 34 -22.98 -18.11 1.28
N GLN A 35 -22.25 -17.07 0.87
CA GLN A 35 -22.67 -16.26 -0.27
C GLN A 35 -22.68 -17.11 -1.53
N ILE A 36 -23.53 -16.73 -2.48
CA ILE A 36 -23.77 -17.51 -3.70
C ILE A 36 -22.90 -16.93 -4.80
N ASP A 37 -21.86 -17.66 -5.19
CA ASP A 37 -21.10 -17.31 -6.38
C ASP A 37 -21.02 -18.50 -7.32
N ASP A 38 -20.26 -18.38 -8.41
CA ASP A 38 -20.16 -19.45 -9.38
C ASP A 38 -19.61 -20.74 -8.77
N ASN A 39 -18.66 -20.61 -7.84
CA ASN A 39 -18.08 -21.81 -7.24
C ASN A 39 -19.12 -22.57 -6.42
N VAL A 40 -19.85 -21.84 -5.57
CA VAL A 40 -20.87 -22.46 -4.74
C VAL A 40 -21.95 -23.11 -5.60
N ALA A 41 -22.44 -22.39 -6.60
CA ALA A 41 -23.46 -22.93 -7.48
C ALA A 41 -22.95 -24.16 -8.23
N ASN A 42 -21.70 -24.11 -8.68
CA ASN A 42 -21.11 -25.27 -9.35
C ASN A 42 -21.13 -26.49 -8.44
N SER A 43 -20.81 -26.30 -7.16
CA SER A 43 -20.84 -27.40 -6.20
C SER A 43 -22.26 -27.87 -5.92
N ILE A 44 -23.19 -26.94 -5.67
CA ILE A 44 -24.56 -27.33 -5.33
C ILE A 44 -25.19 -28.08 -6.49
N VAL A 45 -25.03 -27.56 -7.72
CA VAL A 45 -25.60 -28.21 -8.90
C VAL A 45 -25.04 -29.62 -9.05
N SER A 46 -23.73 -29.77 -8.88
CA SER A 46 -23.10 -31.08 -9.01
C SER A 46 -23.64 -32.05 -7.96
N GLN A 47 -23.87 -31.56 -6.73
CA GLN A 47 -24.40 -32.41 -5.69
C GLN A 47 -25.84 -32.81 -5.99
N LEU A 48 -26.62 -31.90 -6.58
CA LEU A 48 -27.99 -32.22 -6.95
C LEU A 48 -28.01 -33.29 -8.04
N LEU A 49 -27.20 -33.12 -9.08
CA LEU A 49 -27.17 -34.12 -10.16
C LEU A 49 -26.70 -35.47 -9.64
N PHE A 50 -25.72 -35.47 -8.74
CA PHE A 50 -25.22 -36.73 -8.18
C PHE A 50 -26.31 -37.43 -7.37
N LEU A 51 -27.04 -36.68 -6.56
CA LEU A 51 -28.10 -37.27 -5.74
C LEU A 51 -29.24 -37.79 -6.61
N GLN A 52 -29.54 -37.12 -7.73
CA GLN A 52 -30.55 -37.64 -8.64
C GLN A 52 -30.08 -38.95 -9.27
N ALA A 53 -28.79 -39.01 -9.64
CA ALA A 53 -28.24 -40.24 -10.18
C ALA A 53 -28.23 -41.36 -9.14
N GLN A 54 -28.04 -41.02 -7.86
CA GLN A 54 -28.09 -42.04 -6.82
C GLN A 54 -29.49 -42.62 -6.70
N ASP A 55 -30.49 -41.76 -6.68
CA ASP A 55 -31.89 -42.16 -6.53
C ASP A 55 -32.75 -41.00 -7.01
N SER A 56 -33.51 -41.21 -8.08
CA SER A 56 -34.34 -40.14 -8.64
C SER A 56 -35.66 -40.00 -7.90
N GLU A 57 -35.89 -40.77 -6.84
CA GLU A 57 -37.17 -40.78 -6.15
C GLU A 57 -37.12 -40.13 -4.78
N LYS A 58 -36.12 -40.43 -3.96
CA LYS A 58 -36.09 -39.90 -2.61
C LYS A 58 -35.83 -38.40 -2.60
N ASP A 59 -36.44 -37.72 -1.63
CA ASP A 59 -36.32 -36.27 -1.47
C ASP A 59 -34.88 -35.85 -1.21
N ILE A 60 -34.59 -34.60 -1.55
CA ILE A 60 -33.33 -33.94 -1.24
C ILE A 60 -33.62 -32.80 -0.28
N TYR A 61 -32.72 -32.58 0.68
CA TYR A 61 -32.87 -31.58 1.72
C TYR A 61 -31.77 -30.53 1.55
N LEU A 62 -32.17 -29.29 1.26
CA LEU A 62 -31.25 -28.19 1.02
C LEU A 62 -31.37 -27.17 2.16
N TYR A 63 -30.37 -27.15 3.05
CA TYR A 63 -30.31 -26.13 4.09
C TYR A 63 -29.72 -24.84 3.52
N ILE A 64 -30.33 -23.71 3.85
CA ILE A 64 -29.97 -22.42 3.26
C ILE A 64 -29.70 -21.43 4.37
N ASN A 65 -28.44 -20.97 4.46
CA ASN A 65 -28.05 -19.84 5.32
C ASN A 65 -27.13 -18.98 4.45
N SER A 66 -27.74 -18.05 3.71
CA SER A 66 -27.03 -17.30 2.68
C SER A 66 -27.46 -15.84 2.66
N PRO A 67 -26.50 -14.92 2.52
CA PRO A 67 -26.85 -13.51 2.29
C PRO A 67 -27.17 -13.18 0.85
N GLY A 68 -27.17 -14.17 -0.05
CA GLY A 68 -27.40 -13.92 -1.46
C GLY A 68 -26.14 -14.04 -2.29
N GLY A 69 -26.09 -13.36 -3.42
CA GLY A 69 -24.91 -13.35 -4.26
C GLY A 69 -25.30 -13.15 -5.72
N SER A 70 -24.56 -13.85 -6.60
CA SER A 70 -24.77 -13.71 -8.04
C SER A 70 -26.15 -14.22 -8.44
N VAL A 71 -26.86 -13.43 -9.25
CA VAL A 71 -28.18 -13.85 -9.74
C VAL A 71 -28.04 -15.00 -10.72
N THR A 72 -27.04 -14.94 -11.60
CA THR A 72 -26.83 -16.01 -12.56
C THR A 72 -26.40 -17.29 -11.86
N ALA A 73 -25.55 -17.19 -10.84
CA ALA A 73 -25.18 -18.39 -10.08
C ALA A 73 -26.39 -18.97 -9.35
N GLY A 74 -27.26 -18.11 -8.81
CA GLY A 74 -28.45 -18.60 -8.15
C GLY A 74 -29.42 -19.28 -9.10
N PHE A 75 -29.53 -18.77 -10.33
CA PHE A 75 -30.43 -19.40 -11.30
C PHE A 75 -29.89 -20.74 -11.79
N ALA A 76 -28.57 -20.92 -11.78
CA ALA A 76 -28.02 -22.26 -12.05
C ALA A 76 -28.52 -23.25 -11.01
N ILE A 77 -28.58 -22.82 -9.75
CA ILE A 77 -29.13 -23.68 -8.71
C ILE A 77 -30.64 -23.81 -8.90
N TYR A 78 -31.32 -22.70 -9.18
CA TYR A 78 -32.77 -22.72 -9.34
C TYR A 78 -33.20 -23.68 -10.43
N ASP A 79 -32.64 -23.53 -11.62
CA ASP A 79 -33.04 -24.35 -12.75
C ASP A 79 -32.70 -25.82 -12.53
N THR A 80 -31.59 -26.11 -11.85
CA THR A 80 -31.28 -27.50 -11.54
C THR A 80 -32.30 -28.08 -10.57
N ILE A 81 -32.72 -27.29 -9.57
CA ILE A 81 -33.78 -27.72 -8.67
C ILE A 81 -35.05 -28.05 -9.44
N GLN A 82 -35.44 -27.15 -10.35
CA GLN A 82 -36.70 -27.35 -11.07
C GLN A 82 -36.60 -28.51 -12.03
N HIS A 83 -35.40 -28.83 -12.50
CA HIS A 83 -35.23 -29.80 -13.58
C HIS A 83 -35.23 -31.24 -13.07
N ILE A 84 -34.57 -31.50 -11.94
CA ILE A 84 -34.40 -32.88 -11.48
C ILE A 84 -35.73 -33.47 -11.01
N LYS A 85 -35.80 -34.80 -11.02
CA LYS A 85 -37.02 -35.48 -10.62
C LYS A 85 -37.25 -35.43 -9.10
N PRO A 86 -36.24 -35.65 -8.24
CA PRO A 86 -36.53 -35.62 -6.80
C PRO A 86 -37.04 -34.26 -6.35
N ASP A 87 -37.94 -34.28 -5.38
CA ASP A 87 -38.33 -33.06 -4.69
C ASP A 87 -37.13 -32.53 -3.90
N VAL A 88 -36.96 -31.22 -3.91
CA VAL A 88 -35.91 -30.55 -3.15
C VAL A 88 -36.61 -29.78 -2.03
N GLN A 89 -36.42 -30.22 -0.80
CA GLN A 89 -36.92 -29.47 0.34
C GLN A 89 -35.92 -28.37 0.70
N THR A 90 -36.43 -27.18 1.02
CA THR A 90 -35.60 -26.06 1.41
C THR A 90 -35.86 -25.72 2.86
N ILE A 91 -34.78 -25.55 3.63
CA ILE A 91 -34.86 -25.26 5.05
C ILE A 91 -33.97 -24.06 5.32
N CYS A 92 -34.58 -22.95 5.73
CA CYS A 92 -33.82 -21.74 6.05
C CYS A 92 -33.45 -21.74 7.53
N ILE A 93 -32.17 -21.67 7.82
CA ILE A 93 -31.67 -21.49 9.18
C ILE A 93 -30.87 -20.20 9.20
N GLY A 94 -31.14 -19.36 10.20
CA GLY A 94 -30.47 -18.09 10.32
C GLY A 94 -30.97 -17.03 9.36
N MET A 95 -30.50 -17.06 8.10
CA MET A 95 -30.80 -15.97 7.18
C MET A 95 -30.86 -16.48 5.76
N ALA A 96 -31.90 -16.08 5.03
CA ALA A 96 -31.98 -16.25 3.58
C ALA A 96 -32.33 -14.89 2.98
N ALA A 97 -31.32 -14.21 2.43
CA ALA A 97 -31.48 -12.88 1.87
C ALA A 97 -31.17 -12.89 0.39
N SER A 98 -31.89 -12.04 -0.35
CA SER A 98 -31.65 -11.79 -1.78
C SER A 98 -31.79 -13.11 -2.54
N MET A 99 -30.79 -13.53 -3.32
CA MET A 99 -30.89 -14.78 -4.06
C MET A 99 -31.09 -15.98 -3.15
N GLY A 100 -30.68 -15.87 -1.87
CA GLY A 100 -30.90 -16.96 -0.94
C GLY A 100 -32.37 -17.17 -0.64
N SER A 101 -33.13 -16.09 -0.44
CA SER A 101 -34.57 -16.21 -0.23
C SER A 101 -35.27 -16.64 -1.51
N PHE A 102 -34.70 -16.29 -2.66
CA PHE A 102 -35.24 -16.77 -3.93
C PHE A 102 -35.11 -18.29 -4.02
N LEU A 103 -33.96 -18.84 -3.63
CA LEU A 103 -33.78 -20.28 -3.63
C LEU A 103 -34.64 -20.95 -2.56
N LEU A 104 -34.86 -20.27 -1.45
CA LEU A 104 -35.76 -20.79 -0.42
C LEU A 104 -37.15 -21.01 -0.97
N ALA A 105 -37.67 -20.03 -1.72
CA ALA A 105 -38.98 -20.15 -2.31
C ALA A 105 -39.02 -21.14 -3.45
N ALA A 106 -37.86 -21.60 -3.91
CA ALA A 106 -37.77 -22.52 -5.04
C ALA A 106 -37.94 -23.97 -4.63
N GLY A 107 -38.01 -24.27 -3.34
CA GLY A 107 -38.19 -25.64 -2.90
C GLY A 107 -39.53 -26.21 -3.34
N ALA A 108 -39.65 -27.53 -3.17
CA ALA A 108 -40.89 -28.21 -3.51
C ALA A 108 -42.06 -27.64 -2.73
N LYS A 109 -43.16 -27.38 -3.43
CA LYS A 109 -44.35 -26.85 -2.76
C LYS A 109 -44.79 -27.78 -1.65
N GLY A 110 -45.03 -27.22 -0.47
CA GLY A 110 -45.32 -28.01 0.71
C GLY A 110 -44.11 -28.42 1.52
N LYS A 111 -42.91 -28.27 0.96
CA LYS A 111 -41.67 -28.71 1.59
C LYS A 111 -40.66 -27.56 1.69
N ARG A 112 -41.14 -26.35 1.89
CA ARG A 112 -40.30 -25.18 2.13
C ARG A 112 -40.49 -24.74 3.57
N PHE A 113 -39.40 -24.69 4.33
CA PHE A 113 -39.46 -24.48 5.76
C PHE A 113 -38.51 -23.38 6.18
N ALA A 114 -38.78 -22.82 7.35
CA ALA A 114 -37.85 -21.94 8.03
C ALA A 114 -37.97 -22.16 9.53
N LEU A 115 -36.82 -22.12 10.21
CA LEU A 115 -36.81 -22.27 11.64
C LEU A 115 -37.39 -21.00 12.29
N PRO A 116 -37.91 -21.10 13.52
CA PRO A 116 -38.70 -19.98 14.07
C PRO A 116 -37.98 -18.65 14.11
N ASN A 117 -36.67 -18.62 14.33
CA ASN A 117 -35.96 -17.36 14.45
C ASN A 117 -35.14 -17.04 13.20
N ALA A 118 -35.26 -17.85 12.15
CA ALA A 118 -34.61 -17.57 10.89
C ALA A 118 -35.19 -16.31 10.27
N GLU A 119 -34.37 -15.63 9.46
CA GLU A 119 -34.76 -14.37 8.83
C GLU A 119 -34.76 -14.51 7.32
N VAL A 120 -35.74 -13.88 6.68
CA VAL A 120 -35.87 -13.87 5.24
C VAL A 120 -35.91 -12.43 4.77
N MET A 121 -35.07 -12.10 3.80
CA MET A 121 -35.00 -10.73 3.26
C MET A 121 -35.10 -10.79 1.76
N ILE A 122 -35.94 -9.92 1.19
CA ILE A 122 -36.11 -9.78 -0.25
C ILE A 122 -35.85 -8.34 -0.65
N HIS A 123 -35.21 -8.15 -1.81
CA HIS A 123 -34.98 -6.82 -2.36
C HIS A 123 -34.68 -6.97 -3.85
N GLN A 124 -34.58 -5.83 -4.54
CA GLN A 124 -34.31 -5.86 -5.97
C GLN A 124 -32.82 -6.11 -6.24
N PRO A 125 -32.49 -6.64 -7.42
CA PRO A 125 -31.08 -6.99 -7.70
C PRO A 125 -30.17 -5.76 -7.75
N LEU A 126 -28.89 -6.02 -7.50
CA LEU A 126 -27.86 -5.00 -7.47
C LEU A 126 -26.89 -5.20 -8.63
N GLY A 127 -26.32 -4.10 -9.11
CA GLY A 127 -25.39 -4.18 -10.21
C GLY A 127 -24.64 -2.88 -10.41
N GLY A 128 -23.92 -2.82 -11.53
CA GLY A 128 -23.15 -1.64 -11.86
C GLY A 128 -23.01 -1.49 -13.35
N ALA A 129 -22.62 -0.29 -13.78
CA ALA A 129 -22.43 -0.01 -15.18
C ALA A 129 -21.45 1.16 -15.33
N GLN A 130 -20.58 1.06 -16.32
CA GLN A 130 -19.57 2.07 -16.58
C GLN A 130 -19.29 2.15 -18.07
N GLY A 131 -19.04 3.37 -18.55
CA GLY A 131 -18.66 3.56 -19.93
C GLY A 131 -19.53 4.54 -20.69
N GLN A 132 -19.73 4.28 -21.98
CA GLN A 132 -20.51 5.16 -22.82
C GLN A 132 -21.99 5.12 -22.42
N ALA A 133 -22.71 6.16 -22.85
CA ALA A 133 -24.14 6.22 -22.55
C ALA A 133 -24.88 5.00 -23.09
N THR A 134 -24.53 4.56 -24.30
CA THR A 134 -25.19 3.37 -24.84
C THR A 134 -24.86 2.13 -24.02
N GLU A 135 -23.62 2.03 -23.53
CA GLU A 135 -23.25 0.89 -22.69
C GLU A 135 -24.01 0.89 -21.37
N ILE A 136 -24.21 2.08 -20.79
CA ILE A 136 -25.00 2.16 -19.57
C ILE A 136 -26.45 1.80 -19.85
N GLU A 137 -26.96 2.20 -21.02
CA GLU A 137 -28.30 1.83 -21.41
C GLU A 137 -28.46 0.32 -21.53
N ILE A 138 -27.47 -0.36 -22.11
CA ILE A 138 -27.53 -1.80 -22.26
C ILE A 138 -27.54 -2.48 -20.90
N ALA A 139 -26.66 -2.04 -19.99
CA ALA A 139 -26.60 -2.65 -18.66
C ALA A 139 -27.86 -2.39 -17.86
N ALA A 140 -28.44 -1.20 -18.00
CA ALA A 140 -29.68 -0.89 -17.29
C ALA A 140 -30.83 -1.75 -17.81
N ASN A 141 -30.94 -1.89 -19.13
CA ASN A 141 -31.98 -2.75 -19.67
C ASN A 141 -31.79 -4.19 -19.18
N HIS A 142 -30.54 -4.64 -19.08
CA HIS A 142 -30.29 -6.01 -18.67
C HIS A 142 -30.72 -6.26 -17.23
N ILE A 143 -30.35 -5.35 -16.31
CA ILE A 143 -30.70 -5.56 -14.91
C ILE A 143 -32.21 -5.34 -14.72
N LEU A 144 -32.83 -4.52 -15.55
CA LEU A 144 -34.28 -4.38 -15.49
C LEU A 144 -34.99 -5.65 -15.97
N LYS A 145 -34.47 -6.28 -17.02
CA LYS A 145 -35.02 -7.55 -17.47
C LYS A 145 -34.76 -8.65 -16.45
N THR A 146 -33.62 -8.60 -15.77
CA THR A 146 -33.35 -9.61 -14.75
C THR A 146 -34.32 -9.50 -13.58
N ARG A 147 -34.62 -8.26 -13.14
CA ARG A 147 -35.58 -8.09 -12.05
C ARG A 147 -36.98 -8.55 -12.46
N GLU A 148 -37.40 -8.23 -13.68
CA GLU A 148 -38.70 -8.68 -14.15
C GLU A 148 -38.80 -10.20 -14.16
N LYS A 149 -37.71 -10.86 -14.55
CA LYS A 149 -37.67 -12.33 -14.49
C LYS A 149 -37.77 -12.82 -13.05
N LEU A 150 -37.02 -12.19 -12.14
CA LEU A 150 -37.07 -12.60 -10.74
C LEU A 150 -38.44 -12.37 -10.13
N ASN A 151 -39.07 -11.23 -10.43
CA ASN A 151 -40.39 -10.94 -9.88
C ASN A 151 -41.45 -11.86 -10.47
N ARG A 152 -41.33 -12.19 -11.75
CA ARG A 152 -42.26 -13.10 -12.40
C ARG A 152 -42.23 -14.46 -11.72
N ILE A 153 -41.04 -15.03 -11.53
CA ILE A 153 -40.95 -16.33 -10.88
C ILE A 153 -41.40 -16.25 -9.42
N LEU A 154 -40.99 -15.19 -8.72
CA LEU A 154 -41.43 -15.02 -7.32
C LEU A 154 -42.95 -14.96 -7.23
N SER A 155 -43.61 -14.37 -8.22
CA SER A 155 -45.07 -14.32 -8.23
C SER A 155 -45.64 -15.73 -8.37
N GLU A 156 -45.07 -16.55 -9.26
CA GLU A 156 -45.57 -17.90 -9.47
C GLU A 156 -45.32 -18.78 -8.25
N ARG A 157 -44.25 -18.56 -7.51
CA ARG A 157 -43.94 -19.46 -6.42
C ARG A 157 -44.54 -19.02 -5.09
N THR A 158 -44.95 -17.76 -4.95
CA THR A 158 -45.58 -17.31 -3.71
C THR A 158 -47.08 -17.08 -3.84
N GLY A 159 -47.60 -16.91 -5.06
CA GLY A 159 -48.98 -16.55 -5.23
C GLY A 159 -49.26 -15.06 -5.16
N GLN A 160 -48.27 -14.25 -4.81
CA GLN A 160 -48.47 -12.81 -4.78
C GLN A 160 -48.47 -12.24 -6.19
N SER A 161 -49.13 -11.11 -6.35
CA SER A 161 -49.17 -10.45 -7.65
C SER A 161 -47.81 -9.86 -7.99
N ILE A 162 -47.58 -9.65 -9.29
CA ILE A 162 -46.31 -9.10 -9.73
C ILE A 162 -46.14 -7.68 -9.20
N GLU A 163 -47.24 -6.91 -9.18
CA GLU A 163 -47.16 -5.55 -8.66
C GLU A 163 -46.79 -5.54 -7.19
N LYS A 164 -47.31 -6.49 -6.41
CA LYS A 164 -46.97 -6.57 -5.00
C LYS A 164 -45.51 -6.96 -4.79
N ILE A 165 -45.02 -7.96 -5.53
CA ILE A 165 -43.61 -8.33 -5.46
C ILE A 165 -42.73 -7.14 -5.80
N GLN A 166 -43.12 -6.37 -6.83
CA GLN A 166 -42.33 -5.24 -7.25
C GLN A 166 -42.15 -4.22 -6.14
N GLN A 167 -43.24 -3.84 -5.47
CA GLN A 167 -43.08 -2.82 -4.43
C GLN A 167 -42.44 -3.39 -3.17
N ASP A 168 -42.67 -4.68 -2.88
CA ASP A 168 -42.10 -5.27 -1.68
C ASP A 168 -40.62 -5.56 -1.82
N THR A 169 -40.05 -5.47 -3.02
CA THR A 169 -38.62 -5.65 -3.23
C THR A 169 -37.95 -4.34 -3.60
N ASP A 170 -38.70 -3.23 -3.56
CA ASP A 170 -38.13 -1.93 -3.91
C ASP A 170 -37.00 -1.57 -2.97
N ARG A 171 -37.12 -1.94 -1.71
CA ARG A 171 -36.10 -1.73 -0.69
C ARG A 171 -35.87 -3.04 0.06
N ASP A 172 -34.84 -3.06 0.90
CA ASP A 172 -34.62 -4.20 1.76
C ASP A 172 -35.88 -4.47 2.59
N ASN A 173 -36.43 -5.67 2.44
CA ASN A 173 -37.66 -6.07 3.13
C ASN A 173 -37.36 -7.29 4.00
N PHE A 174 -37.26 -7.08 5.30
CA PHE A 174 -36.95 -8.15 6.24
C PHE A 174 -38.23 -8.80 6.74
N LEU A 175 -38.27 -10.13 6.71
CA LEU A 175 -39.43 -10.88 7.17
C LEU A 175 -39.01 -11.91 8.21
N THR A 176 -39.82 -12.06 9.24
CA THR A 176 -39.65 -13.18 10.15
C THR A 176 -40.09 -14.47 9.45
N ALA A 177 -39.82 -15.59 10.12
CA ALA A 177 -40.26 -16.87 9.58
C ALA A 177 -41.78 -16.91 9.41
N ALA A 178 -42.51 -16.38 10.41
CA ALA A 178 -43.96 -16.37 10.34
C ALA A 178 -44.46 -15.48 9.21
N GLU A 179 -43.87 -14.30 9.05
CA GLU A 179 -44.26 -13.43 7.95
C GLU A 179 -43.92 -14.04 6.60
N ALA A 180 -42.81 -14.78 6.50
CA ALA A 180 -42.44 -15.41 5.24
C ALA A 180 -43.45 -16.49 4.86
N LYS A 181 -44.02 -17.21 5.83
CA LYS A 181 -45.03 -18.19 5.49
C LYS A 181 -46.32 -17.52 5.02
N GLU A 182 -46.78 -16.48 5.72
CA GLU A 182 -47.93 -15.75 5.21
C GLU A 182 -47.67 -15.15 3.84
N TYR A 183 -46.43 -14.73 3.58
CA TYR A 183 -46.14 -14.12 2.29
C TYR A 183 -46.12 -15.16 1.17
N GLY A 184 -45.93 -16.43 1.49
CA GLY A 184 -45.84 -17.47 0.48
C GLY A 184 -44.44 -17.89 0.12
N LEU A 185 -43.42 -17.35 0.81
CA LEU A 185 -42.04 -17.73 0.52
C LEU A 185 -41.74 -19.13 1.04
N ILE A 186 -42.34 -19.52 2.18
CA ILE A 186 -42.22 -20.86 2.72
C ILE A 186 -43.63 -21.41 2.98
N ASP A 187 -43.69 -22.71 3.23
CA ASP A 187 -44.94 -23.39 3.52
C ASP A 187 -45.17 -23.60 5.00
N GLU A 188 -44.12 -23.80 5.78
CA GLU A 188 -44.27 -24.14 7.18
C GLU A 188 -43.13 -23.54 7.99
N VAL A 189 -43.44 -23.06 9.19
CA VAL A 189 -42.43 -22.75 10.18
C VAL A 189 -42.17 -24.02 10.97
N MET A 190 -40.96 -24.57 10.84
CA MET A 190 -40.55 -25.81 11.50
C MET A 190 -40.42 -25.58 13.00
N GLU A 191 -41.37 -26.15 13.79
CA GLU A 191 -41.36 -26.04 15.25
C GLU A 191 -40.56 -27.18 15.87
N PRO A 192 -40.01 -26.98 17.07
CA PRO A 192 -39.19 -28.02 17.69
C PRO A 192 -39.96 -29.32 17.86
N GLU A 193 -39.35 -30.41 17.39
CA GLU A 193 -39.96 -31.74 17.46
C GLU A 193 -39.48 -32.49 18.70
N ILE B 4 -16.14 -29.20 -3.45
CA ILE B 4 -15.64 -29.63 -2.14
C ILE B 4 -16.06 -31.03 -1.63
N PRO B 5 -17.34 -31.40 -1.69
CA PRO B 5 -17.76 -32.64 -1.02
C PRO B 5 -17.11 -33.88 -1.60
N THR B 6 -17.03 -34.91 -0.76
CA THR B 6 -16.43 -36.19 -1.11
C THR B 6 -17.53 -37.25 -1.27
N VAL B 7 -17.36 -38.12 -2.25
CA VAL B 7 -18.33 -39.16 -2.59
C VAL B 7 -17.72 -40.52 -2.33
N ILE B 8 -18.45 -41.37 -1.61
CA ILE B 8 -18.02 -42.75 -1.36
C ILE B 8 -18.25 -43.60 -2.60
N GLU B 9 -17.40 -44.61 -2.76
CA GLU B 9 -17.48 -45.47 -3.94
C GLU B 9 -16.90 -46.85 -3.64
N ARG B 16 -13.30 -45.90 -4.51
CA ARG B 16 -12.44 -45.17 -3.58
C ARG B 16 -13.10 -43.87 -3.14
N ALA B 17 -12.28 -42.83 -2.99
CA ALA B 17 -12.75 -41.50 -2.58
C ALA B 17 -12.64 -40.55 -3.76
N TYR B 18 -13.71 -39.76 -3.98
CA TYR B 18 -13.75 -38.76 -5.03
C TYR B 18 -14.15 -37.42 -4.45
N ASP B 19 -13.82 -36.35 -5.17
CA ASP B 19 -14.54 -35.11 -4.98
C ASP B 19 -15.76 -35.14 -5.91
N ILE B 20 -16.68 -34.19 -5.70
CA ILE B 20 -17.94 -34.25 -6.45
C ILE B 20 -17.70 -34.16 -7.95
N TYR B 21 -16.66 -33.42 -8.37
CA TYR B 21 -16.39 -33.25 -9.79
C TYR B 21 -15.75 -34.50 -10.39
N SER B 22 -14.85 -35.15 -9.63
CA SER B 22 -14.27 -36.40 -10.11
C SER B 22 -15.31 -37.49 -10.23
N ARG B 23 -16.29 -37.51 -9.32
CA ARG B 23 -17.37 -38.48 -9.41
C ARG B 23 -18.21 -38.23 -10.66
N LEU B 24 -18.49 -36.96 -10.96
CA LEU B 24 -19.24 -36.65 -12.18
C LEU B 24 -18.42 -36.94 -13.41
N LEU B 25 -17.10 -36.79 -13.35
CA LEU B 25 -16.27 -37.12 -14.50
C LEU B 25 -16.37 -38.60 -14.85
N LYS B 26 -16.59 -39.46 -13.86
CA LYS B 26 -16.78 -40.89 -14.13
C LYS B 26 -18.00 -41.15 -15.00
N ASP B 27 -19.03 -40.30 -14.92
CA ASP B 27 -20.19 -40.37 -15.78
C ASP B 27 -20.05 -39.51 -17.03
N ARG B 28 -18.82 -39.13 -17.39
CA ARG B 28 -18.54 -38.36 -18.61
C ARG B 28 -19.15 -36.96 -18.55
N ILE B 29 -19.19 -36.37 -17.36
CA ILE B 29 -19.70 -35.01 -17.14
C ILE B 29 -18.54 -34.11 -16.74
N ILE B 30 -18.38 -33.01 -17.49
CA ILE B 30 -17.34 -32.02 -17.26
C ILE B 30 -18.02 -30.71 -16.86
N MET B 31 -17.54 -30.09 -15.78
CA MET B 31 -18.11 -28.85 -15.25
C MET B 31 -17.18 -27.70 -15.60
N LEU B 32 -17.67 -26.79 -16.44
CA LEU B 32 -16.98 -25.52 -16.70
C LEU B 32 -17.73 -24.44 -15.92
N GLY B 33 -17.21 -24.08 -14.75
CA GLY B 33 -17.91 -23.12 -13.91
C GLY B 33 -17.06 -21.98 -13.39
N SER B 34 -16.21 -21.42 -14.25
CA SER B 34 -15.33 -20.35 -13.85
C SER B 34 -14.92 -19.57 -15.09
N GLN B 35 -14.09 -18.54 -14.88
CA GLN B 35 -13.46 -17.87 -15.99
C GLN B 35 -12.64 -18.85 -16.81
N ILE B 36 -12.47 -18.54 -18.09
CA ILE B 36 -11.71 -19.38 -19.00
C ILE B 36 -10.29 -18.81 -19.07
N ASP B 37 -9.34 -19.50 -18.46
CA ASP B 37 -7.94 -19.14 -18.63
C ASP B 37 -7.16 -20.37 -19.10
N ASP B 38 -5.83 -20.25 -19.20
CA ASP B 38 -5.04 -21.38 -19.67
C ASP B 38 -5.15 -22.59 -18.76
N ASN B 39 -5.20 -22.37 -17.44
CA ASN B 39 -5.33 -23.49 -16.50
C ASN B 39 -6.67 -24.21 -16.66
N VAL B 40 -7.76 -23.45 -16.77
CA VAL B 40 -9.07 -24.05 -16.97
C VAL B 40 -9.11 -24.78 -18.30
N ALA B 41 -8.62 -24.14 -19.36
CA ALA B 41 -8.59 -24.80 -20.66
C ALA B 41 -7.73 -26.04 -20.62
N ASN B 42 -6.60 -25.98 -19.93
CA ASN B 42 -5.74 -27.15 -19.77
C ASN B 42 -6.49 -28.29 -19.10
N SER B 43 -7.29 -27.98 -18.06
CA SER B 43 -8.05 -29.00 -17.37
C SER B 43 -9.16 -29.58 -18.25
N ILE B 44 -9.91 -28.74 -18.96
CA ILE B 44 -11.01 -29.21 -19.79
C ILE B 44 -10.49 -30.10 -20.91
N VAL B 45 -9.44 -29.65 -21.58
CA VAL B 45 -8.86 -30.42 -22.68
C VAL B 45 -8.41 -31.79 -22.17
N SER B 46 -7.76 -31.83 -21.01
CA SER B 46 -7.30 -33.11 -20.47
C SER B 46 -8.47 -34.03 -20.16
N GLN B 47 -9.55 -33.49 -19.60
CA GLN B 47 -10.72 -34.32 -19.31
C GLN B 47 -11.37 -34.82 -20.58
N LEU B 48 -11.42 -33.99 -21.63
CA LEU B 48 -11.98 -34.42 -22.91
C LEU B 48 -11.13 -35.54 -23.52
N LEU B 49 -9.82 -35.34 -23.56
CA LEU B 49 -8.93 -36.38 -24.09
C LEU B 49 -9.04 -37.65 -23.27
N PHE B 50 -9.15 -37.51 -21.95
CA PHE B 50 -9.26 -38.69 -21.09
C PHE B 50 -10.56 -39.44 -21.38
N LEU B 51 -11.68 -38.73 -21.52
CA LEU B 51 -12.96 -39.39 -21.77
C LEU B 51 -13.00 -40.07 -23.13
N GLN B 52 -12.34 -39.49 -24.13
CA GLN B 52 -12.29 -40.12 -25.45
C GLN B 52 -11.50 -41.42 -25.41
N ALA B 53 -10.37 -41.42 -24.69
CA ALA B 53 -9.57 -42.62 -24.56
C ALA B 53 -10.33 -43.72 -23.83
N GLN B 54 -11.14 -43.34 -22.83
CA GLN B 54 -11.92 -44.33 -22.09
C GLN B 54 -13.01 -44.94 -22.95
N ASP B 55 -13.69 -44.14 -23.76
CA ASP B 55 -14.75 -44.63 -24.64
C ASP B 55 -14.95 -43.61 -25.75
N SER B 56 -14.68 -44.00 -26.99
CA SER B 56 -14.75 -43.07 -28.12
C SER B 56 -16.16 -42.90 -28.69
N GLU B 57 -17.17 -43.57 -28.16
CA GLU B 57 -18.53 -43.52 -28.70
C GLU B 57 -19.53 -42.81 -27.80
N LYS B 58 -19.52 -43.05 -26.49
CA LYS B 58 -20.52 -42.41 -25.64
C LYS B 58 -20.33 -40.90 -25.62
N ASP B 59 -21.46 -40.20 -25.49
CA ASP B 59 -21.45 -38.76 -25.44
C ASP B 59 -20.72 -38.24 -24.21
N ILE B 60 -20.25 -37.00 -24.32
CA ILE B 60 -19.67 -36.26 -23.22
C ILE B 60 -20.60 -35.10 -22.92
N TYR B 61 -20.75 -34.77 -21.64
CA TYR B 61 -21.66 -33.71 -21.22
C TYR B 61 -20.84 -32.59 -20.58
N LEU B 62 -20.87 -31.42 -21.20
CA LEU B 62 -20.12 -30.26 -20.74
C LEU B 62 -21.11 -29.21 -20.23
N TYR B 63 -21.19 -29.07 -18.91
CA TYR B 63 -21.98 -28.00 -18.32
C TYR B 63 -21.18 -26.71 -18.35
N ILE B 64 -21.84 -25.62 -18.72
CA ILE B 64 -21.18 -24.33 -18.92
C ILE B 64 -21.89 -23.29 -18.07
N ASN B 65 -21.16 -22.74 -17.09
CA ASN B 65 -21.56 -21.57 -16.32
C ASN B 65 -20.30 -20.71 -16.23
N SER B 66 -20.09 -19.86 -17.23
CA SER B 66 -18.84 -19.14 -17.39
C SER B 66 -19.08 -17.72 -17.88
N PRO B 67 -18.36 -16.74 -17.32
CA PRO B 67 -18.41 -15.38 -17.86
C PRO B 67 -17.50 -15.16 -19.05
N GLY B 68 -16.79 -16.19 -19.52
CA GLY B 68 -15.85 -16.04 -20.61
C GLY B 68 -14.42 -16.08 -20.14
N GLY B 69 -13.54 -15.47 -20.90
CA GLY B 69 -12.15 -15.39 -20.51
C GLY B 69 -11.26 -15.33 -21.75
N SER B 70 -10.11 -15.98 -21.65
CA SER B 70 -9.14 -15.92 -22.74
C SER B 70 -9.73 -16.55 -24.00
N VAL B 71 -9.59 -15.84 -25.12
CA VAL B 71 -10.11 -16.35 -26.39
C VAL B 71 -9.27 -17.54 -26.87
N THR B 72 -7.95 -17.45 -26.76
CA THR B 72 -7.11 -18.55 -27.21
C THR B 72 -7.30 -19.78 -26.33
N ALA B 73 -7.50 -19.57 -25.02
CA ALA B 73 -7.81 -20.70 -24.15
C ALA B 73 -9.14 -21.33 -24.53
N GLY B 74 -10.12 -20.50 -24.92
CA GLY B 74 -11.41 -21.03 -25.35
C GLY B 74 -11.30 -21.84 -26.62
N PHE B 75 -10.41 -21.43 -27.53
CA PHE B 75 -10.21 -22.19 -28.76
C PHE B 75 -9.49 -23.50 -28.49
N ALA B 76 -8.65 -23.54 -27.45
CA ALA B 76 -8.06 -24.83 -27.05
C ALA B 76 -9.16 -25.81 -26.69
N ILE B 77 -10.19 -25.34 -25.99
CA ILE B 77 -11.35 -26.17 -25.68
C ILE B 77 -12.16 -26.43 -26.95
N TYR B 78 -12.36 -25.39 -27.78
CA TYR B 78 -13.16 -25.52 -28.99
C TYR B 78 -12.61 -26.58 -29.92
N ASP B 79 -11.33 -26.46 -30.29
CA ASP B 79 -10.73 -27.38 -31.25
C ASP B 79 -10.71 -28.81 -30.72
N THR B 80 -10.53 -28.98 -29.41
CA THR B 80 -10.56 -30.33 -28.85
C THR B 80 -11.96 -30.93 -28.94
N ILE B 81 -13.01 -30.12 -28.72
CA ILE B 81 -14.36 -30.60 -28.91
C ILE B 81 -14.57 -31.10 -30.33
N GLN B 82 -14.15 -30.29 -31.31
CA GLN B 82 -14.37 -30.63 -32.71
C GLN B 82 -13.51 -31.80 -33.16
N HIS B 83 -12.37 -32.01 -32.49
CA HIS B 83 -11.41 -33.01 -32.96
C HIS B 83 -11.77 -34.41 -32.47
N ILE B 84 -12.22 -34.54 -31.22
CA ILE B 84 -12.48 -35.87 -30.69
C ILE B 84 -13.70 -36.49 -31.35
N LYS B 85 -13.79 -37.81 -31.28
CA LYS B 85 -14.87 -38.58 -31.89
C LYS B 85 -16.18 -38.47 -31.11
N PRO B 86 -16.19 -38.58 -29.78
CA PRO B 86 -17.47 -38.53 -29.07
C PRO B 86 -18.18 -37.19 -29.26
N ASP B 87 -19.52 -37.25 -29.31
CA ASP B 87 -20.30 -36.03 -29.26
C ASP B 87 -20.16 -35.38 -27.91
N VAL B 88 -20.01 -34.05 -27.91
CA VAL B 88 -19.95 -33.25 -26.69
C VAL B 88 -21.24 -32.46 -26.61
N GLN B 89 -22.10 -32.81 -25.66
CA GLN B 89 -23.29 -32.03 -25.38
C GLN B 89 -22.93 -30.84 -24.48
N THR B 90 -23.50 -29.68 -24.79
CA THR B 90 -23.28 -28.48 -24.01
C THR B 90 -24.58 -28.08 -23.33
N ILE B 91 -24.49 -27.80 -22.03
CA ILE B 91 -25.64 -27.42 -21.23
C ILE B 91 -25.29 -26.15 -20.48
N CYS B 92 -25.96 -25.06 -20.81
CA CYS B 92 -25.73 -23.78 -20.15
C CYS B 92 -26.64 -23.67 -18.93
N ILE B 93 -26.04 -23.49 -17.76
CA ILE B 93 -26.76 -23.21 -16.53
C ILE B 93 -26.27 -21.88 -16.01
N GLY B 94 -27.20 -21.02 -15.61
CA GLY B 94 -26.80 -19.70 -15.12
C GLY B 94 -26.39 -18.74 -16.23
N MET B 95 -25.14 -18.86 -16.71
CA MET B 95 -24.60 -17.88 -17.64
C MET B 95 -23.58 -18.51 -18.58
N ALA B 96 -23.71 -18.20 -19.87
CA ALA B 96 -22.67 -18.47 -20.86
C ALA B 96 -22.42 -17.13 -21.56
N ALA B 97 -21.34 -16.46 -21.19
CA ALA B 97 -21.03 -15.15 -21.73
C ALA B 97 -19.71 -15.21 -22.48
N SER B 98 -19.62 -14.43 -23.57
CA SER B 98 -18.40 -14.22 -24.34
C SER B 98 -17.91 -15.58 -24.83
N MET B 99 -16.67 -15.98 -24.54
CA MET B 99 -16.16 -17.29 -24.96
C MET B 99 -17.03 -18.41 -24.39
N GLY B 100 -17.74 -18.17 -23.29
CA GLY B 100 -18.63 -19.18 -22.75
C GLY B 100 -19.81 -19.46 -23.68
N SER B 101 -20.40 -18.41 -24.26
CA SER B 101 -21.46 -18.62 -25.24
C SER B 101 -20.90 -19.20 -26.53
N PHE B 102 -19.64 -18.92 -26.84
CA PHE B 102 -18.99 -19.51 -28.01
C PHE B 102 -18.84 -21.01 -27.83
N LEU B 103 -18.37 -21.45 -26.66
CA LEU B 103 -18.25 -22.89 -26.40
C LEU B 103 -19.61 -23.56 -26.28
N LEU B 104 -20.63 -22.85 -25.77
CA LEU B 104 -21.97 -23.41 -25.75
C LEU B 104 -22.44 -23.74 -27.16
N ALA B 105 -22.20 -22.82 -28.11
CA ALA B 105 -22.56 -23.04 -29.51
C ALA B 105 -21.68 -24.08 -30.18
N ALA B 106 -20.60 -24.51 -29.53
CA ALA B 106 -19.67 -25.47 -30.10
C ALA B 106 -20.06 -26.92 -29.88
N GLY B 107 -21.10 -27.17 -29.10
CA GLY B 107 -21.52 -28.54 -28.86
C GLY B 107 -22.04 -29.19 -30.13
N ALA B 108 -22.23 -30.51 -30.04
CA ALA B 108 -22.75 -31.27 -31.15
C ALA B 108 -24.11 -30.74 -31.60
N LYS B 109 -24.28 -30.58 -32.90
CA LYS B 109 -25.55 -30.09 -33.43
C LYS B 109 -26.69 -30.99 -32.99
N GLY B 110 -27.75 -30.38 -32.43
CA GLY B 110 -28.85 -31.11 -31.84
C GLY B 110 -28.69 -31.42 -30.37
N LYS B 111 -27.49 -31.22 -29.80
CA LYS B 111 -27.23 -31.56 -28.41
C LYS B 111 -26.66 -30.36 -27.63
N ARG B 112 -27.09 -29.15 -28.00
CA ARG B 112 -26.71 -27.93 -27.30
C ARG B 112 -27.93 -27.42 -26.55
N PHE B 113 -27.81 -27.27 -25.24
CA PHE B 113 -28.96 -26.97 -24.39
C PHE B 113 -28.68 -25.80 -23.47
N ALA B 114 -29.77 -25.21 -22.98
CA ALA B 114 -29.74 -24.24 -21.89
C ALA B 114 -30.98 -24.42 -21.04
N LEU B 115 -30.81 -24.27 -19.74
CA LEU B 115 -31.92 -24.34 -18.81
C LEU B 115 -32.79 -23.11 -18.97
N PRO B 116 -34.06 -23.17 -18.54
CA PRO B 116 -35.02 -22.11 -18.95
C PRO B 116 -34.61 -20.71 -18.58
N ASN B 117 -33.94 -20.52 -17.44
CA ASN B 117 -33.56 -19.20 -16.98
C ASN B 117 -32.08 -18.91 -17.16
N ALA B 118 -31.34 -19.77 -17.86
CA ALA B 118 -29.94 -19.50 -18.16
C ALA B 118 -29.81 -18.27 -19.06
N GLU B 119 -28.66 -17.61 -18.97
CA GLU B 119 -28.40 -16.38 -19.69
C GLU B 119 -27.27 -16.59 -20.69
N VAL B 120 -27.40 -15.99 -21.86
CA VAL B 120 -26.41 -16.06 -22.92
C VAL B 120 -26.08 -14.64 -23.36
N MET B 121 -24.79 -14.31 -23.39
CA MET B 121 -24.35 -12.99 -23.81
C MET B 121 -23.27 -13.15 -24.86
N ILE B 122 -23.39 -12.38 -25.94
CA ILE B 122 -22.42 -12.36 -27.02
C ILE B 122 -21.95 -10.93 -27.21
N HIS B 123 -20.65 -10.77 -27.50
CA HIS B 123 -20.08 -9.46 -27.77
C HIS B 123 -18.75 -9.67 -28.48
N GLN B 124 -18.17 -8.57 -28.94
CA GLN B 124 -16.89 -8.65 -29.62
C GLN B 124 -15.74 -8.79 -28.62
N PRO B 125 -14.61 -9.36 -29.02
CA PRO B 125 -13.52 -9.61 -28.07
C PRO B 125 -12.91 -8.32 -27.54
N LEU B 126 -12.31 -8.45 -26.36
CA LEU B 126 -11.68 -7.34 -25.63
C LEU B 126 -10.18 -7.54 -25.59
N GLY B 127 -9.44 -6.43 -25.52
CA GLY B 127 -8.00 -6.53 -25.47
C GLY B 127 -7.36 -5.20 -25.15
N GLY B 128 -6.04 -5.17 -25.28
CA GLY B 128 -5.29 -3.97 -24.99
C GLY B 128 -4.01 -3.95 -25.80
N ALA B 129 -3.44 -2.74 -25.90
CA ALA B 129 -2.21 -2.55 -26.67
C ALA B 129 -1.47 -1.35 -26.11
N GLN B 130 -0.15 -1.45 -26.08
CA GLN B 130 0.68 -0.38 -25.54
C GLN B 130 2.00 -0.33 -26.29
N GLY B 131 2.50 0.88 -26.53
CA GLY B 131 3.82 1.04 -27.12
C GLY B 131 3.84 1.88 -28.37
N GLN B 132 4.75 1.54 -29.27
CA GLN B 132 4.92 2.29 -30.51
C GLN B 132 3.70 2.11 -31.40
N ALA B 133 3.55 3.05 -32.35
CA ALA B 133 2.43 3.01 -33.28
C ALA B 133 2.38 1.69 -34.06
N THR B 134 3.54 1.20 -34.50
CA THR B 134 3.57 -0.08 -35.21
C THR B 134 3.09 -1.22 -34.32
N GLU B 135 3.47 -1.20 -33.05
CA GLU B 135 3.06 -2.26 -32.13
C GLU B 135 1.56 -2.21 -31.90
N ILE B 136 0.98 -1.01 -31.78
CA ILE B 136 -0.46 -0.90 -31.63
C ILE B 136 -1.17 -1.34 -32.90
N GLU B 137 -0.58 -1.05 -34.06
CA GLU B 137 -1.18 -1.52 -35.32
C GLU B 137 -1.18 -3.04 -35.39
N ILE B 138 -0.09 -3.67 -34.97
CA ILE B 138 -0.02 -5.12 -34.98
C ILE B 138 -1.09 -5.72 -34.06
N ALA B 139 -1.23 -5.16 -32.86
CA ALA B 139 -2.23 -5.67 -31.93
C ALA B 139 -3.64 -5.42 -32.44
N ALA B 140 -3.88 -4.29 -33.08
CA ALA B 140 -5.20 -4.02 -33.63
C ALA B 140 -5.55 -5.01 -34.74
N ASN B 141 -4.60 -5.27 -35.63
CA ASN B 141 -4.83 -6.23 -36.70
C ASN B 141 -5.10 -7.61 -36.13
N HIS B 142 -4.38 -7.99 -35.07
CA HIS B 142 -4.55 -9.33 -34.50
C HIS B 142 -5.94 -9.50 -33.90
N ILE B 143 -6.39 -8.53 -33.09
CA ILE B 143 -7.70 -8.71 -32.48
C ILE B 143 -8.82 -8.56 -33.51
N LEU B 144 -8.61 -7.77 -34.56
CA LEU B 144 -9.62 -7.67 -35.62
C LEU B 144 -9.74 -8.99 -36.38
N LYS B 145 -8.61 -9.63 -36.67
CA LYS B 145 -8.63 -10.95 -37.28
C LYS B 145 -9.17 -12.01 -36.31
N THR B 146 -8.94 -11.83 -35.01
CA THR B 146 -9.51 -12.77 -34.05
C THR B 146 -11.03 -12.68 -34.04
N ARG B 147 -11.59 -11.47 -34.13
CA ARG B 147 -13.04 -11.32 -34.19
C ARG B 147 -13.62 -11.94 -35.46
N GLU B 148 -12.97 -11.74 -36.59
CA GLU B 148 -13.47 -12.32 -37.83
C GLU B 148 -13.47 -13.84 -37.77
N LYS B 149 -12.44 -14.43 -37.17
CA LYS B 149 -12.43 -15.87 -36.97
C LYS B 149 -13.58 -16.31 -36.06
N LEU B 150 -13.81 -15.55 -34.98
CA LEU B 150 -14.90 -15.87 -34.08
C LEU B 150 -16.24 -15.74 -34.79
N ASN B 151 -16.43 -14.66 -35.54
CA ASN B 151 -17.69 -14.42 -36.23
C ASN B 151 -17.90 -15.44 -37.35
N ARG B 152 -16.82 -15.83 -38.04
CA ARG B 152 -16.91 -16.84 -39.09
C ARG B 152 -17.45 -18.15 -38.52
N ILE B 153 -16.86 -18.63 -37.42
CA ILE B 153 -17.31 -19.89 -36.81
C ILE B 153 -18.71 -19.74 -36.23
N LEU B 154 -18.99 -18.63 -35.54
CA LEU B 154 -20.33 -18.40 -34.98
C LEU B 154 -21.41 -18.42 -36.05
N SER B 155 -21.10 -17.87 -37.24
CA SER B 155 -22.08 -17.91 -38.33
C SER B 155 -22.36 -19.35 -38.76
N GLU B 156 -21.31 -20.16 -38.84
CA GLU B 156 -21.44 -21.54 -39.28
C GLU B 156 -22.20 -22.39 -38.27
N ARG B 157 -22.09 -22.08 -36.98
CA ARG B 157 -22.72 -22.90 -35.96
C ARG B 157 -24.12 -22.43 -35.58
N THR B 158 -24.49 -21.18 -35.91
CA THR B 158 -25.83 -20.71 -35.60
C THR B 158 -26.73 -20.61 -36.82
N GLY B 159 -26.17 -20.56 -38.03
CA GLY B 159 -26.95 -20.32 -39.22
C GLY B 159 -27.17 -18.85 -39.55
N GLN B 160 -26.75 -17.93 -38.68
CA GLN B 160 -26.86 -16.50 -38.98
C GLN B 160 -25.73 -16.08 -39.92
N SER B 161 -25.98 -15.00 -40.66
CA SER B 161 -24.95 -14.48 -41.56
C SER B 161 -23.82 -13.81 -40.78
N ILE B 162 -22.68 -13.70 -41.45
CA ILE B 162 -21.50 -13.08 -40.83
C ILE B 162 -21.77 -11.62 -40.54
N GLU B 163 -22.48 -10.93 -41.44
CA GLU B 163 -22.80 -9.52 -41.23
C GLU B 163 -23.74 -9.34 -40.04
N LYS B 164 -24.68 -10.26 -39.86
CA LYS B 164 -25.55 -10.19 -38.69
C LYS B 164 -24.80 -10.45 -37.39
N ILE B 165 -23.90 -11.42 -37.39
CA ILE B 165 -23.09 -11.68 -36.20
C ILE B 165 -22.30 -10.44 -35.82
N GLN B 166 -21.71 -9.78 -36.81
CA GLN B 166 -20.94 -8.56 -36.58
C GLN B 166 -21.78 -7.49 -35.91
N GLN B 167 -23.01 -7.30 -36.40
CA GLN B 167 -23.86 -6.25 -35.86
C GLN B 167 -24.38 -6.62 -34.48
N ASP B 168 -24.69 -7.90 -34.25
CA ASP B 168 -25.26 -8.32 -32.98
C ASP B 168 -24.22 -8.44 -31.88
N THR B 169 -22.94 -8.41 -32.21
CA THR B 169 -21.88 -8.49 -31.21
C THR B 169 -21.13 -7.18 -31.05
N ASP B 170 -21.55 -6.12 -31.74
CA ASP B 170 -20.87 -4.83 -31.63
C ASP B 170 -20.88 -4.32 -30.19
N ARG B 171 -21.95 -4.60 -29.46
CA ARG B 171 -22.09 -4.27 -28.06
C ARG B 171 -22.56 -5.52 -27.32
N ASP B 172 -22.57 -5.44 -25.99
CA ASP B 172 -23.09 -6.53 -25.17
C ASP B 172 -24.51 -6.89 -25.58
N ASN B 173 -24.73 -8.13 -25.97
CA ASN B 173 -26.03 -8.61 -26.44
C ASN B 173 -26.49 -9.75 -25.53
N PHE B 174 -27.45 -9.46 -24.66
CA PHE B 174 -27.96 -10.44 -23.70
C PHE B 174 -29.15 -11.17 -24.30
N LEU B 175 -29.14 -12.49 -24.20
CA LEU B 175 -30.20 -13.33 -24.75
C LEU B 175 -30.74 -14.25 -23.67
N THR B 176 -32.06 -14.42 -23.62
CA THR B 176 -32.65 -15.47 -22.81
C THR B 176 -32.38 -16.83 -23.45
N ALA B 177 -32.70 -17.90 -22.72
CA ALA B 177 -32.53 -19.24 -23.27
C ALA B 177 -33.37 -19.42 -24.53
N ALA B 178 -34.62 -18.96 -24.51
CA ALA B 178 -35.48 -19.09 -25.69
C ALA B 178 -34.93 -18.29 -26.86
N GLU B 179 -34.46 -17.07 -26.60
CA GLU B 179 -33.86 -16.27 -27.67
C GLU B 179 -32.60 -16.92 -28.21
N ALA B 180 -31.83 -17.59 -27.34
CA ALA B 180 -30.62 -18.27 -27.81
C ALA B 180 -30.95 -19.41 -28.76
N LYS B 181 -32.06 -20.11 -28.52
CA LYS B 181 -32.50 -21.14 -29.46
C LYS B 181 -32.94 -20.51 -30.78
N GLU B 182 -33.69 -19.42 -30.71
CA GLU B 182 -34.08 -18.67 -31.91
C GLU B 182 -32.85 -18.20 -32.68
N TYR B 183 -31.81 -17.80 -31.95
CA TYR B 183 -30.61 -17.28 -32.61
C TYR B 183 -29.82 -18.41 -33.26
N GLY B 184 -29.96 -19.63 -32.75
CA GLY B 184 -29.17 -20.74 -33.22
C GLY B 184 -27.97 -21.07 -32.35
N LEU B 185 -27.83 -20.41 -31.20
CA LEU B 185 -26.72 -20.72 -30.30
C LEU B 185 -26.92 -22.05 -29.60
N ILE B 186 -28.17 -22.41 -29.30
CA ILE B 186 -28.52 -23.70 -28.73
C ILE B 186 -29.57 -24.35 -29.61
N ASP B 187 -29.85 -25.62 -29.33
CA ASP B 187 -30.86 -26.34 -30.09
C ASP B 187 -32.19 -26.43 -29.35
N GLU B 188 -32.17 -26.57 -28.03
CA GLU B 188 -33.38 -26.80 -27.27
C GLU B 188 -33.24 -26.15 -25.90
N VAL B 189 -34.35 -25.61 -25.39
CA VAL B 189 -34.42 -25.17 -24.00
C VAL B 189 -34.85 -26.36 -23.15
N MET B 190 -33.96 -26.82 -22.26
CA MET B 190 -34.22 -27.97 -21.41
C MET B 190 -35.29 -27.63 -20.37
N GLU B 191 -36.51 -28.22 -20.54
CA GLU B 191 -37.67 -28.01 -19.67
C GLU B 191 -37.69 -29.04 -18.52
N PRO B 192 -38.33 -28.68 -17.39
CA PRO B 192 -38.36 -29.58 -16.23
C PRO B 192 -38.94 -30.94 -16.51
N GLU B 193 -38.09 -31.96 -16.48
CA GLU B 193 -38.54 -33.33 -16.66
C GLU B 193 -39.27 -33.83 -15.42
N ILE C 4 -7.42 -30.51 -11.83
CA ILE C 4 -8.08 -30.75 -10.55
C ILE C 4 -8.75 -32.13 -10.37
N PRO C 5 -9.51 -32.63 -11.35
CA PRO C 5 -10.30 -33.84 -11.10
C PRO C 5 -9.41 -35.04 -10.81
N THR C 6 -9.99 -35.98 -10.06
CA THR C 6 -9.30 -37.20 -9.65
C THR C 6 -9.84 -38.37 -10.45
N VAL C 7 -8.94 -39.28 -10.87
CA VAL C 7 -9.35 -40.47 -11.60
C VAL C 7 -9.04 -41.74 -10.81
N ARG C 16 -4.94 -46.63 -8.08
CA ARG C 16 -4.87 -45.60 -7.06
C ARG C 16 -5.56 -44.31 -7.53
N ALA C 17 -5.33 -43.23 -6.78
CA ALA C 17 -5.92 -41.93 -7.07
C ALA C 17 -4.89 -41.07 -7.80
N TYR C 18 -5.25 -40.60 -8.99
CA TYR C 18 -4.41 -39.73 -9.81
C TYR C 18 -5.18 -38.45 -10.08
N ASP C 19 -4.44 -37.39 -10.42
CA ASP C 19 -5.11 -36.28 -11.08
C ASP C 19 -5.12 -36.50 -12.58
N ILE C 20 -5.88 -35.66 -13.29
CA ILE C 20 -6.10 -35.89 -14.71
C ILE C 20 -4.79 -35.85 -15.49
N TYR C 21 -3.81 -35.07 -15.02
CA TYR C 21 -2.54 -34.95 -15.72
C TYR C 21 -1.67 -36.19 -15.52
N SER C 22 -1.71 -36.78 -14.32
CA SER C 22 -1.01 -38.04 -14.10
C SER C 22 -1.62 -39.15 -14.95
N ARG C 23 -2.94 -39.12 -15.12
CA ARG C 23 -3.59 -40.10 -15.98
C ARG C 23 -3.13 -39.97 -17.42
N LEU C 24 -2.99 -38.74 -17.92
CA LEU C 24 -2.49 -38.55 -19.27
C LEU C 24 -1.02 -38.92 -19.37
N LEU C 25 -0.25 -38.71 -18.29
CA LEU C 25 1.16 -39.05 -18.30
C LEU C 25 1.39 -40.55 -18.47
N LYS C 26 0.45 -41.38 -17.97
CA LYS C 26 0.54 -42.82 -18.18
C LYS C 26 0.44 -43.17 -19.66
N ASP C 27 -0.29 -42.38 -20.44
CA ASP C 27 -0.37 -42.55 -21.89
C ASP C 27 0.70 -41.76 -22.64
N ARG C 28 1.77 -41.36 -21.96
CA ARG C 28 2.90 -40.64 -22.57
C ARG C 28 2.48 -39.30 -23.14
N ILE C 29 1.53 -38.63 -22.49
CA ILE C 29 1.06 -37.31 -22.87
C ILE C 29 1.47 -36.33 -21.79
N ILE C 30 2.14 -35.26 -22.20
CA ILE C 30 2.61 -34.20 -21.30
C ILE C 30 1.87 -32.92 -21.67
N MET C 31 1.35 -32.22 -20.66
CA MET C 31 0.57 -31.00 -20.88
C MET C 31 1.43 -29.79 -20.50
N LEU C 32 1.78 -28.99 -21.49
CA LEU C 32 2.40 -27.68 -21.26
C LEU C 32 1.32 -26.63 -21.50
N GLY C 33 0.70 -26.17 -20.41
CA GLY C 33 -0.41 -25.24 -20.54
C GLY C 33 -0.25 -24.03 -19.64
N SER C 34 0.96 -23.49 -19.56
CA SER C 34 1.23 -22.33 -18.74
C SER C 34 2.48 -21.65 -19.27
N GLN C 35 2.84 -20.53 -18.66
CA GLN C 35 4.09 -19.87 -18.99
C GLN C 35 5.27 -20.76 -18.64
N ILE C 36 6.39 -20.53 -19.32
CA ILE C 36 7.59 -21.33 -19.18
C ILE C 36 8.53 -20.64 -18.19
N ASP C 37 8.69 -21.22 -17.01
CA ASP C 37 9.69 -20.77 -16.06
C ASP C 37 10.53 -21.97 -15.62
N ASP C 38 11.44 -21.75 -14.66
CA ASP C 38 12.29 -22.85 -14.22
C ASP C 38 11.48 -23.99 -13.62
N ASN C 39 10.42 -23.67 -12.89
CA ASN C 39 9.59 -24.71 -12.27
C ASN C 39 8.90 -25.55 -13.34
N VAL C 40 8.31 -24.90 -14.34
CA VAL C 40 7.64 -25.63 -15.41
C VAL C 40 8.65 -26.48 -16.18
N ALA C 41 9.80 -25.91 -16.51
CA ALA C 41 10.84 -26.67 -17.21
C ALA C 41 11.30 -27.86 -16.37
N ASN C 42 11.39 -27.70 -15.05
CA ASN C 42 11.72 -28.84 -14.19
C ASN C 42 10.70 -29.96 -14.37
N SER C 43 9.42 -29.62 -14.38
CA SER C 43 8.39 -30.64 -14.46
C SER C 43 8.42 -31.36 -15.81
N ILE C 44 8.51 -30.58 -16.90
CA ILE C 44 8.50 -31.15 -18.24
C ILE C 44 9.71 -32.05 -18.47
N VAL C 45 10.90 -31.55 -18.11
CA VAL C 45 12.12 -32.33 -18.29
C VAL C 45 12.06 -33.62 -17.49
N SER C 46 11.57 -33.55 -16.26
CA SER C 46 11.47 -34.77 -15.45
C SER C 46 10.49 -35.76 -16.07
N GLN C 47 9.40 -35.27 -16.64
CA GLN C 47 8.44 -36.16 -17.28
C GLN C 47 9.04 -36.79 -18.54
N LEU C 48 9.82 -36.02 -19.28
CA LEU C 48 10.48 -36.55 -20.47
C LEU C 48 11.49 -37.63 -20.10
N LEU C 49 12.32 -37.37 -19.11
CA LEU C 49 13.28 -38.38 -18.65
C LEU C 49 12.54 -39.59 -18.11
N PHE C 50 11.43 -39.38 -17.40
CA PHE C 50 10.66 -40.50 -16.86
C PHE C 50 10.06 -41.36 -17.97
N LEU C 51 9.48 -40.73 -19.00
CA LEU C 51 8.85 -41.49 -20.07
C LEU C 51 9.88 -42.27 -20.90
N GLN C 52 11.08 -41.72 -21.08
CA GLN C 52 12.12 -42.44 -21.79
C GLN C 52 12.58 -43.66 -20.99
N ALA C 53 12.71 -43.52 -19.68
CA ALA C 53 13.13 -44.66 -18.85
C ALA C 53 12.11 -45.78 -18.88
N GLN C 54 10.82 -45.44 -18.88
CA GLN C 54 9.78 -46.47 -18.99
C GLN C 54 9.80 -47.14 -20.36
N ASP C 55 9.96 -46.36 -21.43
CA ASP C 55 10.00 -46.93 -22.77
C ASP C 55 10.66 -45.92 -23.68
N SER C 56 11.83 -46.28 -24.22
CA SER C 56 12.58 -45.41 -25.10
C SER C 56 12.12 -45.49 -26.54
N GLU C 57 11.09 -46.28 -26.83
CA GLU C 57 10.66 -46.51 -28.21
C GLU C 57 9.37 -45.80 -28.56
N LYS C 58 8.37 -45.86 -27.68
CA LYS C 58 7.08 -45.24 -27.99
C LYS C 58 7.19 -43.72 -28.02
N ASP C 59 6.41 -43.10 -28.90
CA ASP C 59 6.41 -41.65 -29.02
C ASP C 59 5.92 -40.99 -27.74
N ILE C 60 6.30 -39.72 -27.58
CA ILE C 60 5.82 -38.87 -26.50
C ILE C 60 5.00 -37.76 -27.14
N TYR C 61 3.90 -37.38 -26.48
CA TYR C 61 2.97 -36.37 -27.00
C TYR C 61 2.99 -35.16 -26.08
N LEU C 62 3.46 -34.03 -26.59
CA LEU C 62 3.58 -32.78 -25.84
C LEU C 62 2.56 -31.77 -26.37
N TYR C 63 1.49 -31.57 -25.60
CA TYR C 63 0.53 -30.52 -25.93
C TYR C 63 1.04 -29.18 -25.43
N ILE C 64 0.92 -28.15 -26.26
CA ILE C 64 1.51 -26.85 -25.99
C ILE C 64 0.41 -25.79 -26.06
N ASN C 65 0.15 -25.14 -24.93
CA ASN C 65 -0.68 -23.95 -24.85
C ASN C 65 0.07 -22.99 -23.93
N SER C 66 0.97 -22.20 -24.50
CA SER C 66 1.86 -21.41 -23.68
C SER C 66 2.11 -20.05 -24.31
N PRO C 67 2.08 -18.97 -23.52
CA PRO C 67 2.46 -17.66 -24.05
C PRO C 67 3.97 -17.44 -24.10
N GLY C 68 4.77 -18.45 -23.72
CA GLY C 68 6.20 -18.31 -23.71
C GLY C 68 6.76 -18.22 -22.30
N GLY C 69 7.91 -17.61 -22.17
CA GLY C 69 8.50 -17.42 -20.86
C GLY C 69 10.02 -17.38 -20.96
N SER C 70 10.66 -17.97 -19.96
CA SER C 70 12.12 -17.93 -19.86
C SER C 70 12.76 -18.67 -21.03
N VAL C 71 13.74 -18.02 -21.66
CA VAL C 71 14.44 -18.65 -22.79
C VAL C 71 15.29 -19.82 -22.31
N THR C 72 16.03 -19.63 -21.21
CA THR C 72 16.88 -20.69 -20.70
C THR C 72 16.07 -21.87 -20.18
N ALA C 73 14.93 -21.59 -19.53
CA ALA C 73 14.05 -22.68 -19.12
C ALA C 73 13.50 -23.40 -20.34
N GLY C 74 13.18 -22.66 -21.41
CA GLY C 74 12.73 -23.29 -22.64
C GLY C 74 13.80 -24.12 -23.30
N PHE C 75 15.07 -23.70 -23.21
CA PHE C 75 16.15 -24.51 -23.76
C PHE C 75 16.40 -25.76 -22.93
N ALA C 76 16.07 -25.73 -21.63
CA ALA C 76 16.11 -26.96 -20.84
C ALA C 76 15.16 -28.00 -21.41
N ILE C 77 13.96 -27.57 -21.79
CA ILE C 77 13.02 -28.48 -22.43
C ILE C 77 13.51 -28.84 -23.83
N TYR C 78 13.98 -27.84 -24.59
CA TYR C 78 14.43 -28.07 -25.95
C TYR C 78 15.54 -29.12 -26.01
N ASP C 79 16.60 -28.92 -25.24
CA ASP C 79 17.73 -29.85 -25.28
C ASP C 79 17.33 -31.23 -24.78
N THR C 80 16.42 -31.31 -23.80
CA THR C 80 15.97 -32.62 -23.34
C THR C 80 15.19 -33.34 -24.42
N ILE C 81 14.35 -32.59 -25.15
CA ILE C 81 13.64 -33.20 -26.27
C ILE C 81 14.62 -33.77 -27.28
N GLN C 82 15.64 -32.99 -27.64
CA GLN C 82 16.59 -33.43 -28.65
C GLN C 82 17.43 -34.60 -28.16
N HIS C 83 17.62 -34.70 -26.84
CA HIS C 83 18.56 -35.68 -26.32
C HIS C 83 17.92 -37.06 -26.15
N ILE C 84 16.69 -37.12 -25.67
CA ILE C 84 16.09 -38.41 -25.37
C ILE C 84 15.83 -39.18 -26.67
N LYS C 85 15.72 -40.49 -26.54
CA LYS C 85 15.55 -41.35 -27.71
C LYS C 85 14.15 -41.28 -28.32
N PRO C 86 13.06 -41.32 -27.52
CA PRO C 86 11.73 -41.31 -28.13
C PRO C 86 11.48 -40.01 -28.89
N ASP C 87 10.73 -40.13 -29.98
CA ASP C 87 10.23 -38.96 -30.69
C ASP C 87 9.23 -38.21 -29.82
N VAL C 88 9.32 -36.88 -29.84
CA VAL C 88 8.38 -36.04 -29.12
C VAL C 88 7.50 -35.32 -30.14
N GLN C 89 6.22 -35.66 -30.18
CA GLN C 89 5.27 -34.94 -31.00
C GLN C 89 4.81 -33.70 -30.24
N THR C 90 4.70 -32.58 -30.96
CA THR C 90 4.22 -31.33 -30.39
C THR C 90 2.88 -30.97 -31.02
N ILE C 91 1.91 -30.63 -30.19
CA ILE C 91 0.56 -30.30 -30.61
C ILE C 91 0.20 -28.96 -29.98
N CYS C 92 0.02 -27.94 -30.81
CA CYS C 92 -0.34 -26.61 -30.33
C CYS C 92 -1.85 -26.51 -30.22
N ILE C 93 -2.33 -26.21 -29.02
CA ILE C 93 -3.74 -25.96 -28.76
C ILE C 93 -3.86 -24.55 -28.21
N GLY C 94 -4.81 -23.78 -28.75
CA GLY C 94 -4.98 -22.42 -28.30
C GLY C 94 -3.90 -21.48 -28.79
N MET C 95 -2.74 -21.47 -28.13
CA MET C 95 -1.71 -20.49 -28.43
C MET C 95 -0.33 -21.06 -28.13
N ALA C 96 0.60 -20.86 -29.06
CA ALA C 96 2.02 -21.11 -28.82
C ALA C 96 2.75 -19.83 -29.21
N ALA C 97 3.13 -19.03 -28.21
CA ALA C 97 3.76 -17.75 -28.44
C ALA C 97 5.16 -17.75 -27.86
N SER C 98 6.07 -17.05 -28.54
CA SER C 98 7.43 -16.79 -28.07
C SER C 98 8.13 -18.12 -27.81
N MET C 99 8.66 -18.38 -26.61
CA MET C 99 9.34 -19.64 -26.36
C MET C 99 8.42 -20.83 -26.59
N GLY C 100 7.11 -20.62 -26.46
CA GLY C 100 6.17 -21.69 -26.73
C GLY C 100 6.16 -22.12 -28.18
N SER C 101 6.22 -21.14 -29.11
CA SER C 101 6.31 -21.49 -30.51
C SER C 101 7.68 -22.08 -30.87
N PHE C 102 8.71 -21.73 -30.11
CA PHE C 102 10.01 -22.35 -30.30
C PHE C 102 9.95 -23.85 -29.98
N LEU C 103 9.32 -24.20 -28.86
CA LEU C 103 9.18 -25.60 -28.49
C LEU C 103 8.24 -26.34 -29.43
N LEU C 104 7.22 -25.65 -29.95
CA LEU C 104 6.34 -26.26 -30.95
C LEU C 104 7.15 -26.72 -32.16
N ALA C 105 8.05 -25.86 -32.65
CA ALA C 105 8.91 -26.21 -33.77
C ALA C 105 9.98 -27.22 -33.40
N ALA C 106 10.15 -27.52 -32.11
CA ALA C 106 11.18 -28.44 -31.65
C ALA C 106 10.74 -29.90 -31.70
N GLY C 107 9.49 -30.18 -32.00
CA GLY C 107 9.02 -31.56 -32.06
C GLY C 107 9.70 -32.32 -33.18
N ALA C 108 9.50 -33.64 -33.13
CA ALA C 108 10.05 -34.51 -34.17
C ALA C 108 9.55 -34.09 -35.55
N LYS C 109 10.48 -33.96 -36.49
CA LYS C 109 10.12 -33.56 -37.85
C LYS C 109 9.09 -34.52 -38.43
N GLY C 110 8.02 -33.97 -38.99
CA GLY C 110 6.89 -34.75 -39.45
C GLY C 110 5.81 -34.94 -38.41
N LYS C 111 6.09 -34.64 -37.14
CA LYS C 111 5.15 -34.87 -36.05
C LYS C 111 4.90 -33.59 -35.26
N ARG C 112 4.93 -32.44 -35.92
CA ARG C 112 4.61 -31.15 -35.32
C ARG C 112 3.27 -30.69 -35.85
N PHE C 113 2.32 -30.48 -34.95
CA PHE C 113 0.92 -30.25 -35.32
C PHE C 113 0.38 -29.00 -34.64
N ALA C 114 -0.69 -28.46 -35.22
CA ALA C 114 -1.47 -27.42 -34.58
C ALA C 114 -2.92 -27.63 -34.97
N LEU C 115 -3.81 -27.40 -34.00
CA LEU C 115 -5.23 -27.51 -34.27
C LEU C 115 -5.69 -26.33 -35.14
N PRO C 116 -6.80 -26.48 -35.86
CA PRO C 116 -7.14 -25.51 -36.91
C PRO C 116 -7.22 -24.06 -36.45
N ASN C 117 -7.72 -23.81 -35.24
CA ASN C 117 -7.88 -22.44 -34.74
C ASN C 117 -6.82 -22.04 -33.73
N ALA C 118 -5.80 -22.87 -33.53
CA ALA C 118 -4.67 -22.51 -32.69
C ALA C 118 -3.90 -21.36 -33.33
N GLU C 119 -3.21 -20.59 -32.50
CA GLU C 119 -2.44 -19.42 -32.94
C GLU C 119 -0.98 -19.60 -32.59
N VAL C 120 -0.10 -19.14 -33.46
CA VAL C 120 1.34 -19.21 -33.26
C VAL C 120 1.92 -17.80 -33.41
N MET C 121 2.70 -17.37 -32.43
CA MET C 121 3.30 -16.05 -32.45
C MET C 121 4.80 -16.15 -32.22
N ILE C 122 5.57 -15.44 -33.04
CA ILE C 122 7.03 -15.40 -32.93
C ILE C 122 7.49 -13.97 -32.80
N HIS C 123 8.52 -13.75 -31.98
CA HIS C 123 9.10 -12.42 -31.84
C HIS C 123 10.49 -12.56 -31.23
N GLN C 124 11.20 -11.46 -31.18
CA GLN C 124 12.54 -11.53 -30.61
C GLN C 124 12.47 -11.54 -29.08
N PRO C 125 13.48 -12.10 -28.43
CA PRO C 125 13.43 -12.22 -26.96
C PRO C 125 13.46 -10.88 -26.26
N LEU C 126 12.92 -10.87 -25.04
CA LEU C 126 12.86 -9.69 -24.20
C LEU C 126 13.80 -9.83 -23.02
N GLY C 127 14.27 -8.68 -22.53
CA GLY C 127 15.18 -8.69 -21.40
C GLY C 127 15.33 -7.32 -20.81
N GLY C 128 16.31 -7.18 -19.92
CA GLY C 128 16.55 -5.92 -19.25
C GLY C 128 18.01 -5.78 -18.86
N ALA C 129 18.40 -4.54 -18.56
CA ALA C 129 19.76 -4.23 -18.16
C ALA C 129 19.77 -2.97 -17.32
N GLN C 130 20.61 -2.97 -16.29
CA GLN C 130 20.76 -1.90 -15.31
C GLN C 130 22.20 -1.83 -14.86
N GLY C 131 22.69 -0.61 -14.64
CA GLY C 131 23.99 -0.42 -14.01
C GLY C 131 24.93 0.38 -14.90
N GLN C 132 26.20 0.05 -14.79
CA GLN C 132 27.25 0.72 -15.53
C GLN C 132 27.16 0.39 -17.02
N ALA C 133 27.80 1.26 -17.82
CA ALA C 133 27.81 1.06 -19.26
C ALA C 133 28.39 -0.30 -19.64
N THR C 134 29.45 -0.73 -18.95
CA THR C 134 30.02 -2.05 -19.23
C THR C 134 29.03 -3.15 -18.93
N GLU C 135 28.27 -3.02 -17.83
CA GLU C 135 27.29 -4.03 -17.49
C GLU C 135 26.16 -4.07 -18.49
N ILE C 136 25.72 -2.90 -18.96
CA ILE C 136 24.68 -2.86 -19.98
C ILE C 136 25.21 -3.45 -21.29
N GLU C 137 26.48 -3.18 -21.62
CA GLU C 137 27.06 -3.77 -22.82
C GLU C 137 27.10 -5.29 -22.72
N ILE C 138 27.50 -5.82 -21.56
CA ILE C 138 27.54 -7.26 -21.38
C ILE C 138 26.15 -7.86 -21.53
N ALA C 139 25.14 -7.24 -20.90
CA ALA C 139 23.77 -7.77 -20.98
C ALA C 139 23.19 -7.60 -22.38
N ALA C 140 23.45 -6.47 -23.01
CA ALA C 140 23.01 -6.34 -24.39
C ALA C 140 23.70 -7.37 -25.27
N ASN C 141 25.00 -7.61 -25.08
CA ASN C 141 25.66 -8.63 -25.88
C ASN C 141 25.03 -10.00 -25.64
N HIS C 142 24.74 -10.35 -24.38
CA HIS C 142 24.23 -11.68 -24.08
C HIS C 142 22.89 -11.92 -24.75
N ILE C 143 21.99 -10.95 -24.70
CA ILE C 143 20.68 -11.18 -25.31
C ILE C 143 20.80 -11.21 -26.83
N LEU C 144 21.77 -10.50 -27.40
CA LEU C 144 21.99 -10.58 -28.85
C LEU C 144 22.51 -11.95 -29.26
N LYS C 145 23.41 -12.53 -28.46
CA LYS C 145 23.82 -13.92 -28.71
C LYS C 145 22.67 -14.90 -28.54
N THR C 146 21.79 -14.64 -27.58
CA THR C 146 20.67 -15.53 -27.37
C THR C 146 19.72 -15.51 -28.55
N ARG C 147 19.46 -14.33 -29.10
CA ARG C 147 18.57 -14.24 -30.27
C ARG C 147 19.17 -14.97 -31.47
N GLU C 148 20.47 -14.78 -31.71
CA GLU C 148 21.10 -15.48 -32.83
C GLU C 148 21.05 -16.99 -32.63
N LYS C 149 21.23 -17.45 -31.39
CA LYS C 149 21.09 -18.88 -31.12
C LYS C 149 19.67 -19.35 -31.41
N LEU C 150 18.67 -18.58 -30.98
CA LEU C 150 17.27 -18.95 -31.26
C LEU C 150 16.97 -18.93 -32.75
N ASN C 151 17.43 -17.89 -33.45
CA ASN C 151 17.14 -17.79 -34.88
C ASN C 151 17.88 -18.87 -35.66
N ARG C 152 19.10 -19.19 -35.24
CA ARG C 152 19.87 -20.25 -35.90
C ARG C 152 19.10 -21.56 -35.86
N ILE C 153 18.65 -21.96 -34.68
CA ILE C 153 17.90 -23.20 -34.55
C ILE C 153 16.57 -23.09 -35.29
N LEU C 154 15.88 -21.95 -35.13
CA LEU C 154 14.62 -21.76 -35.84
C LEU C 154 14.85 -21.85 -37.34
N SER C 155 15.99 -21.37 -37.83
CA SER C 155 16.30 -21.53 -39.24
C SER C 155 16.47 -23.00 -39.59
N GLU C 156 17.11 -23.78 -38.70
CA GLU C 156 17.29 -25.21 -38.94
C GLU C 156 15.97 -25.96 -38.87
N ARG C 157 15.02 -25.51 -38.04
CA ARG C 157 13.81 -26.31 -37.84
C ARG C 157 12.69 -25.96 -38.81
N THR C 158 12.76 -24.79 -39.44
CA THR C 158 11.72 -24.34 -40.35
C THR C 158 12.09 -24.36 -41.81
N GLY C 159 13.39 -24.35 -42.13
CA GLY C 159 13.82 -24.17 -43.49
C GLY C 159 13.91 -22.72 -43.93
N GLN C 160 13.47 -21.77 -43.12
CA GLN C 160 13.58 -20.36 -43.46
C GLN C 160 15.02 -19.90 -43.25
N SER C 161 15.40 -18.86 -44.00
CA SER C 161 16.72 -18.31 -43.85
C SER C 161 16.86 -17.54 -42.54
N ILE C 162 18.10 -17.40 -42.08
CA ILE C 162 18.35 -16.67 -40.84
C ILE C 162 17.93 -15.21 -41.00
N GLU C 163 18.18 -14.65 -42.19
CA GLU C 163 17.81 -13.26 -42.44
C GLU C 163 16.29 -13.08 -42.41
N LYS C 164 15.54 -14.03 -42.95
CA LYS C 164 14.09 -13.93 -42.92
C LYS C 164 13.54 -14.08 -41.50
N ILE C 165 14.08 -15.02 -40.72
CA ILE C 165 13.69 -15.17 -39.33
C ILE C 165 13.92 -13.87 -38.57
N GLN C 166 15.07 -13.24 -38.81
CA GLN C 166 15.37 -11.97 -38.15
C GLN C 166 14.33 -10.92 -38.52
N GLN C 167 13.94 -10.86 -39.80
CA GLN C 167 12.98 -9.84 -40.23
C GLN C 167 11.58 -10.15 -39.72
N ASP C 168 11.19 -11.42 -39.70
CA ASP C 168 9.84 -11.81 -39.29
C ASP C 168 9.64 -11.84 -37.78
N THR C 169 10.71 -11.76 -36.99
CA THR C 169 10.60 -11.74 -35.53
C THR C 169 10.95 -10.39 -34.93
N ASP C 170 11.16 -9.37 -35.78
CA ASP C 170 11.54 -8.06 -35.27
C ASP C 170 10.47 -7.50 -34.32
N ARG C 171 9.20 -7.75 -34.63
CA ARG C 171 8.08 -7.47 -33.75
C ARG C 171 7.16 -8.68 -33.72
N ASP C 172 6.12 -8.58 -32.89
CA ASP C 172 5.13 -9.64 -32.75
C ASP C 172 4.55 -10.03 -34.10
N ASN C 173 4.69 -11.31 -34.43
CA ASN C 173 4.23 -11.89 -35.69
C ASN C 173 3.25 -13.00 -35.38
N PHE C 174 1.96 -12.73 -35.57
CA PHE C 174 0.90 -13.70 -35.29
C PHE C 174 0.63 -14.53 -36.54
N LEU C 175 0.56 -15.85 -36.36
CA LEU C 175 0.33 -16.77 -37.46
C LEU C 175 -0.85 -17.66 -37.15
N THR C 176 -1.68 -17.90 -38.16
CA THR C 176 -2.68 -18.94 -38.07
C THR C 176 -2.00 -20.31 -38.13
N ALA C 177 -2.78 -21.37 -37.88
CA ALA C 177 -2.23 -22.71 -38.01
C ALA C 177 -1.73 -22.97 -39.42
N ALA C 178 -2.51 -22.55 -40.43
CA ALA C 178 -2.11 -22.73 -41.82
C ALA C 178 -0.85 -21.93 -42.15
N GLU C 179 -0.79 -20.68 -41.68
CA GLU C 179 0.42 -19.90 -41.91
C GLU C 179 1.62 -20.51 -41.19
N ALA C 180 1.40 -21.08 -40.00
CA ALA C 180 2.50 -21.72 -39.30
C ALA C 180 3.03 -22.93 -40.06
N LYS C 181 2.13 -23.68 -40.71
CA LYS C 181 2.59 -24.79 -41.54
C LYS C 181 3.32 -24.29 -42.77
N GLU C 182 2.76 -23.26 -43.40
CA GLU C 182 3.42 -22.66 -44.56
C GLU C 182 4.81 -22.12 -44.20
N TYR C 183 4.95 -21.60 -42.98
CA TYR C 183 6.25 -21.06 -42.54
C TYR C 183 7.25 -22.15 -42.19
N GLY C 184 6.79 -23.36 -41.86
CA GLY C 184 7.66 -24.43 -41.42
C GLY C 184 7.73 -24.67 -39.92
N LEU C 185 6.93 -23.95 -39.13
CA LEU C 185 6.92 -24.15 -37.69
C LEU C 185 6.25 -25.47 -37.29
N ILE C 186 5.24 -25.89 -38.03
CA ILE C 186 4.58 -27.17 -37.83
C ILE C 186 4.60 -27.94 -39.15
N ASP C 187 4.27 -29.22 -39.07
CA ASP C 187 4.24 -30.05 -40.26
C ASP C 187 2.84 -30.28 -40.81
N GLU C 188 1.83 -30.32 -39.94
CA GLU C 188 0.48 -30.65 -40.37
C GLU C 188 -0.52 -29.89 -39.49
N VAL C 189 -1.60 -29.43 -40.10
CA VAL C 189 -2.74 -28.91 -39.35
C VAL C 189 -3.66 -30.09 -39.05
N MET C 190 -3.79 -30.43 -37.76
CA MET C 190 -4.61 -31.58 -37.36
C MET C 190 -6.08 -31.27 -37.56
N GLU C 191 -6.71 -31.92 -38.58
CA GLU C 191 -8.13 -31.74 -38.89
C GLU C 191 -8.98 -32.71 -38.08
N PRO C 192 -10.26 -32.37 -37.83
CA PRO C 192 -11.13 -33.23 -37.02
C PRO C 192 -11.27 -34.64 -37.58
N ILE D 4 4.97 -31.76 -10.45
CA ILE D 4 3.61 -31.80 -9.94
C ILE D 4 2.86 -33.14 -10.16
N PRO D 5 2.94 -33.78 -11.34
CA PRO D 5 2.11 -34.96 -11.58
C PRO D 5 2.49 -36.11 -10.66
N THR D 6 1.55 -37.04 -10.51
CA THR D 6 1.72 -38.19 -9.65
C THR D 6 2.01 -39.43 -10.50
N VAL D 7 2.91 -40.29 -10.01
CA VAL D 7 3.24 -41.50 -10.76
C VAL D 7 2.80 -42.75 -9.99
N TYR D 18 3.75 -41.10 -5.41
CA TYR D 18 4.87 -40.17 -5.51
C TYR D 18 4.59 -39.08 -6.54
N ASP D 19 5.27 -37.94 -6.43
CA ASP D 19 5.34 -37.00 -7.53
C ASP D 19 6.51 -37.35 -8.46
N ILE D 20 6.59 -36.62 -9.58
CA ILE D 20 7.57 -36.96 -10.61
C ILE D 20 8.99 -36.87 -10.06
N TYR D 21 9.25 -35.98 -9.10
CA TYR D 21 10.59 -35.86 -8.55
C TYR D 21 10.92 -37.01 -7.61
N SER D 22 9.93 -37.45 -6.82
CA SER D 22 10.15 -38.61 -5.96
C SER D 22 10.38 -39.86 -6.79
N ARG D 23 9.69 -39.96 -7.93
CA ARG D 23 9.90 -41.10 -8.82
C ARG D 23 11.31 -41.10 -9.40
N LEU D 24 11.82 -39.92 -9.78
CA LEU D 24 13.19 -39.85 -10.28
C LEU D 24 14.22 -40.08 -9.17
N LEU D 25 13.91 -39.65 -7.94
CA LEU D 25 14.84 -39.90 -6.85
C LEU D 25 15.04 -41.39 -6.62
N LYS D 26 14.02 -42.19 -6.95
CA LYS D 26 14.14 -43.64 -6.88
C LYS D 26 15.23 -44.14 -7.81
N ASP D 27 15.47 -43.44 -8.93
CA ASP D 27 16.55 -43.74 -9.86
C ASP D 27 17.83 -42.96 -9.56
N ARG D 28 17.95 -42.41 -8.35
CA ARG D 28 19.14 -41.67 -7.91
C ARG D 28 19.33 -40.40 -8.73
N ILE D 29 18.23 -39.76 -9.12
CA ILE D 29 18.25 -38.51 -9.87
C ILE D 29 17.71 -37.41 -8.97
N ILE D 30 18.47 -36.34 -8.82
CA ILE D 30 18.10 -35.18 -8.03
C ILE D 30 17.98 -33.99 -8.97
N MET D 31 16.88 -33.24 -8.86
CA MET D 31 16.61 -32.09 -9.73
C MET D 31 16.87 -30.79 -8.97
N LEU D 32 17.87 -30.04 -9.40
CA LEU D 32 18.13 -28.68 -8.89
C LEU D 32 17.63 -27.72 -9.95
N GLY D 33 16.43 -27.18 -9.75
CA GLY D 33 15.85 -26.30 -10.75
C GLY D 33 15.25 -25.03 -10.21
N SER D 34 15.95 -24.37 -9.29
CA SER D 34 15.48 -23.12 -8.70
C SER D 34 16.68 -22.37 -8.14
N GLN D 35 16.43 -21.20 -7.57
CA GLN D 35 17.49 -20.50 -6.87
C GLN D 35 17.96 -21.34 -5.70
N ILE D 36 19.20 -21.12 -5.29
CA ILE D 36 19.81 -21.87 -4.21
C ILE D 36 19.64 -21.04 -2.95
N ASP D 37 18.77 -21.49 -2.05
CA ASP D 37 18.66 -20.90 -0.72
C ASP D 37 18.80 -22.02 0.30
N ASP D 38 18.62 -21.70 1.58
CA ASP D 38 18.81 -22.70 2.63
C ASP D 38 17.83 -23.86 2.50
N ASN D 39 16.57 -23.58 2.14
CA ASN D 39 15.59 -24.66 2.03
C ASN D 39 15.93 -25.62 0.90
N VAL D 40 16.33 -25.08 -0.25
CA VAL D 40 16.73 -25.92 -1.37
C VAL D 40 17.97 -26.74 -1.00
N ALA D 41 18.94 -26.08 -0.34
CA ALA D 41 20.16 -26.78 0.08
C ALA D 41 19.85 -27.90 1.08
N ASN D 42 18.92 -27.67 2.00
CA ASN D 42 18.53 -28.76 2.92
C ASN D 42 17.98 -29.96 2.17
N SER D 43 17.12 -29.72 1.18
CA SER D 43 16.55 -30.84 0.44
C SER D 43 17.61 -31.58 -0.36
N ILE D 44 18.48 -30.83 -1.06
CA ILE D 44 19.52 -31.47 -1.87
C ILE D 44 20.44 -32.29 -0.98
N VAL D 45 20.89 -31.70 0.13
CA VAL D 45 21.77 -32.41 1.07
C VAL D 45 21.07 -33.65 1.61
N SER D 46 19.79 -33.51 2.00
CA SER D 46 19.05 -34.66 2.52
C SER D 46 18.92 -35.77 1.49
N GLN D 47 18.67 -35.39 0.23
CA GLN D 47 18.56 -36.39 -0.83
C GLN D 47 19.89 -37.07 -1.10
N LEU D 48 20.99 -36.30 -1.04
CA LEU D 48 22.31 -36.86 -1.24
C LEU D 48 22.66 -37.83 -0.11
N LEU D 49 22.42 -37.43 1.14
CA LEU D 49 22.69 -38.33 2.26
C LEU D 49 21.83 -39.58 2.20
N PHE D 50 20.56 -39.42 1.80
CA PHE D 50 19.66 -40.57 1.69
C PHE D 50 20.15 -41.55 0.63
N LEU D 51 20.60 -41.04 -0.52
CA LEU D 51 21.06 -41.92 -1.59
C LEU D 51 22.33 -42.66 -1.22
N GLN D 52 23.22 -42.04 -0.44
CA GLN D 52 24.42 -42.76 -0.01
C GLN D 52 24.06 -43.88 0.96
N ALA D 53 23.12 -43.61 1.89
CA ALA D 53 22.67 -44.64 2.81
C ALA D 53 21.98 -45.78 2.08
N GLN D 54 21.27 -45.46 0.99
CA GLN D 54 20.67 -46.52 0.17
C GLN D 54 21.74 -47.36 -0.49
N ASP D 55 22.75 -46.70 -1.08
CA ASP D 55 23.83 -47.42 -1.76
C ASP D 55 25.01 -46.48 -1.91
N SER D 56 26.14 -46.83 -1.29
CA SER D 56 27.32 -45.98 -1.32
C SER D 56 28.16 -46.18 -2.58
N GLU D 57 27.71 -47.00 -3.52
CA GLU D 57 28.48 -47.34 -4.72
C GLU D 57 27.94 -46.72 -6.00
N LYS D 58 26.63 -46.79 -6.21
CA LYS D 58 26.04 -46.33 -7.46
C LYS D 58 26.12 -44.81 -7.59
N ASP D 59 26.30 -44.35 -8.84
CA ASP D 59 26.40 -42.91 -9.08
C ASP D 59 25.09 -42.20 -8.77
N ILE D 60 25.21 -40.90 -8.51
CA ILE D 60 24.08 -40.00 -8.32
C ILE D 60 24.09 -39.00 -9.46
N TYR D 61 22.90 -38.62 -9.93
CA TYR D 61 22.77 -37.70 -11.05
C TYR D 61 22.11 -36.42 -10.56
N LEU D 62 22.85 -35.30 -10.65
CA LEU D 62 22.36 -34.01 -10.20
C LEU D 62 22.14 -33.12 -11.43
N TYR D 63 20.88 -32.91 -11.78
CA TYR D 63 20.55 -31.95 -12.83
C TYR D 63 20.54 -30.55 -12.26
N ILE D 64 21.11 -29.60 -13.01
CA ILE D 64 21.28 -28.24 -12.53
C ILE D 64 20.68 -27.27 -13.54
N ASN D 65 19.61 -26.57 -13.13
CA ASN D 65 19.02 -25.45 -13.86
C ASN D 65 18.76 -24.38 -12.80
N SER D 66 19.77 -23.56 -12.53
CA SER D 66 19.70 -22.66 -11.40
C SER D 66 20.37 -21.33 -11.75
N PRO D 67 19.76 -20.21 -11.36
CA PRO D 67 20.43 -18.91 -11.50
C PRO D 67 21.39 -18.61 -10.36
N GLY D 68 21.57 -19.53 -9.41
CA GLY D 68 22.44 -19.31 -8.28
C GLY D 68 21.69 -19.06 -6.99
N GLY D 69 22.31 -18.36 -6.06
CA GLY D 69 21.68 -18.01 -4.82
C GLY D 69 22.73 -17.89 -3.72
N SER D 70 22.35 -18.35 -2.53
CA SER D 70 23.19 -18.22 -1.35
C SER D 70 24.49 -19.01 -1.52
N VAL D 71 25.62 -18.35 -1.22
CA VAL D 71 26.90 -19.01 -1.32
C VAL D 71 27.06 -20.07 -0.23
N THR D 72 26.66 -19.74 1.01
CA THR D 72 26.78 -20.71 2.09
C THR D 72 25.86 -21.90 1.88
N ALA D 73 24.65 -21.65 1.36
CA ALA D 73 23.75 -22.76 1.04
C ALA D 73 24.34 -23.62 -0.08
N GLY D 74 24.99 -22.99 -1.05
CA GLY D 74 25.64 -23.76 -2.10
C GLY D 74 26.81 -24.57 -1.58
N PHE D 75 27.54 -24.02 -0.61
CA PHE D 75 28.65 -24.77 -0.02
C PHE D 75 28.16 -25.92 0.85
N ALA D 76 26.94 -25.81 1.41
CA ALA D 76 26.36 -26.96 2.08
C ALA D 76 26.16 -28.12 1.10
N ILE D 77 25.73 -27.80 -0.13
CA ILE D 77 25.61 -28.82 -1.17
C ILE D 77 26.98 -29.27 -1.64
N TYR D 78 27.89 -28.32 -1.86
CA TYR D 78 29.22 -28.63 -2.36
C TYR D 78 29.94 -29.60 -1.42
N ASP D 79 30.03 -29.24 -0.13
CA ASP D 79 30.75 -30.07 0.83
C ASP D 79 30.11 -31.44 0.99
N THR D 80 28.78 -31.52 0.86
CA THR D 80 28.12 -32.83 0.94
C THR D 80 28.47 -33.69 -0.28
N ILE D 81 28.52 -33.09 -1.47
CA ILE D 81 28.95 -33.83 -2.66
C ILE D 81 30.35 -34.39 -2.45
N GLN D 82 31.26 -33.57 -1.95
CA GLN D 82 32.64 -34.01 -1.80
C GLN D 82 32.77 -35.06 -0.70
N HIS D 83 31.85 -35.07 0.27
CA HIS D 83 32.02 -35.94 1.42
C HIS D 83 31.49 -37.35 1.16
N ILE D 84 30.35 -37.48 0.47
CA ILE D 84 29.73 -38.80 0.30
C ILE D 84 30.58 -39.67 -0.63
N LYS D 85 30.41 -40.98 -0.48
CA LYS D 85 31.19 -41.96 -1.25
C LYS D 85 30.79 -42.04 -2.72
N PRO D 86 29.50 -42.06 -3.06
CA PRO D 86 29.14 -42.17 -4.49
C PRO D 86 29.61 -40.96 -5.29
N ASP D 87 29.98 -41.23 -6.55
CA ASP D 87 30.22 -40.15 -7.49
C ASP D 87 28.93 -39.40 -7.78
N VAL D 88 29.02 -38.08 -7.83
CA VAL D 88 27.87 -37.22 -8.15
C VAL D 88 28.11 -36.64 -9.53
N GLN D 89 27.32 -37.08 -10.50
CA GLN D 89 27.34 -36.50 -11.84
C GLN D 89 26.51 -35.22 -11.86
N THR D 90 27.01 -34.20 -12.55
CA THR D 90 26.29 -32.95 -12.73
C THR D 90 25.93 -32.78 -14.19
N ILE D 91 24.67 -32.43 -14.44
CA ILE D 91 24.17 -32.22 -15.79
C ILE D 91 23.48 -30.87 -15.81
N CYS D 92 24.02 -29.93 -16.57
CA CYS D 92 23.45 -28.59 -16.68
C CYS D 92 22.45 -28.56 -17.83
N ILE D 93 21.21 -28.21 -17.51
CA ILE D 93 20.17 -27.96 -18.51
C ILE D 93 19.71 -26.52 -18.35
N GLY D 94 19.60 -25.81 -19.47
CA GLY D 94 19.16 -24.42 -19.45
C GLY D 94 20.22 -23.46 -18.95
N MET D 95 20.40 -23.35 -17.64
CA MET D 95 21.27 -22.33 -17.09
C MET D 95 21.91 -22.82 -15.79
N ALA D 96 23.22 -22.63 -15.68
CA ALA D 96 23.93 -22.78 -14.40
C ALA D 96 24.73 -21.49 -14.23
N ALA D 97 24.20 -20.57 -13.43
CA ALA D 97 24.82 -19.28 -13.23
C ALA D 97 25.20 -19.10 -11.77
N SER D 98 26.31 -18.40 -11.55
CA SER D 98 26.77 -18.00 -10.21
C SER D 98 27.00 -19.28 -9.40
N MET D 99 26.40 -19.43 -8.22
CA MET D 99 26.60 -20.64 -7.43
C MET D 99 26.15 -21.89 -8.17
N GLY D 100 25.23 -21.75 -9.14
CA GLY D 100 24.82 -22.89 -9.94
C GLY D 100 25.94 -23.43 -10.81
N SER D 101 26.73 -22.54 -11.41
CA SER D 101 27.88 -23.00 -12.19
C SER D 101 28.97 -23.55 -11.29
N PHE D 102 29.06 -23.05 -10.06
CA PHE D 102 30.02 -23.59 -9.10
C PHE D 102 29.69 -25.05 -8.78
N LEU D 103 28.41 -25.35 -8.53
CA LEU D 103 28.01 -26.73 -8.26
C LEU D 103 28.15 -27.62 -9.50
N LEU D 104 27.93 -27.06 -10.69
CA LEU D 104 28.13 -27.82 -11.92
C LEU D 104 29.57 -28.32 -12.02
N ALA D 105 30.54 -27.45 -11.73
CA ALA D 105 31.94 -27.83 -11.72
C ALA D 105 32.30 -28.73 -10.55
N ALA D 106 31.39 -28.89 -9.58
CA ALA D 106 31.67 -29.71 -8.41
C ALA D 106 31.40 -31.19 -8.63
N GLY D 107 30.81 -31.56 -9.76
CA GLY D 107 30.54 -32.96 -10.02
C GLY D 107 31.80 -33.78 -10.12
N ALA D 108 31.62 -35.09 -10.13
CA ALA D 108 32.75 -36.00 -10.27
C ALA D 108 33.51 -35.71 -11.56
N LYS D 109 34.83 -35.59 -11.45
CA LYS D 109 35.65 -35.32 -12.62
C LYS D 109 35.43 -36.39 -13.68
N GLY D 110 35.17 -35.96 -14.91
CA GLY D 110 34.80 -36.84 -15.99
C GLY D 110 33.31 -37.05 -16.15
N LYS D 111 32.52 -36.64 -15.16
CA LYS D 111 31.07 -36.82 -15.17
C LYS D 111 30.33 -35.50 -14.93
N ARG D 112 30.88 -34.40 -15.43
CA ARG D 112 30.22 -33.10 -15.41
C ARG D 112 29.82 -32.77 -16.84
N PHE D 113 28.54 -32.53 -17.06
CA PHE D 113 28.00 -32.39 -18.41
C PHE D 113 27.15 -31.14 -18.53
N ALA D 114 26.96 -30.72 -19.78
CA ALA D 114 25.99 -29.69 -20.12
C ALA D 114 25.40 -30.01 -21.48
N LEU D 115 24.10 -29.78 -21.63
CA LEU D 115 23.43 -29.99 -22.89
C LEU D 115 23.85 -28.88 -23.86
N PRO D 116 23.73 -29.11 -25.18
CA PRO D 116 24.38 -28.20 -26.15
C PRO D 116 23.98 -26.75 -26.03
N ASN D 117 22.73 -26.45 -25.68
CA ASN D 117 22.28 -25.07 -25.60
C ASN D 117 22.18 -24.54 -24.18
N ALA D 118 22.64 -25.30 -23.20
CA ALA D 118 22.67 -24.81 -21.83
C ALA D 118 23.67 -23.67 -21.70
N GLU D 119 23.41 -22.79 -20.74
CA GLU D 119 24.23 -21.61 -20.53
C GLU D 119 24.91 -21.69 -19.17
N VAL D 120 26.17 -21.26 -19.15
CA VAL D 120 26.95 -21.24 -17.92
C VAL D 120 27.47 -19.82 -17.74
N MET D 121 27.24 -19.27 -16.56
CA MET D 121 27.67 -17.91 -16.24
C MET D 121 28.44 -17.92 -14.93
N ILE D 122 29.58 -17.24 -14.92
CA ILE D 122 30.40 -17.10 -13.73
C ILE D 122 30.60 -15.61 -13.46
N HIS D 123 30.61 -15.23 -12.19
CA HIS D 123 30.89 -13.86 -11.78
C HIS D 123 31.25 -13.87 -10.30
N GLN D 124 31.65 -12.72 -9.80
CA GLN D 124 32.05 -12.61 -8.40
C GLN D 124 30.82 -12.54 -7.50
N PRO D 125 30.97 -12.88 -6.22
CA PRO D 125 29.81 -12.90 -5.32
C PRO D 125 29.21 -11.52 -5.12
N LEU D 126 27.92 -11.52 -4.77
CA LEU D 126 27.17 -10.30 -4.51
C LEU D 126 26.78 -10.26 -3.03
N GLY D 127 26.69 -9.05 -2.49
CA GLY D 127 26.33 -8.93 -1.10
C GLY D 127 25.98 -7.50 -0.74
N GLY D 128 25.86 -7.26 0.56
CA GLY D 128 25.51 -5.94 1.04
C GLY D 128 26.05 -5.69 2.42
N ALA D 129 26.08 -4.42 2.79
CA ALA D 129 26.56 -3.98 4.09
C ALA D 129 25.91 -2.65 4.41
N GLN D 130 25.53 -2.45 5.67
CA GLN D 130 24.87 -1.25 6.10
C GLN D 130 25.30 -0.99 7.54
N GLY D 131 25.50 0.28 7.91
CA GLY D 131 25.79 0.62 9.29
C GLY D 131 27.09 1.38 9.45
N GLN D 132 27.78 1.12 10.55
CA GLN D 132 29.02 1.82 10.84
C GLN D 132 30.14 1.38 9.90
N ALA D 133 31.15 2.24 9.81
CA ALA D 133 32.31 1.97 8.97
C ALA D 133 32.99 0.67 9.36
N THR D 134 33.07 0.39 10.67
CA THR D 134 33.67 -0.87 11.14
C THR D 134 32.86 -2.07 10.67
N GLU D 135 31.54 -1.97 10.73
CA GLU D 135 30.69 -3.07 10.26
C GLU D 135 30.83 -3.27 8.76
N ILE D 136 30.95 -2.17 7.99
CA ILE D 136 31.14 -2.30 6.54
C ILE D 136 32.48 -2.95 6.24
N GLU D 137 33.51 -2.63 7.03
CA GLU D 137 34.81 -3.26 6.86
C GLU D 137 34.72 -4.76 7.11
N ILE D 138 34.00 -5.16 8.16
CA ILE D 138 33.86 -6.58 8.47
C ILE D 138 33.14 -7.30 7.33
N ALA D 139 32.06 -6.70 6.83
CA ALA D 139 31.33 -7.31 5.73
C ALA D 139 32.18 -7.35 4.47
N ALA D 140 32.98 -6.31 4.22
CA ALA D 140 33.81 -6.32 3.03
C ALA D 140 34.86 -7.41 3.11
N ASN D 141 35.54 -7.52 4.26
CA ASN D 141 36.54 -8.57 4.46
C ASN D 141 35.92 -9.95 4.30
N HIS D 142 34.69 -10.13 4.78
CA HIS D 142 34.02 -11.42 4.69
C HIS D 142 33.74 -11.81 3.25
N ILE D 143 33.16 -10.88 2.47
CA ILE D 143 32.85 -11.24 1.09
C ILE D 143 34.12 -11.36 0.26
N LEU D 144 35.17 -10.62 0.61
CA LEU D 144 36.43 -10.80 -0.11
C LEU D 144 37.04 -12.16 0.19
N LYS D 145 36.98 -12.59 1.45
CA LYS D 145 37.45 -13.92 1.79
C LYS D 145 36.60 -15.01 1.15
N THR D 146 35.28 -14.78 1.05
CA THR D 146 34.42 -15.76 0.40
C THR D 146 34.76 -15.90 -1.08
N ARG D 147 35.04 -14.79 -1.75
CA ARG D 147 35.40 -14.85 -3.16
C ARG D 147 36.71 -15.61 -3.36
N GLU D 148 37.71 -15.34 -2.52
CA GLU D 148 38.98 -16.06 -2.62
C GLU D 148 38.78 -17.56 -2.43
N LYS D 149 37.93 -17.95 -1.47
CA LYS D 149 37.64 -19.36 -1.29
C LYS D 149 36.97 -19.94 -2.52
N LEU D 150 36.01 -19.22 -3.11
CA LEU D 150 35.33 -19.70 -4.32
C LEU D 150 36.29 -19.83 -5.48
N ASN D 151 37.16 -18.83 -5.68
CA ASN D 151 38.07 -18.86 -6.82
C ASN D 151 39.11 -19.95 -6.67
N ARG D 152 39.59 -20.18 -5.44
CA ARG D 152 40.57 -21.24 -5.21
C ARG D 152 40.01 -22.61 -5.58
N ILE D 153 38.79 -22.92 -5.13
CA ILE D 153 38.16 -24.19 -5.48
C ILE D 153 37.89 -24.27 -6.97
N LEU D 154 37.36 -23.18 -7.55
CA LEU D 154 37.13 -23.15 -9.00
C LEU D 154 38.43 -23.39 -9.75
N SER D 155 39.54 -22.87 -9.23
CA SER D 155 40.83 -23.09 -9.85
C SER D 155 41.21 -24.56 -9.85
N GLU D 156 40.99 -25.25 -8.74
CA GLU D 156 41.37 -26.66 -8.67
C GLU D 156 40.48 -27.53 -9.54
N ARG D 157 39.21 -27.15 -9.72
CA ARG D 157 38.28 -28.00 -10.44
C ARG D 157 38.23 -27.72 -11.94
N THR D 158 38.74 -26.57 -12.38
CA THR D 158 38.78 -26.26 -13.80
C THR D 158 40.18 -26.38 -14.38
N GLY D 159 41.21 -26.31 -13.54
CA GLY D 159 42.58 -26.26 -14.02
C GLY D 159 43.07 -24.86 -14.37
N GLN D 160 42.20 -23.87 -14.33
CA GLN D 160 42.61 -22.49 -14.59
C GLN D 160 43.32 -21.92 -13.37
N SER D 161 44.17 -20.93 -13.62
CA SER D 161 44.87 -20.28 -12.53
C SER D 161 43.91 -19.40 -11.73
N ILE D 162 44.31 -19.12 -10.49
CA ILE D 162 43.49 -18.32 -9.60
C ILE D 162 43.33 -16.91 -10.15
N GLU D 163 44.41 -16.33 -10.69
CA GLU D 163 44.32 -15.00 -11.29
C GLU D 163 43.44 -15.01 -12.53
N LYS D 164 43.46 -16.11 -13.28
CA LYS D 164 42.57 -16.25 -14.44
C LYS D 164 41.11 -16.27 -14.01
N ILE D 165 40.80 -17.06 -12.96
CA ILE D 165 39.44 -17.09 -12.43
C ILE D 165 39.03 -15.71 -11.95
N GLN D 166 39.93 -15.03 -11.24
CA GLN D 166 39.66 -13.70 -10.72
C GLN D 166 39.33 -12.71 -11.83
N GLN D 167 40.10 -12.73 -12.92
CA GLN D 167 39.87 -11.77 -13.98
C GLN D 167 38.59 -12.10 -14.75
N ASP D 168 38.32 -13.39 -14.95
CA ASP D 168 37.17 -13.81 -15.74
C ASP D 168 35.85 -13.73 -14.98
N THR D 169 35.88 -13.51 -13.66
CA THR D 169 34.66 -13.39 -12.87
C THR D 169 34.44 -11.97 -12.39
N ASP D 170 35.27 -11.01 -12.83
CA ASP D 170 35.12 -9.62 -12.40
C ASP D 170 33.77 -9.06 -12.83
N ARG D 171 33.27 -9.47 -13.99
CA ARG D 171 31.96 -9.08 -14.49
C ARG D 171 31.22 -10.35 -14.88
N ASP D 172 29.94 -10.20 -15.21
CA ASP D 172 29.16 -11.33 -15.72
C ASP D 172 29.85 -11.93 -16.94
N ASN D 173 30.17 -13.21 -16.86
CA ASN D 173 30.86 -13.93 -17.93
C ASN D 173 29.98 -15.10 -18.37
N PHE D 174 29.34 -14.94 -19.53
CA PHE D 174 28.45 -15.96 -20.08
C PHE D 174 29.23 -16.89 -20.99
N LEU D 175 29.02 -18.20 -20.81
CA LEU D 175 29.71 -19.22 -21.60
C LEU D 175 28.68 -20.15 -22.22
N THR D 176 28.94 -20.55 -23.46
CA THR D 176 28.19 -21.66 -24.03
C THR D 176 28.64 -22.96 -23.38
N ALA D 177 27.91 -24.05 -23.68
CA ALA D 177 28.32 -25.35 -23.18
C ALA D 177 29.71 -25.71 -23.70
N ALA D 178 29.97 -25.44 -24.99
CA ALA D 178 31.28 -25.73 -25.56
C ALA D 178 32.37 -24.90 -24.91
N GLU D 179 32.10 -23.60 -24.69
CA GLU D 179 33.07 -22.77 -24.00
C GLU D 179 33.27 -23.23 -22.56
N ALA D 180 32.21 -23.73 -21.91
CA ALA D 180 32.36 -24.24 -20.55
C ALA D 180 33.26 -25.47 -20.52
N LYS D 181 33.21 -26.32 -21.55
CA LYS D 181 34.14 -27.44 -21.61
C LYS D 181 35.58 -26.96 -21.84
N GLU D 182 35.77 -26.00 -22.75
CA GLU D 182 37.09 -25.42 -22.96
C GLU D 182 37.66 -24.85 -21.67
N TYR D 183 36.81 -24.24 -20.86
CA TYR D 183 37.26 -23.58 -19.63
C TYR D 183 37.60 -24.57 -18.53
N GLY D 184 37.04 -25.76 -18.55
CA GLY D 184 37.22 -26.73 -17.49
C GLY D 184 36.07 -26.82 -16.50
N LEU D 185 34.98 -26.08 -16.73
CA LEU D 185 33.84 -26.15 -15.84
C LEU D 185 33.07 -27.46 -16.00
N ILE D 186 33.03 -28.00 -17.21
CA ILE D 186 32.46 -29.30 -17.48
C ILE D 186 33.48 -30.15 -18.22
N ASP D 187 33.19 -31.43 -18.33
CA ASP D 187 34.05 -32.36 -19.05
C ASP D 187 33.57 -32.67 -20.45
N GLU D 188 32.25 -32.72 -20.65
CA GLU D 188 31.71 -33.11 -21.95
C GLU D 188 30.39 -32.39 -22.20
N VAL D 189 30.17 -32.03 -23.45
CA VAL D 189 28.87 -31.57 -23.93
C VAL D 189 28.07 -32.80 -24.35
N MET D 190 26.95 -33.04 -23.67
CA MET D 190 26.13 -34.21 -23.95
C MET D 190 25.47 -34.08 -25.32
N GLU D 191 25.91 -34.86 -26.25
CA GLU D 191 25.28 -34.80 -27.56
C GLU D 191 24.09 -35.76 -27.62
N PRO D 192 23.10 -35.50 -28.49
CA PRO D 192 21.88 -36.33 -28.56
C PRO D 192 22.16 -37.82 -28.81
N ILE E 4 10.76 -31.72 0.18
CA ILE E 4 9.70 -31.93 -0.82
C ILE E 4 9.56 -33.37 -1.31
N PRO E 5 10.64 -34.05 -1.68
CA PRO E 5 10.49 -35.37 -2.32
C PRO E 5 9.94 -36.41 -1.36
N THR E 6 9.31 -37.42 -1.94
CA THR E 6 8.69 -38.52 -1.20
C THR E 6 9.54 -39.78 -1.36
N VAL E 7 9.65 -40.54 -0.27
CA VAL E 7 10.43 -41.78 -0.29
C VAL E 7 9.52 -42.97 0.03
N ALA E 17 4.89 -44.04 3.04
CA ALA E 17 5.32 -42.82 2.35
C ALA E 17 5.87 -41.79 3.34
N TYR E 18 7.05 -41.27 3.03
CA TYR E 18 7.71 -40.26 3.85
C TYR E 18 8.12 -39.09 2.98
N ASP E 19 8.33 -37.94 3.62
CA ASP E 19 9.13 -36.92 2.99
C ASP E 19 10.60 -37.21 3.33
N ILE E 20 11.51 -36.51 2.66
CA ILE E 20 12.92 -36.85 2.82
C ILE E 20 13.38 -36.63 4.26
N TYR E 21 12.81 -35.65 4.97
CA TYR E 21 13.27 -35.39 6.32
C TYR E 21 12.76 -36.43 7.30
N SER E 22 11.51 -36.87 7.13
CA SER E 22 10.99 -37.94 7.96
C SER E 22 11.73 -39.23 7.70
N ARG E 23 12.14 -39.46 6.45
CA ARG E 23 12.95 -40.64 6.16
C ARG E 23 14.30 -40.58 6.87
N LEU E 24 14.92 -39.39 6.90
CA LEU E 24 16.18 -39.25 7.63
C LEU E 24 15.97 -39.37 9.13
N LEU E 25 14.84 -38.88 9.64
CA LEU E 25 14.57 -38.99 11.08
C LEU E 25 14.48 -40.45 11.51
N LYS E 26 14.05 -41.34 10.61
CA LYS E 26 14.08 -42.76 10.87
C LYS E 26 15.49 -43.27 11.14
N ASP E 27 16.50 -42.63 10.54
CA ASP E 27 17.90 -42.94 10.82
C ASP E 27 18.48 -42.06 11.93
N ARG E 28 17.63 -41.45 12.75
CA ARG E 28 18.07 -40.62 13.88
C ARG E 28 18.86 -39.40 13.41
N ILE E 29 18.47 -38.84 12.25
CA ILE E 29 19.08 -37.64 11.70
C ILE E 29 18.05 -36.51 11.70
N ILE E 30 18.43 -35.39 12.31
CA ILE E 30 17.58 -34.21 12.41
C ILE E 30 18.22 -33.09 11.59
N MET E 31 17.41 -32.41 10.78
CA MET E 31 17.87 -31.36 9.88
C MET E 31 17.47 -30.00 10.45
N LEU E 32 18.46 -29.20 10.84
CA LEU E 32 18.27 -27.79 11.22
C LEU E 32 18.75 -26.94 10.05
N GLY E 33 17.81 -26.47 9.23
CA GLY E 33 18.22 -25.71 8.05
C GLY E 33 17.45 -24.43 7.84
N SER E 34 17.21 -23.67 8.91
CA SER E 34 16.47 -22.42 8.78
C SER E 34 16.80 -21.53 9.98
N GLN E 35 16.19 -20.36 10.01
CA GLN E 35 16.28 -19.53 11.19
C GLN E 35 15.63 -20.25 12.37
N ILE E 36 16.09 -19.93 13.58
CA ILE E 36 15.61 -20.56 14.79
C ILE E 36 14.50 -19.69 15.36
N ASP E 37 13.26 -20.18 15.29
CA ASP E 37 12.15 -19.53 15.96
C ASP E 37 11.45 -20.57 16.83
N ASP E 38 10.36 -20.16 17.48
CA ASP E 38 9.65 -21.08 18.38
C ASP E 38 9.15 -22.32 17.65
N ASN E 39 8.66 -22.15 16.42
CA ASN E 39 8.14 -23.29 15.69
C ASN E 39 9.25 -24.29 15.35
N VAL E 40 10.41 -23.80 14.89
CA VAL E 40 11.52 -24.68 14.58
C VAL E 40 11.99 -25.40 15.83
N ALA E 41 12.12 -24.67 16.95
CA ALA E 41 12.56 -25.28 18.20
C ALA E 41 11.59 -26.37 18.65
N ASN E 42 10.28 -26.14 18.51
CA ASN E 42 9.30 -27.15 18.88
C ASN E 42 9.51 -28.43 18.09
N SER E 43 9.75 -28.31 16.79
CA SER E 43 9.94 -29.51 15.98
C SER E 43 11.22 -30.23 16.38
N ILE E 44 12.31 -29.48 16.57
CA ILE E 44 13.59 -30.09 16.95
C ILE E 44 13.46 -30.78 18.31
N VAL E 45 12.88 -30.07 19.28
CA VAL E 45 12.70 -30.62 20.61
C VAL E 45 11.84 -31.88 20.54
N SER E 46 10.75 -31.83 19.77
CA SER E 46 9.89 -32.99 19.63
C SER E 46 10.62 -34.16 18.99
N GLN E 47 11.45 -33.87 17.98
CA GLN E 47 12.22 -34.94 17.34
C GLN E 47 13.25 -35.53 18.29
N LEU E 48 13.88 -34.68 19.12
CA LEU E 48 14.87 -35.17 20.07
C LEU E 48 14.20 -36.08 21.11
N LEU E 49 13.07 -35.63 21.68
CA LEU E 49 12.36 -36.43 22.66
C LEU E 49 11.88 -37.75 22.05
N PHE E 50 11.40 -37.70 20.81
CA PHE E 50 10.93 -38.92 20.14
C PHE E 50 12.07 -39.90 19.94
N LEU E 51 13.23 -39.42 19.51
CA LEU E 51 14.35 -40.33 19.27
C LEU E 51 14.85 -40.95 20.56
N GLN E 52 14.80 -40.22 21.67
CA GLN E 52 15.21 -40.80 22.95
C GLN E 52 14.25 -41.90 23.39
N ALA E 53 12.95 -41.71 23.15
CA ALA E 53 11.97 -42.75 23.47
C ALA E 53 12.17 -43.99 22.62
N GLN E 54 12.58 -43.82 21.35
CA GLN E 54 12.86 -44.96 20.50
C GLN E 54 14.05 -45.75 21.00
N ASP E 55 15.12 -45.05 21.36
CA ASP E 55 16.34 -45.70 21.82
C ASP E 55 17.14 -44.65 22.58
N SER E 56 17.33 -44.85 23.86
CA SER E 56 18.03 -43.86 24.68
C SER E 56 19.54 -43.97 24.60
N GLU E 57 20.09 -44.91 23.82
CA GLU E 57 21.54 -45.08 23.77
C GLU E 57 22.16 -44.70 22.44
N LYS E 58 21.55 -45.02 21.30
CA LYS E 58 22.18 -44.69 20.02
C LYS E 58 22.29 -43.18 19.84
N ASP E 59 23.38 -42.77 19.18
CA ASP E 59 23.64 -41.36 18.95
C ASP E 59 22.56 -40.75 18.05
N ILE E 60 22.42 -39.42 18.18
CA ILE E 60 21.56 -38.61 17.34
C ILE E 60 22.45 -37.67 16.54
N TYR E 61 22.07 -37.41 15.29
CA TYR E 61 22.84 -36.56 14.39
C TYR E 61 22.03 -35.32 14.07
N LEU E 62 22.54 -34.16 14.48
CA LEU E 62 21.88 -32.88 14.26
C LEU E 62 22.72 -32.09 13.24
N TYR E 63 22.22 -32.01 12.01
CA TYR E 63 22.83 -31.16 11.00
C TYR E 63 22.37 -29.72 11.18
N ILE E 64 23.32 -28.79 11.06
CA ILE E 64 23.05 -27.39 11.34
C ILE E 64 23.45 -26.54 10.14
N ASN E 65 22.47 -25.90 9.52
CA ASN E 65 22.70 -24.86 8.52
C ASN E 65 21.73 -23.73 8.87
N SER E 66 22.16 -22.83 9.75
CA SER E 66 21.23 -21.86 10.28
C SER E 66 21.90 -20.51 10.43
N PRO E 67 21.22 -19.42 10.07
CA PRO E 67 21.75 -18.08 10.34
C PRO E 67 21.52 -17.61 11.76
N GLY E 68 20.92 -18.43 12.62
CA GLY E 68 20.60 -18.04 13.98
C GLY E 68 19.12 -17.81 14.19
N GLY E 69 18.77 -16.99 15.17
CA GLY E 69 17.38 -16.64 15.41
C GLY E 69 17.18 -16.34 16.89
N SER E 70 16.01 -16.75 17.39
CA SER E 70 15.64 -16.48 18.77
C SER E 70 16.58 -17.17 19.74
N VAL E 71 17.06 -16.41 20.73
CA VAL E 71 17.96 -16.99 21.71
C VAL E 71 17.21 -17.95 22.63
N THR E 72 15.99 -17.58 23.05
CA THR E 72 15.23 -18.48 23.93
C THR E 72 14.81 -19.75 23.19
N ALA E 73 14.42 -19.64 21.92
CA ALA E 73 14.11 -20.84 21.15
C ALA E 73 15.35 -21.71 20.98
N GLY E 74 16.52 -21.08 20.82
CA GLY E 74 17.75 -21.84 20.75
C GLY E 74 18.09 -22.54 22.05
N PHE E 75 17.75 -21.94 23.18
CA PHE E 75 18.01 -22.59 24.46
C PHE E 75 17.07 -23.76 24.72
N ALA E 76 15.87 -23.73 24.16
CA ALA E 76 15.00 -24.89 24.22
C ALA E 76 15.66 -26.08 23.53
N ILE E 77 16.33 -25.84 22.41
CA ILE E 77 17.08 -26.89 21.76
C ILE E 77 18.29 -27.27 22.59
N TYR E 78 19.00 -26.26 23.10
CA TYR E 78 20.21 -26.51 23.88
C TYR E 78 19.91 -27.39 25.09
N ASP E 79 18.94 -26.97 25.92
CA ASP E 79 18.64 -27.69 27.15
C ASP E 79 18.09 -29.08 26.88
N THR E 80 17.31 -29.26 25.79
CA THR E 80 16.84 -30.60 25.46
C THR E 80 17.99 -31.50 25.04
N ILE E 81 18.95 -30.96 24.28
CA ILE E 81 20.14 -31.74 23.93
C ILE E 81 20.88 -32.18 25.19
N GLN E 82 21.05 -31.26 26.15
CA GLN E 82 21.80 -31.58 27.35
C GLN E 82 21.04 -32.54 28.26
N HIS E 83 19.71 -32.56 28.16
CA HIS E 83 18.90 -33.35 29.09
C HIS E 83 18.78 -34.80 28.65
N ILE E 84 18.60 -35.06 27.36
CA ILE E 84 18.37 -36.43 26.89
C ILE E 84 19.65 -37.26 27.04
N LYS E 85 19.46 -38.58 27.07
CA LYS E 85 20.56 -39.53 27.26
C LYS E 85 21.46 -39.73 26.05
N PRO E 86 20.92 -39.88 24.84
CA PRO E 86 21.79 -40.10 23.69
C PRO E 86 22.70 -38.91 23.46
N ASP E 87 23.92 -39.19 23.01
CA ASP E 87 24.80 -38.14 22.52
C ASP E 87 24.21 -37.53 21.26
N VAL E 88 24.28 -36.20 21.15
CA VAL E 88 23.81 -35.48 19.97
C VAL E 88 25.04 -34.97 19.25
N GLN E 89 25.32 -35.54 18.08
CA GLN E 89 26.38 -35.04 17.24
C GLN E 89 25.88 -33.84 16.44
N THR E 90 26.71 -32.82 16.32
CA THR E 90 26.39 -31.63 15.54
C THR E 90 27.33 -31.57 14.34
N ILE E 91 26.76 -31.34 13.17
CA ILE E 91 27.51 -31.26 11.91
C ILE E 91 27.10 -29.97 11.22
N CYS E 92 28.04 -29.04 11.10
CA CYS E 92 27.76 -27.77 10.45
C CYS E 92 28.03 -27.87 8.96
N ILE E 93 27.01 -27.60 8.14
CA ILE E 93 27.15 -27.52 6.70
C ILE E 93 26.73 -26.12 6.26
N GLY E 94 27.55 -25.50 5.41
CA GLY E 94 27.21 -24.17 4.95
C GLY E 94 27.44 -23.08 5.98
N MET E 95 26.51 -22.95 6.94
CA MET E 95 26.45 -21.80 7.84
C MET E 95 25.97 -22.22 9.21
N ALA E 96 26.72 -21.83 10.25
CA ALA E 96 26.25 -21.86 11.63
C ALA E 96 26.59 -20.49 12.22
N ALA E 97 25.60 -19.60 12.29
CA ALA E 97 25.82 -18.25 12.78
C ALA E 97 24.97 -17.98 14.01
N SER E 98 25.53 -17.19 14.92
CA SER E 98 24.81 -16.68 16.10
C SER E 98 24.30 -17.87 16.90
N MET E 99 23.00 -17.96 17.21
CA MET E 99 22.47 -19.09 17.96
C MET E 99 22.74 -20.40 17.24
N GLY E 100 22.91 -20.36 15.92
CA GLY E 100 23.24 -21.58 15.20
C GLY E 100 24.62 -22.11 15.56
N SER E 101 25.60 -21.21 15.69
CA SER E 101 26.92 -21.63 16.13
C SER E 101 26.92 -22.00 17.61
N PHE E 102 26.02 -21.41 18.39
CA PHE E 102 25.88 -21.81 19.78
C PHE E 102 25.40 -23.25 19.89
N LEU E 103 24.42 -23.63 19.08
CA LEU E 103 23.96 -25.02 19.08
C LEU E 103 25.02 -25.96 18.51
N LEU E 104 25.83 -25.49 17.56
CA LEU E 104 26.92 -26.31 17.04
C LEU E 104 27.90 -26.67 18.15
N ALA E 105 28.26 -25.70 19.00
CA ALA E 105 29.15 -25.97 20.12
C ALA E 105 28.50 -26.79 21.21
N ALA E 106 27.18 -27.00 21.14
CA ALA E 106 26.43 -27.72 22.15
C ALA E 106 26.41 -29.23 21.94
N GLY E 107 26.94 -29.72 20.82
CA GLY E 107 26.95 -31.15 20.58
C GLY E 107 27.80 -31.89 21.59
N ALA E 108 27.68 -33.22 21.58
CA ALA E 108 28.46 -34.05 22.49
C ALA E 108 29.94 -33.82 22.24
N LYS E 109 30.69 -33.62 23.33
CA LYS E 109 32.12 -33.35 23.22
C LYS E 109 32.82 -34.50 22.49
N GLY E 110 33.64 -34.14 21.49
CA GLY E 110 34.25 -35.13 20.63
C GLY E 110 33.44 -35.45 19.38
N LYS E 111 32.18 -35.01 19.32
CA LYS E 111 31.28 -35.33 18.22
C LYS E 111 30.68 -34.07 17.60
N ARG E 112 31.44 -32.98 17.60
CA ARG E 112 31.02 -31.72 16.98
C ARG E 112 31.88 -31.49 15.75
N PHE E 113 31.23 -31.35 14.59
CA PHE E 113 31.89 -31.34 13.30
C PHE E 113 31.46 -30.14 12.47
N ALA E 114 32.30 -29.81 11.49
CA ALA E 114 31.97 -28.87 10.44
C ALA E 114 32.63 -29.34 9.17
N LEU E 115 31.92 -29.18 8.05
CA LEU E 115 32.49 -29.52 6.77
C LEU E 115 33.56 -28.48 6.39
N PRO E 116 34.51 -28.85 5.52
CA PRO E 116 35.68 -27.99 5.30
C PRO E 116 35.37 -26.57 4.87
N ASN E 117 34.32 -26.36 4.07
CA ASN E 117 34.01 -25.02 3.60
C ASN E 117 32.84 -24.39 4.34
N ALA E 118 32.34 -25.05 5.39
CA ALA E 118 31.31 -24.45 6.21
C ALA E 118 31.87 -23.25 6.95
N GLU E 119 30.99 -22.31 7.26
CA GLU E 119 31.37 -21.07 7.92
C GLU E 119 30.66 -20.98 9.27
N VAL E 120 31.37 -20.44 10.25
CA VAL E 120 30.85 -20.28 11.60
C VAL E 120 31.01 -18.81 11.99
N MET E 121 29.94 -18.22 12.50
CA MET E 121 29.97 -16.82 12.92
C MET E 121 29.41 -16.69 14.33
N ILE E 122 30.12 -15.95 15.16
CA ILE E 122 29.71 -15.67 16.53
C ILE E 122 29.64 -14.16 16.71
N HIS E 123 28.66 -13.70 17.48
CA HIS E 123 28.53 -12.30 17.81
C HIS E 123 27.61 -12.17 19.02
N GLN E 124 27.50 -10.96 19.54
CA GLN E 124 26.67 -10.71 20.71
C GLN E 124 25.20 -10.65 20.32
N PRO E 125 24.29 -10.90 21.26
CA PRO E 125 22.86 -10.97 20.91
C PRO E 125 22.32 -9.63 20.43
N LEU E 126 21.24 -9.72 19.66
CA LEU E 126 20.55 -8.58 19.10
C LEU E 126 19.17 -8.45 19.72
N GLY E 127 18.68 -7.23 19.83
CA GLY E 127 17.38 -7.00 20.40
C GLY E 127 16.92 -5.58 20.21
N GLY E 128 15.82 -5.25 20.88
CA GLY E 128 15.26 -3.91 20.79
C GLY E 128 14.47 -3.56 22.03
N ALA E 129 14.22 -2.26 22.20
CA ALA E 129 13.45 -1.79 23.34
C ALA E 129 12.85 -0.44 22.99
N GLN E 130 11.61 -0.21 23.43
CA GLN E 130 10.94 1.05 23.21
C GLN E 130 9.99 1.32 24.36
N GLY E 131 9.85 2.59 24.71
CA GLY E 131 8.93 3.01 25.76
C GLY E 131 9.59 3.85 26.81
N GLN E 132 9.15 3.71 28.07
CA GLN E 132 9.68 4.53 29.15
C GLN E 132 11.13 4.15 29.46
N ALA E 133 11.82 5.10 30.11
CA ALA E 133 13.21 4.86 30.49
C ALA E 133 13.32 3.61 31.37
N THR E 134 12.35 3.41 32.26
CA THR E 134 12.35 2.22 33.10
C THR E 134 12.21 0.95 32.27
N GLU E 135 11.37 0.98 31.23
CA GLU E 135 11.20 -0.19 30.37
C GLU E 135 12.46 -0.47 29.56
N ILE E 136 13.12 0.57 29.06
CA ILE E 136 14.37 0.37 28.33
C ILE E 136 15.45 -0.18 29.25
N GLU E 137 15.49 0.29 30.50
CA GLU E 137 16.47 -0.24 31.45
C GLU E 137 16.22 -1.72 31.72
N ILE E 138 14.96 -2.12 31.89
CA ILE E 138 14.64 -3.53 32.13
C ILE E 138 15.07 -4.38 30.95
N ALA E 139 14.78 -3.94 29.73
CA ALA E 139 15.17 -4.70 28.54
C ALA E 139 16.69 -4.75 28.38
N ALA E 140 17.37 -3.65 28.70
CA ALA E 140 18.83 -3.65 28.57
C ALA E 140 19.46 -4.59 29.59
N ASN E 141 19.00 -4.55 30.84
CA ASN E 141 19.53 -5.48 31.84
C ASN E 141 19.29 -6.92 31.43
N HIS E 142 18.13 -7.20 30.80
CA HIS E 142 17.81 -8.56 30.40
C HIS E 142 18.71 -9.05 29.28
N ILE E 143 18.92 -8.23 28.24
CA ILE E 143 19.74 -8.70 27.14
C ILE E 143 21.21 -8.76 27.58
N LEU E 144 21.63 -7.88 28.49
CA LEU E 144 22.98 -7.97 29.02
C LEU E 144 23.16 -9.23 29.84
N LYS E 145 22.17 -9.57 30.68
CA LYS E 145 22.23 -10.83 31.40
C LYS E 145 22.12 -12.04 30.46
N THR E 146 21.36 -11.92 29.36
CA THR E 146 21.30 -13.02 28.40
C THR E 146 22.66 -13.27 27.76
N ARG E 147 23.37 -12.19 27.41
CA ARG E 147 24.70 -12.34 26.82
C ARG E 147 25.66 -12.99 27.81
N GLU E 148 25.59 -12.62 29.09
CA GLU E 148 26.45 -13.27 30.07
C GLU E 148 26.17 -14.77 30.17
N LYS E 149 24.90 -15.17 30.11
CA LYS E 149 24.56 -16.58 30.10
C LYS E 149 25.12 -17.28 28.86
N LEU E 150 25.01 -16.64 27.70
CA LEU E 150 25.56 -17.23 26.49
C LEU E 150 27.08 -17.36 26.57
N ASN E 151 27.76 -16.32 27.06
CA ASN E 151 29.22 -16.34 27.12
C ASN E 151 29.73 -17.35 28.13
N ARG E 152 29.04 -17.48 29.27
CA ARG E 152 29.46 -18.46 30.27
C ARG E 152 29.39 -19.87 29.69
N ILE E 153 28.27 -20.21 29.05
CA ILE E 153 28.14 -21.54 28.47
C ILE E 153 29.13 -21.72 27.33
N LEU E 154 29.27 -20.70 26.46
CA LEU E 154 30.25 -20.80 25.39
C LEU E 154 31.65 -21.03 25.95
N SER E 155 31.96 -20.39 27.08
CA SER E 155 33.24 -20.63 27.73
C SER E 155 33.38 -22.08 28.17
N GLU E 156 32.29 -22.65 28.71
CA GLU E 156 32.32 -24.02 29.17
C GLU E 156 32.48 -25.01 28.03
N ARG E 157 31.94 -24.71 26.84
CA ARG E 157 31.95 -25.68 25.75
C ARG E 157 33.17 -25.53 24.85
N THR E 158 33.84 -24.38 24.86
CA THR E 158 35.01 -24.16 24.03
C THR E 158 36.33 -24.15 24.78
N GLY E 159 36.31 -23.94 26.09
CA GLY E 159 37.54 -23.80 26.84
C GLY E 159 38.13 -22.41 26.84
N GLN E 160 37.58 -21.48 26.07
CA GLN E 160 38.07 -20.10 26.09
C GLN E 160 37.55 -19.38 27.33
N SER E 161 38.28 -18.35 27.74
CA SER E 161 37.85 -17.56 28.87
C SER E 161 36.63 -16.72 28.51
N ILE E 162 35.88 -16.34 29.54
CA ILE E 162 34.68 -15.55 29.32
C ILE E 162 35.02 -14.18 28.74
N GLU E 163 36.11 -13.57 29.22
CA GLU E 163 36.52 -12.26 28.71
C GLU E 163 36.95 -12.35 27.25
N LYS E 164 37.57 -13.46 26.86
CA LYS E 164 37.94 -13.64 25.47
C LYS E 164 36.71 -13.75 24.56
N ILE E 165 35.72 -14.55 24.98
CA ILE E 165 34.46 -14.64 24.24
C ILE E 165 33.78 -13.29 24.13
N GLN E 166 33.79 -12.51 25.23
CA GLN E 166 33.21 -11.18 25.21
C GLN E 166 33.89 -10.33 24.14
N GLN E 167 35.21 -10.41 24.06
CA GLN E 167 35.96 -9.63 23.09
C GLN E 167 35.75 -10.13 21.67
N ASP E 168 35.64 -11.46 21.50
CA ASP E 168 35.48 -12.05 20.18
C ASP E 168 34.06 -11.96 19.63
N THR E 169 33.08 -11.60 20.46
CA THR E 169 31.70 -11.47 20.02
C THR E 169 31.24 -10.02 19.99
N ASP E 170 32.13 -9.07 20.22
CA ASP E 170 31.73 -7.66 20.21
C ASP E 170 31.20 -7.26 18.84
N ARG E 171 31.76 -7.82 17.77
CA ARG E 171 31.29 -7.61 16.41
C ARG E 171 31.15 -8.97 15.75
N ASP E 172 30.52 -8.99 14.57
CA ASP E 172 30.41 -10.22 13.80
C ASP E 172 31.80 -10.80 13.55
N ASN E 173 32.00 -12.04 13.99
CA ASN E 173 33.29 -12.72 13.88
C ASN E 173 33.10 -13.98 13.05
N PHE E 174 33.59 -13.97 11.81
CA PHE E 174 33.46 -15.11 10.91
C PHE E 174 34.69 -16.00 11.03
N LEU E 175 34.46 -17.31 11.17
CA LEU E 175 35.53 -18.29 11.27
C LEU E 175 35.33 -19.38 10.22
N THR E 176 36.44 -19.83 9.64
CA THR E 176 36.43 -21.02 8.82
C THR E 176 36.26 -22.26 9.72
N ALA E 177 36.07 -23.41 9.07
CA ALA E 177 35.93 -24.65 9.82
C ALA E 177 37.17 -24.93 10.66
N ALA E 178 38.36 -24.74 10.09
CA ALA E 178 39.59 -24.96 10.83
C ALA E 178 39.74 -23.99 11.99
N GLU E 179 39.41 -22.72 11.77
CA GLU E 179 39.46 -21.76 12.87
C GLU E 179 38.43 -22.10 13.96
N ALA E 180 37.27 -22.65 13.56
CA ALA E 180 36.29 -23.05 14.56
C ALA E 180 36.80 -24.20 15.43
N LYS E 181 37.59 -25.10 14.84
CA LYS E 181 38.22 -26.18 15.60
C LYS E 181 39.30 -25.65 16.53
N GLU E 182 40.13 -24.73 16.04
CA GLU E 182 41.13 -24.09 16.89
C GLU E 182 40.48 -23.37 18.07
N TYR E 183 39.34 -22.75 17.83
CA TYR E 183 38.67 -21.99 18.88
C TYR E 183 37.97 -22.89 19.90
N GLY E 184 37.65 -24.13 19.54
CA GLY E 184 36.92 -25.01 20.43
C GLY E 184 35.43 -25.10 20.18
N LEU E 185 34.93 -24.47 19.11
CA LEU E 185 33.50 -24.55 18.80
C LEU E 185 33.13 -25.92 18.25
N ILE E 186 34.04 -26.55 17.51
CA ILE E 186 33.85 -27.91 17.02
C ILE E 186 35.07 -28.72 17.42
N ASP E 187 34.95 -30.04 17.24
CA ASP E 187 36.02 -30.96 17.56
C ASP E 187 36.82 -31.40 16.33
N GLU E 188 36.18 -31.53 15.19
CA GLU E 188 36.86 -32.07 14.02
C GLU E 188 36.29 -31.44 12.77
N VAL E 189 37.16 -31.20 11.78
CA VAL E 189 36.72 -30.87 10.43
C VAL E 189 36.56 -32.18 9.66
N MET E 190 35.33 -32.49 9.24
CA MET E 190 35.08 -33.74 8.52
C MET E 190 35.73 -33.67 7.15
N GLU E 191 36.75 -34.47 6.95
CA GLU E 191 37.41 -34.49 5.65
C GLU E 191 36.67 -35.44 4.72
N PRO E 192 36.78 -35.24 3.40
CA PRO E 192 36.01 -36.07 2.45
C PRO E 192 36.30 -37.55 2.62
N GLU E 193 35.23 -38.32 2.78
CA GLU E 193 35.31 -39.76 2.95
C GLU E 193 35.27 -40.48 1.59
N ILE F 4 6.51 -30.80 11.59
CA ILE F 4 6.43 -31.24 10.20
C ILE F 4 6.67 -32.74 9.94
N PRO F 5 7.70 -33.36 10.54
CA PRO F 5 8.07 -34.71 10.12
C PRO F 5 6.99 -35.73 10.43
N THR F 6 7.01 -36.82 9.67
CA THR F 6 6.07 -37.92 9.79
C THR F 6 6.77 -39.11 10.45
N VAL F 7 6.02 -39.88 11.23
CA VAL F 7 6.56 -40.99 12.02
C VAL F 7 5.80 -42.27 11.71
N ILE F 8 6.54 -43.39 11.65
CA ILE F 8 5.93 -44.70 11.42
C ILE F 8 5.20 -45.19 12.67
N GLU F 9 4.32 -46.17 12.46
CA GLU F 9 3.66 -46.88 13.55
C GLU F 9 3.00 -48.16 13.05
N TYR F 18 1.54 -40.48 11.73
CA TYR F 18 1.51 -39.31 12.60
C TYR F 18 2.46 -38.23 12.14
N ASP F 19 2.19 -36.99 12.57
CA ASP F 19 3.23 -35.98 12.59
C ASP F 19 3.92 -36.09 13.96
N ILE F 20 5.04 -35.36 14.10
CA ILE F 20 5.84 -35.54 15.32
C ILE F 20 5.03 -35.21 16.56
N TYR F 21 4.08 -34.28 16.46
CA TYR F 21 3.28 -33.89 17.62
C TYR F 21 2.21 -34.92 17.94
N SER F 22 1.60 -35.52 16.91
CA SER F 22 0.62 -36.56 17.15
C SER F 22 1.26 -37.79 17.79
N ARG F 23 2.50 -38.09 17.40
CA ARG F 23 3.22 -39.21 17.99
C ARG F 23 3.49 -38.97 19.47
N LEU F 24 3.86 -37.74 19.83
CA LEU F 24 4.07 -37.43 21.25
C LEU F 24 2.76 -37.43 22.03
N LEU F 25 1.66 -37.05 21.39
CA LEU F 25 0.37 -37.05 22.07
C LEU F 25 -0.04 -38.45 22.53
N LYS F 26 0.36 -39.50 21.79
CA LYS F 26 0.06 -40.86 22.25
C LYS F 26 0.76 -41.17 23.57
N ASP F 27 1.91 -40.54 23.81
CA ASP F 27 2.62 -40.66 25.08
C ASP F 27 2.17 -39.59 26.07
N ARG F 28 1.00 -38.99 25.83
CA ARG F 28 0.37 -38.01 26.74
C ARG F 28 1.22 -36.75 26.89
N ILE F 29 1.89 -36.36 25.80
CA ILE F 29 2.71 -35.16 25.76
C ILE F 29 2.03 -34.15 24.84
N ILE F 30 1.82 -32.94 25.35
CA ILE F 30 1.21 -31.83 24.61
C ILE F 30 2.26 -30.74 24.48
N MET F 31 2.39 -30.18 23.27
CA MET F 31 3.38 -29.14 22.99
C MET F 31 2.69 -27.80 22.84
N LEU F 32 2.96 -26.89 23.77
CA LEU F 32 2.55 -25.49 23.65
C LEU F 32 3.81 -24.69 23.29
N GLY F 33 3.98 -24.39 22.00
CA GLY F 33 5.17 -23.71 21.55
C GLY F 33 4.89 -22.54 20.64
N SER F 34 3.87 -21.75 20.99
CA SER F 34 3.49 -20.61 20.18
C SER F 34 2.75 -19.62 21.06
N GLN F 35 2.34 -18.51 20.46
CA GLN F 35 1.48 -17.56 21.15
C GLN F 35 0.14 -18.22 21.48
N ILE F 36 -0.50 -17.72 22.53
CA ILE F 36 -1.76 -18.28 23.02
C ILE F 36 -2.90 -17.44 22.46
N ASP F 37 -3.63 -18.02 21.52
CA ASP F 37 -4.87 -17.42 21.03
C ASP F 37 -5.99 -18.45 21.14
N ASP F 38 -7.18 -18.10 20.65
CA ASP F 38 -8.32 -19.01 20.78
C ASP F 38 -8.08 -20.32 20.04
N ASN F 39 -7.41 -20.28 18.90
CA ASN F 39 -7.15 -21.51 18.15
C ASN F 39 -6.19 -22.43 18.92
N VAL F 40 -5.12 -21.88 19.46
CA VAL F 40 -4.18 -22.70 20.22
C VAL F 40 -4.85 -23.26 21.48
N ALA F 41 -5.56 -22.40 22.22
CA ALA F 41 -6.25 -22.85 23.42
C ALA F 41 -7.29 -23.91 23.08
N ASN F 42 -7.98 -23.73 21.95
CA ASN F 42 -8.94 -24.72 21.50
C ASN F 42 -8.27 -26.08 21.30
N SER F 43 -7.08 -26.09 20.69
CA SER F 43 -6.36 -27.33 20.46
C SER F 43 -5.86 -27.94 21.76
N ILE F 44 -5.29 -27.13 22.65
CA ILE F 44 -4.77 -27.66 23.92
C ILE F 44 -5.89 -28.26 24.74
N VAL F 45 -7.00 -27.53 24.85
CA VAL F 45 -8.15 -28.02 25.61
C VAL F 45 -8.65 -29.34 25.02
N SER F 46 -8.75 -29.41 23.69
CA SER F 46 -9.21 -30.64 23.06
C SER F 46 -8.26 -31.80 23.34
N GLN F 47 -6.95 -31.54 23.35
CA GLN F 47 -5.99 -32.60 23.62
C GLN F 47 -6.07 -33.07 25.06
N LEU F 48 -6.31 -32.14 25.99
CA LEU F 48 -6.46 -32.51 27.40
C LEU F 48 -7.69 -33.39 27.59
N LEU F 49 -8.82 -32.99 27.00
CA LEU F 49 -10.04 -33.79 27.09
C LEU F 49 -9.84 -35.15 26.44
N PHE F 50 -9.13 -35.20 25.31
CA PHE F 50 -8.88 -36.49 24.67
C PHE F 50 -8.03 -37.38 25.56
N LEU F 51 -6.97 -36.82 26.15
CA LEU F 51 -6.09 -37.63 26.99
C LEU F 51 -6.80 -38.12 28.24
N GLN F 52 -7.73 -37.33 28.79
CA GLN F 52 -8.51 -37.79 29.93
C GLN F 52 -9.43 -38.93 29.55
N ALA F 53 -10.08 -38.83 28.38
CA ALA F 53 -10.93 -39.91 27.90
C ALA F 53 -10.11 -41.17 27.63
N GLN F 54 -8.87 -41.00 27.17
CA GLN F 54 -7.99 -42.16 27.01
C GLN F 54 -7.67 -42.79 28.35
N ASP F 55 -7.34 -41.97 29.35
CA ASP F 55 -7.03 -42.47 30.69
C ASP F 55 -7.17 -41.30 31.65
N SER F 56 -8.11 -41.41 32.58
CA SER F 56 -8.37 -40.32 33.52
C SER F 56 -7.41 -40.32 34.71
N GLU F 57 -6.44 -41.24 34.73
CA GLU F 57 -5.52 -41.38 35.86
C GLU F 57 -4.08 -40.98 35.54
N LYS F 58 -3.54 -41.42 34.40
CA LYS F 58 -2.12 -41.16 34.12
C LYS F 58 -1.82 -39.69 33.86
N ASP F 59 -0.61 -39.29 34.25
CA ASP F 59 -0.17 -37.92 34.10
C ASP F 59 -0.16 -37.48 32.64
N ILE F 60 -0.28 -36.17 32.46
CA ILE F 60 -0.14 -35.52 31.17
C ILE F 60 1.07 -34.60 31.27
N TYR F 61 1.83 -34.48 30.18
CA TYR F 61 3.02 -33.66 30.13
C TYR F 61 2.80 -32.50 29.17
N LEU F 62 2.82 -31.29 29.70
CA LEU F 62 2.60 -30.08 28.93
C LEU F 62 3.91 -29.31 28.85
N TYR F 63 4.56 -29.35 27.69
CA TYR F 63 5.73 -28.52 27.45
C TYR F 63 5.29 -27.13 27.06
N ILE F 64 5.96 -26.12 27.63
CA ILE F 64 5.56 -24.74 27.45
C ILE F 64 6.77 -23.95 26.95
N ASN F 65 6.65 -23.41 25.72
CA ASN F 65 7.59 -22.44 25.15
C ASN F 65 6.70 -21.38 24.48
N SER F 66 6.29 -20.38 25.26
CA SER F 66 5.28 -19.44 24.80
C SER F 66 5.57 -18.03 25.29
N PRO F 67 5.40 -17.02 24.43
CA PRO F 67 5.50 -15.63 24.89
C PRO F 67 4.21 -15.12 25.51
N GLY F 68 3.18 -15.95 25.61
CA GLY F 68 1.89 -15.52 26.13
C GLY F 68 0.82 -15.36 25.07
N GLY F 69 -0.16 -14.52 25.33
CA GLY F 69 -1.21 -14.26 24.38
C GLY F 69 -2.50 -13.90 25.11
N SER F 70 -3.62 -14.36 24.56
CA SER F 70 -4.93 -14.01 25.10
C SER F 70 -5.11 -14.57 26.51
N VAL F 71 -5.57 -13.70 27.42
CA VAL F 71 -5.78 -14.12 28.81
C VAL F 71 -6.96 -15.10 28.90
N THR F 72 -8.05 -14.81 28.20
CA THR F 72 -9.21 -15.69 28.24
C THR F 72 -8.89 -17.03 27.59
N ALA F 73 -8.08 -17.02 26.53
CA ALA F 73 -7.65 -18.28 25.94
C ALA F 73 -6.79 -19.07 26.92
N GLY F 74 -5.93 -18.38 27.68
CA GLY F 74 -5.13 -19.06 28.67
C GLY F 74 -5.97 -19.62 29.81
N PHE F 75 -7.03 -18.92 30.19
CA PHE F 75 -7.91 -19.42 31.24
C PHE F 75 -8.74 -20.59 30.77
N ALA F 76 -9.01 -20.67 29.46
CA ALA F 76 -9.61 -21.89 28.93
C ALA F 76 -8.67 -23.07 29.15
N ILE F 77 -7.36 -22.87 28.94
CA ILE F 77 -6.41 -23.95 29.19
C ILE F 77 -6.29 -24.20 30.69
N TYR F 78 -6.19 -23.12 31.49
CA TYR F 78 -6.03 -23.25 32.93
C TYR F 78 -7.17 -24.04 33.56
N ASP F 79 -8.42 -23.62 33.30
CA ASP F 79 -9.56 -24.27 33.91
C ASP F 79 -9.68 -25.72 33.46
N THR F 80 -9.30 -26.03 32.22
CA THR F 80 -9.34 -27.41 31.76
C THR F 80 -8.31 -28.25 32.50
N ILE F 81 -7.12 -27.70 32.74
CA ILE F 81 -6.12 -28.41 33.55
C ILE F 81 -6.67 -28.69 34.94
N GLN F 82 -7.28 -27.69 35.58
CA GLN F 82 -7.76 -27.86 36.94
C GLN F 82 -8.96 -28.80 36.99
N HIS F 83 -9.70 -28.92 35.90
CA HIS F 83 -10.95 -29.68 35.90
C HIS F 83 -10.72 -31.17 35.69
N ILE F 84 -9.80 -31.55 34.80
CA ILE F 84 -9.63 -32.97 34.50
C ILE F 84 -9.00 -33.70 35.67
N LYS F 85 -9.19 -35.02 35.69
CA LYS F 85 -8.70 -35.87 36.77
C LYS F 85 -7.18 -36.05 36.70
N PRO F 86 -6.58 -36.31 35.54
CA PRO F 86 -5.12 -36.52 35.51
C PRO F 86 -4.36 -35.26 35.93
N ASP F 87 -3.23 -35.48 36.60
CA ASP F 87 -2.28 -34.41 36.83
C ASP F 87 -1.63 -33.99 35.52
N VAL F 88 -1.46 -32.68 35.35
CA VAL F 88 -0.79 -32.12 34.18
C VAL F 88 0.56 -31.58 34.63
N GLN F 89 1.64 -32.22 34.19
CA GLN F 89 2.98 -31.71 34.44
C GLN F 89 3.32 -30.61 33.44
N THR F 90 3.95 -29.55 33.92
CA THR F 90 4.39 -28.45 33.07
C THR F 90 5.92 -28.40 33.03
N ILE F 91 6.47 -28.26 31.83
CA ILE F 91 7.91 -28.19 31.60
C ILE F 91 8.19 -26.97 30.76
N CYS F 92 8.90 -26.00 31.33
CA CYS F 92 9.25 -24.79 30.60
C CYS F 92 10.57 -25.02 29.86
N ILE F 93 10.53 -24.87 28.54
CA ILE F 93 11.72 -24.91 27.69
C ILE F 93 11.79 -23.58 26.95
N GLY F 94 12.99 -22.99 26.91
CA GLY F 94 13.17 -21.73 26.24
C GLY F 94 12.61 -20.57 27.04
N MET F 95 11.31 -20.31 26.91
CA MET F 95 10.69 -19.13 27.50
C MET F 95 9.25 -19.40 27.86
N ALA F 96 8.85 -18.98 29.06
CA ALA F 96 7.45 -18.94 29.47
C ALA F 96 7.17 -17.53 29.99
N ALA F 97 6.53 -16.71 29.15
CA ALA F 97 6.26 -15.32 29.48
C ALA F 97 4.77 -15.07 29.57
N SER F 98 4.39 -14.17 30.47
CA SER F 98 3.03 -13.64 30.57
C SER F 98 2.07 -14.80 30.80
N MET F 99 1.03 -14.98 29.97
CA MET F 99 0.10 -16.08 30.17
C MET F 99 0.81 -17.43 30.10
N GLY F 100 1.95 -17.49 29.42
CA GLY F 100 2.72 -18.72 29.39
C GLY F 100 3.32 -19.07 30.75
N SER F 101 3.84 -18.06 31.47
CA SER F 101 4.35 -18.34 32.81
C SER F 101 3.21 -18.62 33.79
N PHE F 102 2.02 -18.07 33.53
CA PHE F 102 0.85 -18.40 34.35
C PHE F 102 0.49 -19.87 34.22
N LEU F 103 0.44 -20.36 32.97
CA LEU F 103 0.13 -21.77 32.75
C LEU F 103 1.23 -22.68 33.29
N LEU F 104 2.48 -22.22 33.25
CA LEU F 104 3.58 -22.97 33.85
C LEU F 104 3.33 -23.18 35.34
N ALA F 105 2.94 -22.12 36.03
CA ALA F 105 2.63 -22.23 37.46
C ALA F 105 1.34 -23.01 37.71
N ALA F 106 0.56 -23.29 36.66
CA ALA F 106 -0.71 -23.96 36.81
C ALA F 106 -0.60 -25.49 36.83
N GLY F 107 0.58 -26.04 36.56
CA GLY F 107 0.74 -27.47 36.56
C GLY F 107 0.54 -28.07 37.94
N ALA F 108 0.45 -29.39 37.97
CA ALA F 108 0.28 -30.10 39.24
C ALA F 108 1.42 -29.76 40.20
N LYS F 109 1.07 -29.41 41.43
CA LYS F 109 2.08 -29.07 42.42
C LYS F 109 3.04 -30.24 42.62
N GLY F 110 4.34 -29.94 42.56
CA GLY F 110 5.37 -30.97 42.58
C GLY F 110 5.79 -31.45 41.21
N LYS F 111 5.05 -31.09 40.16
CA LYS F 111 5.33 -31.51 38.79
C LYS F 111 5.43 -30.33 37.83
N ARG F 112 5.92 -29.19 38.33
CA ARG F 112 6.16 -28.00 37.52
C ARG F 112 7.67 -27.83 37.38
N PHE F 113 8.16 -27.81 36.15
CA PHE F 113 9.59 -27.84 35.88
C PHE F 113 10.00 -26.75 34.91
N ALA F 114 11.28 -26.44 34.94
CA ALA F 114 11.92 -25.59 33.94
C ALA F 114 13.32 -26.13 33.70
N LEU F 115 13.74 -26.12 32.45
CA LEU F 115 15.09 -26.55 32.12
C LEU F 115 16.08 -25.47 32.60
N PRO F 116 17.35 -25.83 32.81
CA PRO F 116 18.26 -24.91 33.52
C PRO F 116 18.37 -23.52 32.90
N ASN F 117 18.33 -23.42 31.57
CA ASN F 117 18.49 -22.13 30.89
C ASN F 117 17.17 -21.58 30.37
N ALA F 118 16.05 -22.21 30.71
CA ALA F 118 14.76 -21.64 30.35
C ALA F 118 14.54 -20.33 31.10
N GLU F 119 13.71 -19.48 30.52
CA GLU F 119 13.43 -18.17 31.08
C GLU F 119 11.95 -18.06 31.42
N VAL F 120 11.66 -17.39 32.53
CA VAL F 120 10.30 -17.17 32.99
C VAL F 120 10.12 -15.67 33.17
N MET F 121 9.05 -15.13 32.60
CA MET F 121 8.76 -13.70 32.68
C MET F 121 7.33 -13.50 33.16
N ILE F 122 7.15 -12.60 34.12
CA ILE F 122 5.84 -12.26 34.66
C ILE F 122 5.66 -10.75 34.51
N HIS F 123 4.44 -10.35 34.18
CA HIS F 123 4.14 -8.93 34.05
C HIS F 123 2.62 -8.76 34.12
N GLN F 124 2.22 -7.54 34.06
CA GLN F 124 0.84 -7.11 34.13
C GLN F 124 0.13 -7.37 32.80
N PRO F 125 -1.19 -7.63 32.82
CA PRO F 125 -1.90 -7.88 31.57
C PRO F 125 -1.97 -6.63 30.71
N LEU F 126 -2.10 -6.84 29.40
CA LEU F 126 -2.14 -5.78 28.41
C LEU F 126 -3.52 -5.72 27.75
N GLY F 127 -3.90 -4.52 27.31
CA GLY F 127 -5.19 -4.38 26.66
C GLY F 127 -5.34 -3.03 25.99
N GLY F 128 -6.56 -2.76 25.56
CA GLY F 128 -6.87 -1.51 24.90
C GLY F 128 -8.33 -1.16 25.12
N ALA F 129 -8.64 0.11 24.87
CA ALA F 129 -10.01 0.60 25.05
C ALA F 129 -10.20 1.82 24.16
N GLN F 130 -11.38 1.93 23.56
CA GLN F 130 -11.65 3.04 22.66
C GLN F 130 -13.14 3.38 22.75
N GLY F 131 -13.46 4.67 22.68
CA GLY F 131 -14.84 5.09 22.67
C GLY F 131 -15.23 6.11 23.72
N GLN F 132 -16.47 6.05 24.20
CA GLN F 132 -16.96 6.98 25.21
C GLN F 132 -16.31 6.72 26.56
N ALA F 133 -16.39 7.73 27.44
CA ALA F 133 -15.81 7.62 28.77
C ALA F 133 -16.36 6.43 29.53
N THR F 134 -17.67 6.18 29.43
CA THR F 134 -18.25 5.00 30.08
C THR F 134 -17.70 3.72 29.50
N GLU F 135 -17.50 3.67 28.18
CA GLU F 135 -16.93 2.47 27.57
C GLU F 135 -15.49 2.27 28.03
N ILE F 136 -14.75 3.36 28.17
CA ILE F 136 -13.39 3.26 28.66
C ILE F 136 -13.38 2.80 30.13
N GLU F 137 -14.34 3.29 30.91
CA GLU F 137 -14.44 2.89 32.32
C GLU F 137 -14.79 1.41 32.44
N ILE F 138 -15.70 0.91 31.61
CA ILE F 138 -16.05 -0.50 31.65
C ILE F 138 -14.83 -1.35 31.32
N ALA F 139 -14.07 -0.95 30.29
CA ALA F 139 -12.89 -1.72 29.88
C ALA F 139 -11.81 -1.69 30.95
N ALA F 140 -11.62 -0.56 31.63
CA ALA F 140 -10.62 -0.47 32.68
C ALA F 140 -10.99 -1.35 33.87
N ASN F 141 -12.25 -1.28 34.30
CA ASN F 141 -12.68 -2.10 35.42
C ASN F 141 -12.49 -3.58 35.10
N HIS F 142 -12.79 -3.98 33.86
CA HIS F 142 -12.66 -5.39 33.50
C HIS F 142 -11.21 -5.84 33.53
N ILE F 143 -10.31 -5.05 32.94
CA ILE F 143 -8.91 -5.48 32.91
C ILE F 143 -8.30 -5.43 34.30
N LEU F 144 -8.81 -4.55 35.18
CA LEU F 144 -8.34 -4.55 36.56
C LEU F 144 -8.81 -5.79 37.30
N LYS F 145 -10.07 -6.20 37.10
CA LYS F 145 -10.51 -7.44 37.71
C LYS F 145 -9.77 -8.64 37.13
N THR F 146 -9.43 -8.57 35.84
CA THR F 146 -8.67 -9.67 35.24
C THR F 146 -7.29 -9.78 35.88
N ARG F 147 -6.63 -8.64 36.12
CA ARG F 147 -5.32 -8.69 36.77
C ARG F 147 -5.42 -9.24 38.19
N GLU F 148 -6.44 -8.80 38.93
CA GLU F 148 -6.61 -9.31 40.29
C GLU F 148 -6.85 -10.82 40.29
N LYS F 149 -7.63 -11.31 39.33
CA LYS F 149 -7.85 -12.75 39.22
C LYS F 149 -6.56 -13.49 38.94
N LEU F 150 -5.72 -12.97 38.03
CA LEU F 150 -4.44 -13.61 37.75
C LEU F 150 -3.53 -13.59 38.96
N ASN F 151 -3.44 -12.45 39.65
CA ASN F 151 -2.53 -12.33 40.78
C ASN F 151 -3.01 -13.15 41.98
N ARG F 152 -4.31 -13.21 42.21
CA ARG F 152 -4.84 -14.04 43.29
C ARG F 152 -4.47 -15.51 43.07
N ILE F 153 -4.70 -16.02 41.87
CA ILE F 153 -4.36 -17.40 41.56
C ILE F 153 -2.86 -17.60 41.62
N LEU F 154 -2.09 -16.66 41.08
CA LEU F 154 -0.63 -16.77 41.15
C LEU F 154 -0.15 -16.84 42.59
N SER F 155 -0.79 -16.07 43.47
CA SER F 155 -0.41 -16.10 44.89
C SER F 155 -0.68 -17.47 45.51
N GLU F 156 -1.81 -18.08 45.16
CA GLU F 156 -2.17 -19.38 45.71
C GLU F 156 -1.25 -20.49 45.22
N ARG F 157 -0.75 -20.38 43.99
CA ARG F 157 0.05 -21.45 43.42
C ARG F 157 1.54 -21.31 43.67
N THR F 158 2.00 -20.12 44.09
CA THR F 158 3.40 -19.92 44.40
C THR F 158 3.69 -19.79 45.89
N GLY F 159 2.69 -19.46 46.69
CA GLY F 159 2.91 -19.18 48.10
C GLY F 159 3.32 -17.75 48.42
N GLN F 160 3.56 -16.92 47.43
CA GLN F 160 3.88 -15.52 47.68
C GLN F 160 2.62 -14.75 48.04
N SER F 161 2.80 -13.65 48.77
CA SER F 161 1.65 -12.82 49.10
C SER F 161 1.18 -12.08 47.84
N ILE F 162 -0.09 -11.68 47.86
CA ILE F 162 -0.67 -11.02 46.70
C ILE F 162 0.01 -9.67 46.43
N GLU F 163 0.32 -8.91 47.50
CA GLU F 163 0.98 -7.62 47.29
C GLU F 163 2.37 -7.81 46.71
N LYS F 164 3.08 -8.88 47.08
CA LYS F 164 4.35 -9.17 46.44
C LYS F 164 4.17 -9.52 44.97
N ILE F 165 3.15 -10.32 44.64
CA ILE F 165 2.85 -10.61 43.23
C ILE F 165 2.56 -9.32 42.48
N GLN F 166 1.77 -8.44 43.09
CA GLN F 166 1.37 -7.19 42.45
C GLN F 166 2.58 -6.32 42.11
N GLN F 167 3.54 -6.18 43.04
CA GLN F 167 4.70 -5.34 42.76
C GLN F 167 5.65 -6.02 41.79
N ASP F 168 5.75 -7.36 41.84
CA ASP F 168 6.67 -8.08 40.97
C ASP F 168 6.15 -8.22 39.54
N THR F 169 4.88 -7.90 39.30
CA THR F 169 4.32 -7.93 37.95
C THR F 169 4.02 -6.54 37.41
N ASP F 170 4.36 -5.48 38.15
CA ASP F 170 4.08 -4.13 37.68
C ASP F 170 4.81 -3.84 36.37
N ARG F 171 6.01 -4.38 36.22
CA ARG F 171 6.81 -4.25 35.01
C ARG F 171 7.26 -5.64 34.58
N ASP F 172 7.84 -5.71 33.38
CA ASP F 172 8.43 -6.96 32.91
C ASP F 172 9.47 -7.45 33.91
N ASN F 173 9.26 -8.65 34.43
CA ASN F 173 10.14 -9.22 35.44
C ASN F 173 10.66 -10.56 34.94
N PHE F 174 11.93 -10.60 34.54
CA PHE F 174 12.57 -11.81 34.02
C PHE F 174 13.21 -12.60 35.15
N LEU F 175 12.99 -13.92 35.16
CA LEU F 175 13.53 -14.82 36.16
C LEU F 175 14.26 -15.98 35.49
N THR F 176 15.40 -16.36 36.05
CA THR F 176 16.02 -17.61 35.64
C THR F 176 15.20 -18.80 36.14
N ALA F 177 15.57 -19.99 35.67
CA ALA F 177 14.91 -21.20 36.13
C ALA F 177 15.09 -21.38 37.64
N ALA F 178 16.28 -21.13 38.14
CA ALA F 178 16.53 -21.25 39.58
C ALA F 178 15.72 -20.21 40.37
N GLU F 179 15.65 -18.97 39.88
CA GLU F 179 14.84 -17.95 40.54
C GLU F 179 13.36 -18.30 40.49
N ALA F 180 12.92 -18.91 39.40
CA ALA F 180 11.52 -19.32 39.29
C ALA F 180 11.16 -20.40 40.31
N LYS F 181 12.10 -21.31 40.58
CA LYS F 181 11.86 -22.28 41.66
C LYS F 181 11.84 -21.60 43.02
N GLU F 182 12.78 -20.69 43.26
CA GLU F 182 12.79 -19.95 44.52
C GLU F 182 11.50 -19.16 44.72
N TYR F 183 10.94 -18.64 43.63
CA TYR F 183 9.73 -17.83 43.71
C TYR F 183 8.48 -18.66 43.96
N GLY F 184 8.49 -19.94 43.60
CA GLY F 184 7.32 -20.79 43.69
C GLY F 184 6.58 -20.98 42.38
N LEU F 185 7.09 -20.43 41.28
CA LEU F 185 6.44 -20.61 39.99
C LEU F 185 6.63 -22.03 39.47
N ILE F 186 7.75 -22.65 39.80
CA ILE F 186 8.01 -24.05 39.50
C ILE F 186 8.43 -24.76 40.78
N ASP F 187 8.51 -26.08 40.70
CA ASP F 187 8.94 -26.88 41.83
C ASP F 187 10.38 -27.35 41.71
N GLU F 188 10.85 -27.62 40.50
CA GLU F 188 12.20 -28.14 40.31
C GLU F 188 12.78 -27.61 39.02
N VAL F 189 14.08 -27.35 39.03
CA VAL F 189 14.83 -27.13 37.81
C VAL F 189 15.25 -28.51 37.32
N MET F 190 14.69 -28.93 36.19
CA MET F 190 14.97 -30.25 35.61
C MET F 190 16.40 -30.30 35.08
N GLU F 191 17.32 -31.04 35.84
CA GLU F 191 18.74 -31.22 35.53
C GLU F 191 18.96 -32.43 34.64
N PRO F 192 20.06 -32.45 33.87
CA PRO F 192 20.30 -33.59 32.98
C PRO F 192 20.36 -34.88 33.77
N GLU F 193 19.48 -35.82 33.41
CA GLU F 193 19.27 -37.04 34.20
C GLU F 193 20.57 -37.82 34.41
N ILE G 4 -4.98 -29.63 15.04
CA ILE G 4 -3.82 -29.93 14.19
C ILE G 4 -3.16 -31.30 14.46
N PRO G 5 -2.98 -31.75 15.75
CA PRO G 5 -2.15 -32.94 15.98
C PRO G 5 -2.74 -34.18 15.37
N THR G 6 -3.60 -34.87 16.13
CA THR G 6 -4.27 -36.04 15.63
C THR G 6 -5.64 -35.50 15.32
N TYR G 18 -8.04 -38.85 11.77
CA TYR G 18 -8.90 -37.82 12.34
C TYR G 18 -8.09 -36.59 12.74
N ASP G 19 -8.76 -35.46 12.84
CA ASP G 19 -8.21 -34.37 13.65
C ASP G 19 -8.72 -34.52 15.08
N ILE G 20 -8.12 -33.74 16.00
CA ILE G 20 -8.47 -33.88 17.40
C ILE G 20 -9.94 -33.60 17.63
N TYR G 21 -10.52 -32.72 16.80
CA TYR G 21 -11.93 -32.35 16.95
C TYR G 21 -12.83 -33.47 16.47
N SER G 22 -12.40 -34.18 15.41
CA SER G 22 -13.14 -35.34 14.94
C SER G 22 -13.14 -36.45 15.98
N ARG G 23 -12.04 -36.60 16.71
CA ARG G 23 -12.01 -37.57 17.80
C ARG G 23 -12.98 -37.18 18.90
N LEU G 24 -13.03 -35.88 19.24
CA LEU G 24 -14.01 -35.44 20.21
C LEU G 24 -15.43 -35.54 19.67
N LEU G 25 -15.61 -35.31 18.36
CA LEU G 25 -16.93 -35.42 17.77
C LEU G 25 -17.48 -36.83 17.89
N LYS G 26 -16.60 -37.83 17.87
CA LYS G 26 -17.02 -39.22 18.08
C LYS G 26 -17.61 -39.42 19.47
N ASP G 27 -17.16 -38.64 20.45
CA ASP G 27 -17.76 -38.66 21.79
C ASP G 27 -18.87 -37.62 21.95
N ARG G 28 -19.43 -37.15 20.84
CA ARG G 28 -20.54 -36.19 20.84
C ARG G 28 -20.13 -34.85 21.46
N ILE G 29 -18.88 -34.46 21.23
CA ILE G 29 -18.35 -33.19 21.72
C ILE G 29 -18.10 -32.28 20.53
N ILE G 30 -18.67 -31.08 20.57
CA ILE G 30 -18.50 -30.07 19.55
C ILE G 30 -17.77 -28.88 20.18
N MET G 31 -16.72 -28.38 19.49
CA MET G 31 -15.89 -27.28 19.95
C MET G 31 -16.23 -26.01 19.17
N LEU G 32 -16.78 -25.01 19.85
CA LEU G 32 -16.96 -23.67 19.30
C LEU G 32 -15.92 -22.77 19.94
N GLY G 33 -14.81 -22.55 19.23
CA GLY G 33 -13.71 -21.77 19.76
C GLY G 33 -13.23 -20.69 18.81
N SER G 34 -14.17 -20.00 18.19
CA SER G 34 -13.83 -18.95 17.23
C SER G 34 -14.99 -17.98 17.15
N GLN G 35 -14.80 -16.95 16.32
CA GLN G 35 -15.90 -16.04 16.03
C GLN G 35 -17.03 -16.80 15.35
N ILE G 36 -18.25 -16.29 15.51
CA ILE G 36 -19.43 -16.93 14.95
C ILE G 36 -19.73 -16.24 13.62
N ASP G 37 -19.51 -16.96 12.51
CA ASP G 37 -19.94 -16.47 11.21
C ASP G 37 -20.74 -17.55 10.49
N ASP G 38 -21.12 -17.30 9.23
CA ASP G 38 -21.93 -18.27 8.49
C ASP G 38 -21.18 -19.59 8.33
N ASN G 39 -19.85 -19.51 8.12
CA ASN G 39 -19.07 -20.72 7.94
C ASN G 39 -19.04 -21.57 9.22
N VAL G 40 -18.81 -20.92 10.36
CA VAL G 40 -18.79 -21.63 11.64
C VAL G 40 -20.17 -22.21 11.95
N ALA G 41 -21.21 -21.40 11.78
CA ALA G 41 -22.58 -21.88 12.03
C ALA G 41 -22.90 -23.06 11.12
N ASN G 42 -22.42 -23.02 9.88
CA ASN G 42 -22.59 -24.13 8.97
C ASN G 42 -21.99 -25.41 9.54
N SER G 43 -20.78 -25.30 10.11
CA SER G 43 -20.12 -26.47 10.66
C SER G 43 -20.83 -26.99 11.91
N ILE G 44 -21.21 -26.09 12.81
CA ILE G 44 -21.87 -26.50 14.05
C ILE G 44 -23.21 -27.17 13.76
N VAL G 45 -24.01 -26.55 12.89
CA VAL G 45 -25.31 -27.11 12.54
C VAL G 45 -25.13 -28.51 11.96
N SER G 46 -24.16 -28.66 11.06
CA SER G 46 -23.92 -29.96 10.44
C SER G 46 -23.54 -31.01 11.47
N GLN G 47 -22.71 -30.63 12.45
CA GLN G 47 -22.31 -31.58 13.48
C GLN G 47 -23.48 -31.95 14.38
N LEU G 48 -24.34 -30.99 14.69
CA LEU G 48 -25.52 -31.28 15.51
C LEU G 48 -26.45 -32.25 14.78
N LEU G 49 -26.73 -31.96 13.50
CA LEU G 49 -27.59 -32.84 12.73
C LEU G 49 -27.01 -34.24 12.63
N PHE G 50 -25.70 -34.34 12.41
CA PHE G 50 -25.07 -35.65 12.31
C PHE G 50 -25.16 -36.42 13.62
N LEU G 51 -24.93 -35.74 14.75
CA LEU G 51 -24.99 -36.43 16.03
C LEU G 51 -26.39 -36.90 16.35
N GLN G 52 -27.42 -36.16 15.93
CA GLN G 52 -28.79 -36.62 16.14
C GLN G 52 -29.07 -37.87 15.31
N ALA G 53 -28.58 -37.89 14.07
CA ALA G 53 -28.74 -39.08 13.24
C ALA G 53 -27.98 -40.27 13.81
N GLN G 54 -26.83 -40.01 14.44
CA GLN G 54 -26.07 -41.08 15.09
C GLN G 54 -26.84 -41.66 16.27
N ASP G 55 -27.39 -40.79 17.10
CA ASP G 55 -28.13 -41.21 18.29
C ASP G 55 -29.00 -40.05 18.72
N SER G 56 -30.32 -40.22 18.68
CA SER G 56 -31.21 -39.13 19.02
C SER G 56 -31.45 -38.98 20.51
N GLU G 57 -30.83 -39.81 21.34
CA GLU G 57 -31.08 -39.79 22.77
C GLU G 57 -29.89 -39.29 23.57
N LYS G 58 -28.67 -39.71 23.23
CA LYS G 58 -27.51 -39.30 24.01
C LYS G 58 -27.30 -37.78 23.94
N ASP G 59 -26.83 -37.23 25.05
CA ASP G 59 -26.56 -35.81 25.13
C ASP G 59 -25.44 -35.40 24.18
N ILE G 60 -25.45 -34.13 23.82
CA ILE G 60 -24.40 -33.50 23.03
C ILE G 60 -23.72 -32.44 23.89
N TYR G 61 -22.40 -32.32 23.74
CA TYR G 61 -21.61 -31.38 24.52
C TYR G 61 -21.03 -30.32 23.59
N LEU G 62 -21.46 -29.07 23.79
CA LEU G 62 -21.04 -27.93 22.99
C LEU G 62 -20.19 -27.02 23.88
N TYR G 63 -18.87 -27.07 23.68
CA TYR G 63 -17.95 -26.17 24.35
C TYR G 63 -17.91 -24.83 23.63
N ILE G 64 -17.92 -23.74 24.40
CA ILE G 64 -18.02 -22.40 23.83
C ILE G 64 -16.86 -21.54 24.33
N ASN G 65 -16.02 -21.11 23.40
CA ASN G 65 -15.00 -20.09 23.66
C ASN G 65 -15.06 -19.13 22.47
N SER G 66 -15.94 -18.14 22.55
CA SER G 66 -16.23 -17.31 21.40
C SER G 66 -16.43 -15.85 21.80
N PRO G 67 -15.86 -14.91 21.04
CA PRO G 67 -16.17 -13.49 21.27
C PRO G 67 -17.49 -13.05 20.63
N GLY G 68 -18.22 -13.97 19.99
CA GLY G 68 -19.46 -13.63 19.33
C GLY G 68 -19.37 -13.65 17.82
N GLY G 69 -20.21 -12.88 17.16
CA GLY G 69 -20.18 -12.78 15.73
C GLY G 69 -21.57 -12.46 15.18
N SER G 70 -21.86 -13.06 14.02
CA SER G 70 -23.12 -12.81 13.33
C SER G 70 -24.31 -13.29 14.14
N VAL G 71 -25.32 -12.42 14.27
CA VAL G 71 -26.52 -12.80 15.00
C VAL G 71 -27.32 -13.84 14.24
N THR G 72 -27.45 -13.69 12.92
CA THR G 72 -28.20 -14.67 12.14
C THR G 72 -27.47 -16.00 12.12
N ALA G 73 -26.14 -15.98 12.03
CA ALA G 73 -25.39 -17.23 12.10
C ALA G 73 -25.57 -17.91 13.46
N GLY G 74 -25.61 -17.12 14.54
CA GLY G 74 -25.84 -17.70 15.85
C GLY G 74 -27.25 -18.26 15.99
N PHE G 75 -28.23 -17.61 15.37
CA PHE G 75 -29.59 -18.13 15.40
C PHE G 75 -29.74 -19.38 14.57
N ALA G 76 -28.90 -19.56 13.55
CA ALA G 76 -28.85 -20.84 12.86
C ALA G 76 -28.44 -21.95 13.82
N ILE G 77 -27.48 -21.66 14.71
CA ILE G 77 -27.10 -22.64 15.72
C ILE G 77 -28.20 -22.77 16.78
N TYR G 78 -28.75 -21.64 17.22
CA TYR G 78 -29.78 -21.65 18.26
C TYR G 78 -30.98 -22.50 17.86
N ASP G 79 -31.57 -22.20 16.70
CA ASP G 79 -32.76 -22.91 16.27
C ASP G 79 -32.48 -24.39 16.04
N THR G 80 -31.27 -24.73 15.61
CA THR G 80 -30.90 -26.14 15.45
C THR G 80 -30.83 -26.83 16.81
N ILE G 81 -30.28 -26.16 17.83
CA ILE G 81 -30.23 -26.75 19.16
C ILE G 81 -31.64 -27.06 19.66
N GLN G 82 -32.56 -26.11 19.49
CA GLN G 82 -33.91 -26.29 20.00
C GLN G 82 -34.68 -27.33 19.20
N HIS G 83 -34.31 -27.57 17.94
CA HIS G 83 -35.09 -28.44 17.07
C HIS G 83 -34.74 -29.91 17.27
N ILE G 84 -33.46 -30.23 17.45
CA ILE G 84 -33.05 -31.62 17.50
C ILE G 84 -33.52 -32.28 18.79
N LYS G 85 -33.59 -33.61 18.77
CA LYS G 85 -34.10 -34.35 19.92
C LYS G 85 -33.11 -34.40 21.08
N PRO G 86 -31.82 -34.69 20.88
CA PRO G 86 -30.91 -34.79 22.04
C PRO G 86 -30.75 -33.45 22.75
N ASP G 87 -30.58 -33.53 24.07
CA ASP G 87 -30.19 -32.37 24.86
C ASP G 87 -28.79 -31.92 24.46
N VAL G 88 -28.62 -30.60 24.38
CA VAL G 88 -27.34 -29.99 24.08
C VAL G 88 -26.85 -29.32 25.35
N GLN G 89 -25.78 -29.86 25.93
CA GLN G 89 -25.13 -29.21 27.06
C GLN G 89 -24.17 -28.15 26.53
N THR G 90 -24.15 -26.99 27.20
CA THR G 90 -23.24 -25.90 26.87
C THR G 90 -22.25 -25.71 28.01
N ILE G 91 -20.96 -25.63 27.67
CA ILE G 91 -19.88 -25.48 28.64
C ILE G 91 -19.01 -24.32 28.18
N CYS G 92 -18.99 -23.24 28.95
CA CYS G 92 -18.20 -22.06 28.61
C CYS G 92 -16.79 -22.21 29.19
N ILE G 93 -15.78 -22.14 28.33
CA ILE G 93 -14.39 -22.11 28.74
C ILE G 93 -13.77 -20.82 28.20
N GLY G 94 -13.03 -20.13 29.05
CA GLY G 94 -12.41 -18.88 28.63
C GLY G 94 -13.38 -17.72 28.50
N MET G 95 -14.12 -17.66 27.41
CA MET G 95 -14.94 -16.49 27.12
C MET G 95 -16.18 -16.87 26.31
N ALA G 96 -17.34 -16.37 26.73
CA ALA G 96 -18.56 -16.41 25.94
C ALA G 96 -19.12 -14.98 25.92
N ALA G 97 -18.90 -14.26 24.81
CA ALA G 97 -19.32 -12.88 24.69
C ALA G 97 -20.33 -12.72 23.57
N SER G 98 -21.31 -11.83 23.80
CA SER G 98 -22.30 -11.43 22.79
C SER G 98 -23.05 -12.66 22.32
N MET G 99 -23.09 -12.97 21.02
CA MET G 99 -23.80 -14.15 20.54
C MET G 99 -23.26 -15.44 21.15
N GLY G 100 -22.01 -15.44 21.62
CA GLY G 100 -21.47 -16.61 22.29
C GLY G 100 -22.14 -16.88 23.63
N SER G 101 -22.38 -15.83 24.41
CA SER G 101 -23.11 -16.02 25.66
C SER G 101 -24.58 -16.35 25.41
N PHE G 102 -25.13 -15.87 24.29
CA PHE G 102 -26.49 -16.21 23.92
C PHE G 102 -26.62 -17.71 23.68
N LEU G 103 -25.65 -18.29 22.97
CA LEU G 103 -25.65 -19.73 22.74
C LEU G 103 -25.37 -20.50 24.03
N LEU G 104 -24.56 -19.94 24.92
CA LEU G 104 -24.33 -20.57 26.22
C LEU G 104 -25.65 -20.70 26.98
N ALA G 105 -26.46 -19.64 26.99
CA ALA G 105 -27.78 -19.68 27.63
C ALA G 105 -28.78 -20.54 26.87
N ALA G 106 -28.44 -21.00 25.67
CA ALA G 106 -29.33 -21.77 24.83
C ALA G 106 -29.28 -23.27 25.11
N GLY G 107 -28.36 -23.71 25.96
CA GLY G 107 -28.28 -25.13 26.27
C GLY G 107 -29.49 -25.65 27.00
N ALA G 108 -29.56 -26.98 27.09
CA ALA G 108 -30.65 -27.63 27.82
C ALA G 108 -30.69 -27.13 29.25
N LYS G 109 -31.90 -26.80 29.71
CA LYS G 109 -32.06 -26.32 31.08
C LYS G 109 -31.49 -27.33 32.06
N GLY G 110 -30.67 -26.86 33.01
CA GLY G 110 -29.97 -27.74 33.92
C GLY G 110 -28.62 -28.20 33.42
N LYS G 111 -28.31 -27.97 32.13
CA LYS G 111 -27.08 -28.47 31.53
C LYS G 111 -26.28 -27.36 30.86
N ARG G 112 -26.36 -26.16 31.42
CA ARG G 112 -25.57 -25.01 30.97
C ARG G 112 -24.52 -24.72 32.03
N PHE G 113 -23.25 -24.77 31.62
CA PHE G 113 -22.14 -24.70 32.55
C PHE G 113 -21.12 -23.66 32.08
N ALA G 114 -20.31 -23.21 33.03
CA ALA G 114 -19.14 -22.40 32.76
C ALA G 114 -18.08 -22.78 33.77
N LEU G 115 -16.82 -22.81 33.32
CA LEU G 115 -15.72 -23.13 34.21
C LEU G 115 -15.44 -21.94 35.14
N PRO G 116 -14.82 -22.19 36.30
CA PRO G 116 -14.80 -21.15 37.35
C PRO G 116 -14.21 -19.82 36.90
N ASN G 117 -13.21 -19.83 36.02
CA ASN G 117 -12.58 -18.59 35.59
C ASN G 117 -13.01 -18.17 34.19
N ALA G 118 -13.99 -18.86 33.60
CA ALA G 118 -14.54 -18.41 32.33
C ALA G 118 -15.26 -17.08 32.52
N GLU G 119 -15.31 -16.30 31.45
CA GLU G 119 -15.90 -14.98 31.48
C GLU G 119 -17.10 -14.97 30.55
N VAL G 120 -18.15 -14.27 30.97
CA VAL G 120 -19.37 -14.14 30.18
C VAL G 120 -19.67 -12.67 30.00
N MET G 121 -19.90 -12.25 28.75
CA MET G 121 -20.20 -10.86 28.48
C MET G 121 -21.46 -10.78 27.63
N ILE G 122 -22.37 -9.89 28.01
CA ILE G 122 -23.60 -9.65 27.29
C ILE G 122 -23.66 -8.16 26.93
N HIS G 123 -24.18 -7.87 25.75
CA HIS G 123 -24.38 -6.49 25.31
C HIS G 123 -25.37 -6.49 24.15
N GLN G 124 -25.78 -5.31 23.74
CA GLN G 124 -26.72 -5.20 22.65
C GLN G 124 -26.03 -5.39 21.30
N PRO G 125 -26.76 -5.82 20.27
CA PRO G 125 -26.13 -6.12 18.98
C PRO G 125 -25.54 -4.89 18.31
N LEU G 126 -24.55 -5.15 17.46
CA LEU G 126 -23.82 -4.13 16.73
C LEU G 126 -24.13 -4.23 15.24
N GLY G 127 -24.08 -3.10 14.56
CA GLY G 127 -24.38 -3.10 13.14
C GLY G 127 -23.96 -1.80 12.50
N GLY G 128 -24.41 -1.63 11.25
CA GLY G 128 -24.07 -0.44 10.50
C GLY G 128 -25.15 -0.15 9.48
N ALA G 129 -25.13 1.08 8.97
CA ALA G 129 -26.09 1.51 7.97
C ALA G 129 -25.46 2.63 7.16
N GLN G 130 -25.70 2.63 5.86
CA GLN G 130 -25.16 3.61 4.93
C GLN G 130 -26.15 3.84 3.81
N GLY G 131 -26.25 5.10 3.36
CA GLY G 131 -27.05 5.42 2.20
C GLY G 131 -28.11 6.46 2.50
N GLN G 132 -29.25 6.31 1.83
CA GLN G 132 -30.35 7.25 1.96
C GLN G 132 -31.00 7.14 3.34
N ALA G 133 -31.73 8.20 3.70
CA ALA G 133 -32.43 8.23 4.99
C ALA G 133 -33.39 7.06 5.14
N THR G 134 -34.14 6.73 4.08
CA THR G 134 -35.07 5.61 4.17
C THR G 134 -34.33 4.28 4.38
N GLU G 135 -33.18 4.12 3.73
CA GLU G 135 -32.40 2.90 3.92
C GLU G 135 -31.85 2.81 5.34
N ILE G 136 -31.41 3.95 5.90
CA ILE G 136 -30.95 3.96 7.28
C ILE G 136 -32.11 3.66 8.23
N GLU G 137 -33.30 4.17 7.91
CA GLU G 137 -34.46 3.86 8.74
C GLU G 137 -34.77 2.38 8.72
N ILE G 138 -34.70 1.75 7.54
CA ILE G 138 -34.95 0.32 7.43
C ILE G 138 -33.93 -0.47 8.23
N ALA G 139 -32.65 -0.09 8.12
CA ALA G 139 -31.61 -0.80 8.86
C ALA G 139 -31.75 -0.60 10.36
N ALA G 140 -32.16 0.59 10.80
CA ALA G 140 -32.34 0.83 12.22
C ALA G 140 -33.50 0.02 12.77
N ASN G 141 -34.63 0.00 12.06
CA ASN G 141 -35.78 -0.79 12.49
C ASN G 141 -35.45 -2.26 12.57
N HIS G 142 -34.64 -2.75 11.62
CA HIS G 142 -34.30 -4.18 11.62
C HIS G 142 -33.44 -4.55 12.82
N ILE G 143 -32.41 -3.76 13.12
CA ILE G 143 -31.54 -4.12 14.24
C ILE G 143 -32.26 -3.93 15.58
N LEU G 144 -33.20 -2.97 15.65
CA LEU G 144 -33.98 -2.82 16.86
C LEU G 144 -34.91 -4.01 17.06
N LYS G 145 -35.50 -4.50 15.97
CA LYS G 145 -36.34 -5.69 16.03
C LYS G 145 -35.51 -6.92 16.37
N THR G 146 -34.26 -6.97 15.89
CA THR G 146 -33.38 -8.09 16.23
C THR G 146 -33.04 -8.10 17.71
N ARG G 147 -32.77 -6.92 18.29
CA ARG G 147 -32.46 -6.84 19.70
C ARG G 147 -33.65 -7.29 20.56
N GLU G 148 -34.85 -6.87 20.18
CA GLU G 148 -36.04 -7.28 20.93
C GLU G 148 -36.23 -8.79 20.88
N LYS G 149 -35.96 -9.41 19.73
CA LYS G 149 -36.01 -10.86 19.65
C LYS G 149 -34.95 -11.50 20.55
N LEU G 150 -33.73 -10.96 20.53
CA LEU G 150 -32.68 -11.50 21.38
C LEU G 150 -33.02 -11.36 22.86
N ASN G 151 -33.53 -10.20 23.25
CA ASN G 151 -33.87 -9.97 24.66
C ASN G 151 -35.10 -10.78 25.06
N ARG G 152 -36.05 -10.97 24.15
CA ARG G 152 -37.21 -11.79 24.43
C ARG G 152 -36.78 -13.22 24.76
N ILE G 153 -35.92 -13.80 23.93
CA ILE G 153 -35.45 -15.17 24.17
C ILE G 153 -34.58 -15.20 25.44
N LEU G 154 -33.69 -14.23 25.61
CA LEU G 154 -32.85 -14.20 26.81
C LEU G 154 -33.71 -14.15 28.08
N SER G 155 -34.83 -13.43 28.02
CA SER G 155 -35.75 -13.38 29.16
C SER G 155 -36.35 -14.75 29.45
N GLU G 156 -36.74 -15.47 28.39
CA GLU G 156 -37.33 -16.78 28.57
C GLU G 156 -36.30 -17.79 29.09
N ARG G 157 -35.02 -17.62 28.72
CA ARG G 157 -34.04 -18.62 29.12
C ARG G 157 -33.34 -18.31 30.44
N THR G 158 -33.41 -17.06 30.92
CA THR G 158 -32.79 -16.71 32.19
C THR G 158 -33.79 -16.49 33.31
N GLY G 159 -35.06 -16.23 33.00
CA GLY G 159 -36.04 -15.87 34.00
C GLY G 159 -36.07 -14.40 34.35
N GLN G 160 -35.14 -13.60 33.82
CA GLN G 160 -35.14 -12.17 34.06
C GLN G 160 -36.20 -11.49 33.21
N SER G 161 -36.64 -10.32 33.67
CA SER G 161 -37.61 -9.55 32.90
C SER G 161 -36.94 -8.94 31.67
N ILE G 162 -37.77 -8.65 30.66
CA ILE G 162 -37.27 -8.05 29.43
C ILE G 162 -36.68 -6.68 29.70
N GLU G 163 -37.31 -5.91 30.60
CA GLU G 163 -36.80 -4.57 30.93
C GLU G 163 -35.43 -4.65 31.59
N LYS G 164 -35.21 -5.66 32.42
CA LYS G 164 -33.90 -5.81 33.07
C LYS G 164 -32.81 -6.15 32.07
N ILE G 165 -33.08 -7.07 31.16
CA ILE G 165 -32.11 -7.41 30.11
C ILE G 165 -31.79 -6.20 29.27
N GLN G 166 -32.80 -5.39 28.94
CA GLN G 166 -32.57 -4.21 28.14
C GLN G 166 -31.56 -3.30 28.84
N GLN G 167 -31.72 -3.11 30.16
CA GLN G 167 -30.79 -2.24 30.89
C GLN G 167 -29.44 -2.92 31.07
N ASP G 168 -29.42 -4.24 31.28
CA ASP G 168 -28.17 -4.93 31.53
C ASP G 168 -27.34 -5.18 30.28
N THR G 169 -27.92 -4.99 29.09
CA THR G 169 -27.21 -5.15 27.84
C THR G 169 -26.98 -3.82 27.13
N ASP G 170 -27.35 -2.71 27.76
CA ASP G 170 -27.17 -1.41 27.11
C ASP G 170 -25.71 -1.17 26.77
N ARG G 171 -24.81 -1.60 27.66
CA ARG G 171 -23.38 -1.54 27.39
C ARG G 171 -22.75 -2.88 27.71
N ASP G 172 -21.46 -3.00 27.37
CA ASP G 172 -20.70 -4.20 27.67
C ASP G 172 -20.83 -4.52 29.14
N ASN G 173 -21.34 -5.72 29.43
CA ASN G 173 -21.58 -6.18 30.79
C ASN G 173 -20.79 -7.48 30.98
N PHE G 174 -19.70 -7.41 31.74
CA PHE G 174 -18.86 -8.57 31.99
C PHE G 174 -19.32 -9.29 33.25
N LEU G 175 -19.47 -10.61 33.15
CA LEU G 175 -19.92 -11.43 34.25
C LEU G 175 -18.93 -12.56 34.51
N THR G 176 -18.66 -12.82 35.78
CA THR G 176 -17.93 -14.04 36.13
C THR G 176 -18.84 -15.25 35.96
N ALA G 177 -18.26 -16.44 36.07
CA ALA G 177 -19.07 -17.65 35.98
C ALA G 177 -20.14 -17.67 37.07
N ALA G 178 -19.76 -17.30 38.30
CA ALA G 178 -20.73 -17.26 39.39
C ALA G 178 -21.80 -16.21 39.13
N GLU G 179 -21.40 -15.04 38.62
CA GLU G 179 -22.39 -14.01 38.30
C GLU G 179 -23.32 -14.49 37.19
N ALA G 180 -22.79 -15.25 36.23
CA ALA G 180 -23.62 -15.76 35.15
C ALA G 180 -24.65 -16.77 35.65
N LYS G 181 -24.29 -17.57 36.65
CA LYS G 181 -25.27 -18.50 37.21
C LYS G 181 -26.33 -17.75 37.99
N GLU G 182 -25.92 -16.77 38.81
CA GLU G 182 -26.88 -15.92 39.52
C GLU G 182 -27.83 -15.24 38.56
N TYR G 183 -27.35 -14.85 37.38
CA TYR G 183 -28.16 -14.15 36.40
C TYR G 183 -29.15 -15.08 35.69
N GLY G 184 -28.86 -16.37 35.64
CA GLY G 184 -29.69 -17.30 34.89
C GLY G 184 -29.15 -17.67 33.53
N LEU G 185 -27.96 -17.20 33.17
CA LEU G 185 -27.37 -17.56 31.89
C LEU G 185 -26.87 -19.00 31.89
N ILE G 186 -26.36 -19.47 33.01
CA ILE G 186 -25.96 -20.85 33.19
C ILE G 186 -26.66 -21.40 34.42
N ASP G 187 -26.57 -22.71 34.59
CA ASP G 187 -27.19 -23.37 35.73
C ASP G 187 -26.21 -23.69 36.84
N GLU G 188 -24.96 -24.02 36.50
CA GLU G 188 -23.99 -24.44 37.49
C GLU G 188 -22.61 -24.00 37.07
N VAL G 189 -21.79 -23.62 38.06
CA VAL G 189 -20.36 -23.43 37.87
C VAL G 189 -19.68 -24.78 38.05
N MET G 190 -19.10 -25.31 36.97
CA MET G 190 -18.43 -26.62 37.00
C MET G 190 -17.12 -26.54 37.78
N GLU G 191 -17.09 -27.17 38.96
CA GLU G 191 -15.95 -27.24 39.86
C GLU G 191 -15.08 -28.45 39.55
N PRO G 192 -13.79 -28.40 39.91
CA PRO G 192 -12.88 -29.52 39.58
C PRO G 192 -13.34 -30.84 40.14
N GLU G 193 -13.29 -31.87 39.30
CA GLU G 193 -13.62 -33.23 39.71
C GLU G 193 -12.38 -34.00 40.13
N ILE H 4 17.00 29.53 1.83
CA ILE H 4 15.79 29.94 2.54
C ILE H 4 15.79 31.42 2.97
N PRO H 5 16.87 31.90 3.59
CA PRO H 5 16.83 33.25 4.18
C PRO H 5 16.70 34.34 3.12
N THR H 6 16.16 35.48 3.57
CA THR H 6 15.93 36.64 2.72
C THR H 6 16.94 37.73 3.04
N VAL H 7 17.43 38.39 1.99
CA VAL H 7 18.36 39.51 2.15
C VAL H 7 17.72 40.81 1.69
N ALA H 17 14.00 42.88 -2.04
CA ALA H 17 14.07 41.60 -1.34
C ALA H 17 14.61 40.51 -2.25
N TYR H 18 15.55 39.73 -1.73
CA TYR H 18 16.15 38.61 -2.43
C TYR H 18 16.11 37.38 -1.55
N ASP H 19 16.23 36.22 -2.17
CA ASP H 19 16.65 35.05 -1.41
C ASP H 19 18.17 35.03 -1.41
N ILE H 20 18.74 34.15 -0.59
CA ILE H 20 20.19 34.17 -0.43
C ILE H 20 20.89 33.88 -1.75
N TYR H 21 20.26 33.08 -2.62
CA TYR H 21 20.90 32.71 -3.88
C TYR H 21 20.84 33.83 -4.91
N SER H 22 19.73 34.58 -4.95
CA SER H 22 19.66 35.73 -5.86
C SER H 22 20.65 36.81 -5.47
N ARG H 23 20.87 36.99 -4.16
CA ARG H 23 21.86 37.96 -3.70
C ARG H 23 23.26 37.54 -4.12
N LEU H 24 23.57 36.24 -4.05
CA LEU H 24 24.86 35.77 -4.52
C LEU H 24 24.96 35.86 -6.04
N LEU H 25 23.85 35.62 -6.74
CA LEU H 25 23.84 35.74 -8.19
C LEU H 25 24.11 37.17 -8.62
N LYS H 26 23.71 38.15 -7.80
CA LYS H 26 23.99 39.54 -8.09
C LYS H 26 25.49 39.80 -8.11
N ASP H 27 26.26 39.02 -7.34
CA ASP H 27 27.72 39.05 -7.38
C ASP H 27 28.31 38.00 -8.33
N ARG H 28 27.51 37.49 -9.27
CA ARG H 28 27.97 36.54 -10.28
C ARG H 28 28.42 35.21 -9.65
N ILE H 29 27.73 34.79 -8.60
CA ILE H 29 27.99 33.50 -7.94
C ILE H 29 26.79 32.60 -8.18
N ILE H 30 27.04 31.41 -8.72
CA ILE H 30 26.01 30.42 -8.96
C ILE H 30 26.27 29.21 -8.07
N MET H 31 25.24 28.75 -7.35
CA MET H 31 25.35 27.64 -6.40
C MET H 31 24.73 26.38 -6.99
N LEU H 32 25.57 25.37 -7.26
CA LEU H 32 25.12 24.04 -7.64
C LEU H 32 25.30 23.11 -6.44
N GLY H 33 24.21 22.84 -5.73
CA GLY H 33 24.26 22.03 -4.53
C GLY H 33 23.22 20.92 -4.50
N SER H 34 23.04 20.22 -5.60
CA SER H 34 22.04 19.16 -5.66
C SER H 34 22.39 18.19 -6.77
N GLN H 35 21.57 17.15 -6.89
CA GLN H 35 21.69 16.26 -8.03
C GLN H 35 21.42 17.05 -9.31
N ILE H 36 22.00 16.61 -10.41
CA ILE H 36 21.89 17.31 -11.68
C ILE H 36 20.77 16.65 -12.48
N ASP H 37 19.64 17.34 -12.62
CA ASP H 37 18.57 16.92 -13.51
C ASP H 37 18.22 18.08 -14.44
N ASP H 38 17.19 17.89 -15.26
CA ASP H 38 16.80 18.92 -16.24
C ASP H 38 16.39 20.21 -15.56
N ASN H 39 15.73 20.12 -14.41
CA ASN H 39 15.28 21.31 -13.71
C ASN H 39 16.48 22.14 -13.25
N VAL H 40 17.46 21.49 -12.63
CA VAL H 40 18.66 22.17 -12.18
C VAL H 40 19.43 22.73 -13.35
N ALA H 41 19.55 21.95 -14.43
CA ALA H 41 20.25 22.42 -15.62
C ALA H 41 19.57 23.67 -16.20
N ASN H 42 18.24 23.70 -16.18
CA ASN H 42 17.51 24.88 -16.64
C ASN H 42 17.88 26.12 -15.84
N SER H 43 17.96 25.98 -14.51
CA SER H 43 18.27 27.11 -13.65
C SER H 43 19.71 27.56 -13.87
N ILE H 44 20.66 26.61 -13.91
CA ILE H 44 22.07 26.97 -14.07
C ILE H 44 22.30 27.63 -15.43
N VAL H 45 21.78 27.02 -16.49
CA VAL H 45 21.95 27.59 -17.83
C VAL H 45 21.35 28.98 -17.89
N SER H 46 20.15 29.15 -17.31
CA SER H 46 19.52 30.46 -17.30
C SER H 46 20.36 31.48 -16.53
N GLN H 47 20.94 31.06 -15.40
CA GLN H 47 21.80 31.98 -14.65
C GLN H 47 23.07 32.29 -15.43
N LEU H 48 23.63 31.30 -16.14
CA LEU H 48 24.81 31.54 -16.95
C LEU H 48 24.51 32.51 -18.10
N LEU H 49 23.42 32.27 -18.84
CA LEU H 49 23.05 33.17 -19.92
C LEU H 49 22.77 34.57 -19.39
N PHE H 50 22.11 34.66 -18.23
CA PHE H 50 21.79 35.95 -17.65
C PHE H 50 23.05 36.72 -17.26
N LEU H 51 24.01 36.04 -16.62
CA LEU H 51 25.22 36.71 -16.20
C LEU H 51 26.06 37.17 -17.39
N GLN H 52 26.05 36.41 -18.49
CA GLN H 52 26.75 36.88 -19.69
C GLN H 52 26.08 38.12 -20.27
N ALA H 53 24.74 38.13 -20.28
CA ALA H 53 24.02 39.31 -20.74
C ALA H 53 24.29 40.51 -19.84
N GLN H 54 24.46 40.26 -18.54
CA GLN H 54 24.77 41.35 -17.61
C GLN H 54 26.14 41.95 -17.91
N ASP H 55 27.13 41.10 -18.12
CA ASP H 55 28.50 41.53 -18.35
C ASP H 55 29.24 40.39 -19.01
N SER H 56 29.69 40.58 -20.23
CA SER H 56 30.36 39.50 -20.93
C SER H 56 31.83 39.37 -20.55
N GLU H 57 32.34 40.20 -19.63
CA GLU H 57 33.76 40.19 -19.31
C GLU H 57 34.08 39.59 -17.96
N LYS H 58 33.30 39.97 -16.93
CA LYS H 58 33.62 39.56 -15.58
C LYS H 58 33.48 38.05 -15.38
N ASP H 59 34.35 37.49 -14.54
CA ASP H 59 34.31 36.06 -14.28
C ASP H 59 33.01 35.69 -13.57
N ILE H 60 32.63 34.42 -13.74
CA ILE H 60 31.49 33.82 -13.06
C ILE H 60 32.03 32.75 -12.11
N TYR H 61 31.40 32.61 -10.94
CA TYR H 61 31.86 31.66 -9.94
C TYR H 61 30.78 30.59 -9.74
N LEU H 62 31.13 29.35 -10.07
CA LEU H 62 30.22 28.23 -9.96
C LEU H 62 30.69 27.31 -8.83
N TYR H 63 29.98 27.37 -7.71
CA TYR H 63 30.21 26.43 -6.61
C TYR H 63 29.51 25.11 -6.90
N ILE H 64 30.21 24.00 -6.69
CA ILE H 64 29.72 22.69 -7.05
C ILE H 64 29.76 21.78 -5.83
N ASN H 65 28.59 21.34 -5.38
CA ASN H 65 28.45 20.28 -4.37
C ASN H 65 27.35 19.37 -4.91
N SER H 66 27.73 18.38 -5.73
CA SER H 66 26.75 17.60 -6.46
C SER H 66 27.17 16.14 -6.50
N PRO H 67 26.23 15.22 -6.30
CA PRO H 67 26.51 13.78 -6.48
C PRO H 67 26.42 13.31 -7.92
N GLY H 68 26.15 14.20 -8.86
CA GLY H 68 25.98 13.83 -10.25
C GLY H 68 24.52 13.90 -10.67
N GLY H 69 24.20 13.15 -11.70
CA GLY H 69 22.84 13.08 -12.18
C GLY H 69 22.81 12.80 -13.68
N SER H 70 21.83 13.45 -14.34
CA SER H 70 21.61 13.22 -15.77
C SER H 70 22.81 13.72 -16.57
N VAL H 71 23.28 12.88 -17.49
CA VAL H 71 24.43 13.27 -18.31
C VAL H 71 24.04 14.37 -19.28
N THR H 72 22.87 14.25 -19.92
CA THR H 72 22.46 15.29 -20.88
C THR H 72 22.17 16.60 -20.17
N ALA H 73 21.62 16.56 -18.96
CA ALA H 73 21.42 17.80 -18.21
C ALA H 73 22.77 18.45 -17.90
N GLY H 74 23.77 17.63 -17.57
CA GLY H 74 25.11 18.16 -17.32
C GLY H 74 25.76 18.74 -18.56
N PHE H 75 25.50 18.15 -19.73
CA PHE H 75 26.06 18.69 -20.96
C PHE H 75 25.37 20.00 -21.35
N ALA H 76 24.12 20.19 -20.95
CA ALA H 76 23.49 21.50 -21.12
C ALA H 76 24.24 22.56 -20.36
N ILE H 77 24.69 22.25 -19.13
CA ILE H 77 25.51 23.18 -18.38
C ILE H 77 26.91 23.26 -18.99
N TYR H 78 27.48 22.11 -19.37
CA TYR H 78 28.83 22.09 -19.92
C TYR H 78 28.94 22.97 -21.16
N ASP H 79 28.08 22.74 -22.15
CA ASP H 79 28.15 23.49 -23.39
C ASP H 79 27.86 24.97 -23.18
N THR H 80 26.96 25.31 -22.25
CA THR H 80 26.70 26.71 -21.97
C THR H 80 27.92 27.39 -21.37
N ILE H 81 28.62 26.70 -20.45
CA ILE H 81 29.86 27.24 -19.88
C ILE H 81 30.88 27.47 -20.98
N GLN H 82 31.05 26.49 -21.87
CA GLN H 82 32.06 26.60 -22.90
C GLN H 82 31.68 27.65 -23.93
N HIS H 83 30.39 27.93 -24.08
CA HIS H 83 29.91 28.83 -25.13
C HIS H 83 29.97 30.30 -24.72
N ILE H 84 29.61 30.61 -23.47
CA ILE H 84 29.52 32.00 -23.08
C ILE H 84 30.91 32.64 -23.04
N LYS H 85 30.93 33.96 -23.14
CA LYS H 85 32.20 34.66 -23.16
C LYS H 85 32.88 34.72 -21.81
N PRO H 86 32.20 35.04 -20.70
CA PRO H 86 32.91 35.14 -19.41
C PRO H 86 33.54 33.82 -18.99
N ASP H 87 34.68 33.92 -18.33
CA ASP H 87 35.26 32.76 -17.67
C ASP H 87 34.38 32.31 -16.52
N VAL H 88 34.21 30.99 -16.41
CA VAL H 88 33.46 30.38 -15.32
C VAL H 88 34.45 29.65 -14.43
N GLN H 89 34.63 30.17 -13.23
CA GLN H 89 35.44 29.48 -12.22
C GLN H 89 34.59 28.43 -11.53
N THR H 90 35.17 27.26 -11.31
CA THR H 90 34.49 26.18 -10.60
C THR H 90 35.19 25.93 -9.29
N ILE H 91 34.40 25.84 -8.21
CA ILE H 91 34.89 25.61 -6.86
C ILE H 91 34.13 24.43 -6.27
N CYS H 92 34.84 23.34 -6.00
CA CYS H 92 34.22 22.16 -5.41
C CYS H 92 34.24 22.25 -3.89
N ILE H 93 33.05 22.21 -3.29
CA ILE H 93 32.92 22.13 -1.84
C ILE H 93 32.17 20.85 -1.52
N GLY H 94 32.68 20.09 -0.55
CA GLY H 94 32.05 18.85 -0.18
C GLY H 94 32.30 17.71 -1.16
N MET H 95 31.54 17.69 -2.26
CA MET H 95 31.54 16.54 -3.16
C MET H 95 31.27 16.99 -4.60
N ALA H 96 32.08 16.48 -5.52
CA ALA H 96 31.81 16.56 -6.95
C ALA H 96 31.96 15.14 -7.49
N ALA H 97 30.84 14.46 -7.68
CA ALA H 97 30.84 13.07 -8.13
C ALA H 97 30.12 12.96 -9.47
N SER H 98 30.59 12.03 -10.29
CA SER H 98 29.96 11.65 -11.57
C SER H 98 29.90 12.91 -12.44
N MET H 99 28.73 13.29 -12.96
CA MET H 99 28.62 14.49 -13.76
C MET H 99 29.05 15.73 -12.99
N GLY H 100 29.02 15.68 -11.66
CA GLY H 100 29.50 16.79 -10.87
C GLY H 100 30.99 17.02 -11.01
N SER H 101 31.77 15.93 -11.02
CA SER H 101 33.20 16.09 -11.27
C SER H 101 33.49 16.46 -12.71
N PHE H 102 32.62 16.08 -13.64
CA PHE H 102 32.78 16.48 -15.03
C PHE H 102 32.63 17.99 -15.18
N LEU H 103 31.63 18.58 -14.52
CA LEU H 103 31.45 20.03 -14.57
C LEU H 103 32.56 20.76 -13.84
N LEU H 104 33.09 20.19 -12.77
CA LEU H 104 34.23 20.78 -12.06
C LEU H 104 35.42 20.93 -12.99
N ALA H 105 35.72 19.88 -13.75
CA ALA H 105 36.83 19.90 -14.70
C ALA H 105 36.53 20.79 -15.90
N ALA H 106 35.29 21.26 -16.05
CA ALA H 106 34.88 22.06 -17.20
C ALA H 106 35.13 23.54 -17.03
N GLY H 107 35.55 23.99 -15.84
CA GLY H 107 35.81 25.40 -15.62
C GLY H 107 36.97 25.90 -16.44
N ALA H 108 37.11 27.23 -16.46
CA ALA H 108 38.21 27.85 -17.17
C ALA H 108 39.53 27.32 -16.62
N LYS H 109 40.41 26.89 -17.53
CA LYS H 109 41.69 26.32 -17.13
C LYS H 109 42.46 27.32 -16.29
N GLY H 110 43.00 26.85 -15.15
CA GLY H 110 43.64 27.72 -14.20
C GLY H 110 42.74 28.25 -13.11
N LYS H 111 41.42 28.10 -13.26
CA LYS H 111 40.46 28.63 -12.31
C LYS H 111 39.51 27.54 -11.81
N ARG H 112 39.98 26.30 -11.75
CA ARG H 112 39.20 25.19 -11.22
C ARG H 112 39.79 24.82 -9.87
N PHE H 113 38.96 24.89 -8.84
CA PHE H 113 39.42 24.79 -7.46
C PHE H 113 38.60 23.76 -6.70
N ALA H 114 39.19 23.30 -5.59
CA ALA H 114 38.50 22.47 -4.61
C ALA H 114 39.01 22.83 -3.23
N LEU H 115 38.10 22.84 -2.27
CA LEU H 115 38.47 23.11 -0.90
C LEU H 115 39.22 21.90 -0.34
N PRO H 116 40.03 22.09 0.71
CA PRO H 116 40.98 21.03 1.12
C PRO H 116 40.32 19.69 1.43
N ASN H 117 39.14 19.67 2.01
CA ASN H 117 38.50 18.40 2.37
C ASN H 117 37.39 18.00 1.43
N ALA H 118 37.21 18.72 0.32
CA ALA H 118 36.24 18.33 -0.69
C ALA H 118 36.67 17.01 -1.34
N GLU H 119 35.69 16.26 -1.82
CA GLU H 119 35.91 14.97 -2.42
C GLU H 119 35.47 14.98 -3.88
N VAL H 120 36.23 14.29 -4.72
CA VAL H 120 35.95 14.18 -6.13
C VAL H 120 35.90 12.70 -6.49
N MET H 121 34.85 12.28 -7.18
CA MET H 121 34.71 10.90 -7.59
C MET H 121 34.39 10.82 -9.08
N ILE H 122 35.07 9.92 -9.77
CA ILE H 122 34.85 9.69 -11.19
C ILE H 122 34.48 8.24 -11.39
N HIS H 123 33.56 7.99 -12.33
CA HIS H 123 33.16 6.63 -12.70
C HIS H 123 32.47 6.69 -14.06
N GLN H 124 32.18 5.52 -14.60
CA GLN H 124 31.51 5.45 -15.89
C GLN H 124 30.01 5.72 -15.73
N PRO H 125 29.35 6.17 -16.80
CA PRO H 125 27.93 6.52 -16.68
C PRO H 125 27.06 5.31 -16.38
N LEU H 126 25.91 5.59 -15.78
CA LEU H 126 24.95 4.57 -15.39
C LEU H 126 23.67 4.70 -16.21
N GLY H 127 22.99 3.58 -16.42
CA GLY H 127 21.77 3.61 -17.20
C GLY H 127 20.98 2.34 -17.08
N GLY H 128 19.96 2.23 -17.93
CA GLY H 128 19.09 1.07 -17.93
C GLY H 128 18.49 0.85 -19.30
N ALA H 129 17.96 -0.36 -19.49
CA ALA H 129 17.34 -0.74 -20.76
C ALA H 129 16.34 -1.85 -20.50
N GLN H 130 15.20 -1.79 -21.19
CA GLN H 130 14.17 -2.79 -21.06
C GLN H 130 13.47 -2.96 -22.40
N GLY H 131 13.09 -4.19 -22.71
CA GLY H 131 12.33 -4.43 -23.92
C GLY H 131 12.95 -5.46 -24.82
N GLN H 132 12.78 -5.29 -26.13
CA GLN H 132 13.30 -6.24 -27.10
C GLN H 132 14.81 -6.18 -27.17
N ALA H 133 15.39 -7.25 -27.72
CA ALA H 133 16.85 -7.32 -27.88
C ALA H 133 17.38 -6.14 -28.69
N THR H 134 16.68 -5.76 -29.76
CA THR H 134 17.10 -4.62 -30.57
C THR H 134 17.04 -3.33 -29.78
N GLU H 135 16.01 -3.15 -28.94
CA GLU H 135 15.92 -1.95 -28.12
C GLU H 135 17.05 -1.90 -27.08
N ILE H 136 17.39 -3.05 -26.50
CA ILE H 136 18.51 -3.09 -25.58
C ILE H 136 19.81 -2.79 -26.30
N GLU H 137 19.95 -3.24 -27.55
CA GLU H 137 21.16 -2.94 -28.29
C GLU H 137 21.28 -1.44 -28.57
N ILE H 138 20.15 -0.79 -28.90
CA ILE H 138 20.16 0.65 -29.16
C ILE H 138 20.58 1.41 -27.90
N ALA H 139 20.03 1.02 -26.74
CA ALA H 139 20.39 1.70 -25.49
C ALA H 139 21.84 1.44 -25.11
N ALA H 140 22.34 0.23 -25.36
CA ALA H 140 23.73 -0.07 -25.06
C ALA H 140 24.67 0.73 -25.94
N ASN H 141 24.38 0.80 -27.25
CA ASN H 141 25.22 1.61 -28.13
C ASN H 141 25.19 3.07 -27.73
N HIS H 142 24.02 3.56 -27.29
CA HIS H 142 23.90 4.96 -26.92
C HIS H 142 24.73 5.29 -25.68
N ILE H 143 24.63 4.46 -24.64
CA ILE H 143 25.39 4.77 -23.44
C ILE H 143 26.89 4.56 -23.68
N LEU H 144 27.25 3.64 -24.58
CA LEU H 144 28.66 3.46 -24.90
C LEU H 144 29.23 4.70 -25.61
N LYS H 145 28.47 5.28 -26.55
CA LYS H 145 28.94 6.52 -27.17
C LYS H 145 29.00 7.66 -26.18
N THR H 146 28.06 7.70 -25.23
CA THR H 146 28.07 8.77 -24.24
C THR H 146 29.32 8.68 -23.38
N ARG H 147 29.71 7.46 -22.99
CA ARG H 147 30.91 7.30 -22.19
C ARG H 147 32.15 7.72 -22.96
N GLU H 148 32.25 7.34 -24.23
CA GLU H 148 33.38 7.75 -25.05
C GLU H 148 33.41 9.26 -25.24
N LYS H 149 32.23 9.88 -25.38
CA LYS H 149 32.20 11.35 -25.45
C LYS H 149 32.68 11.96 -24.14
N LEU H 150 32.24 11.40 -23.01
CA LEU H 150 32.68 11.89 -21.71
C LEU H 150 34.18 11.68 -21.53
N ASN H 151 34.69 10.51 -21.91
CA ASN H 151 36.12 10.24 -21.74
C ASN H 151 36.96 11.10 -22.68
N ARG H 152 36.48 11.33 -23.90
CA ARG H 152 37.20 12.19 -24.84
C ARG H 152 37.36 13.59 -24.26
N ILE H 153 36.26 14.17 -23.78
CA ILE H 153 36.35 15.51 -23.21
C ILE H 153 37.17 15.49 -21.91
N LEU H 154 36.94 14.49 -21.05
CA LEU H 154 37.70 14.41 -19.80
C LEU H 154 39.21 14.33 -20.06
N SER H 155 39.62 13.62 -21.11
CA SER H 155 41.02 13.57 -21.45
C SER H 155 41.55 14.95 -21.84
N GLU H 156 40.76 15.70 -22.59
CA GLU H 156 41.21 17.02 -23.03
C GLU H 156 41.30 18.00 -21.87
N ARG H 157 40.46 17.82 -20.85
CA ARG H 157 40.38 18.80 -19.77
C ARG H 157 41.34 18.50 -18.65
N THR H 158 41.84 17.26 -18.56
CA THR H 158 42.79 16.85 -17.52
C THR H 158 44.19 16.60 -18.05
N GLY H 159 44.35 16.36 -19.35
CA GLY H 159 45.64 15.98 -19.89
C GLY H 159 45.95 14.50 -19.82
N GLN H 160 45.09 13.71 -19.18
CA GLN H 160 45.29 12.27 -19.13
C GLN H 160 44.88 11.65 -20.46
N SER H 161 45.47 10.49 -20.77
CA SER H 161 45.08 9.77 -21.96
C SER H 161 43.71 9.13 -21.74
N ILE H 162 43.02 8.85 -22.85
CA ILE H 162 41.69 8.26 -22.78
C ILE H 162 41.75 6.84 -22.22
N GLU H 163 42.80 6.09 -22.58
CA GLU H 163 42.93 4.74 -22.04
C GLU H 163 43.07 4.80 -20.52
N LYS H 164 43.76 5.81 -20.01
CA LYS H 164 43.85 6.00 -18.58
C LYS H 164 42.51 6.42 -17.98
N ILE H 165 41.81 7.35 -18.65
CA ILE H 165 40.48 7.76 -18.19
C ILE H 165 39.54 6.56 -18.13
N GLN H 166 39.57 5.72 -19.18
CA GLN H 166 38.70 4.55 -19.24
C GLN H 166 38.93 3.61 -18.07
N GLN H 167 40.20 3.31 -17.78
CA GLN H 167 40.53 2.40 -16.71
C GLN H 167 40.27 3.01 -15.33
N ASP H 168 40.48 4.32 -15.20
CA ASP H 168 40.25 5.00 -13.93
C ASP H 168 38.78 5.24 -13.64
N THR H 169 37.90 5.08 -14.63
CA THR H 169 36.47 5.25 -14.42
C THR H 169 35.71 3.94 -14.49
N ASP H 170 36.42 2.81 -14.64
CA ASP H 170 35.74 1.52 -14.71
C ASP H 170 34.94 1.25 -13.43
N ARG H 171 35.44 1.69 -12.29
CA ARG H 171 34.75 1.58 -11.02
C ARG H 171 34.77 2.93 -10.33
N ASP H 172 34.00 3.05 -9.25
CA ASP H 172 34.01 4.29 -8.46
C ASP H 172 35.43 4.60 -8.01
N ASN H 173 35.93 5.76 -8.41
CA ASN H 173 37.30 6.17 -8.10
C ASN H 173 37.23 7.49 -7.32
N PHE H 174 37.47 7.41 -6.02
CA PHE H 174 37.40 8.56 -5.13
C PHE H 174 38.76 9.22 -5.04
N LEU H 175 38.79 10.54 -5.16
CA LEU H 175 40.03 11.32 -5.08
C LEU H 175 39.88 12.42 -4.05
N THR H 176 40.94 12.65 -3.28
CA THR H 176 40.99 13.84 -2.45
C THR H 176 41.21 15.06 -3.35
N ALA H 177 41.09 16.25 -2.75
CA ALA H 177 41.28 17.49 -3.49
C ALA H 177 42.70 17.56 -4.06
N ALA H 178 43.71 17.18 -3.27
CA ALA H 178 45.08 17.20 -3.75
C ALA H 178 45.28 16.22 -4.90
N GLU H 179 44.71 15.02 -4.78
CA GLU H 179 44.79 14.06 -5.87
C GLU H 179 44.07 14.55 -7.11
N ALA H 180 42.97 15.29 -6.93
CA ALA H 180 42.25 15.85 -8.07
C ALA H 180 43.10 16.86 -8.83
N LYS H 181 43.94 17.62 -8.11
CA LYS H 181 44.86 18.54 -8.79
C LYS H 181 45.95 17.77 -9.52
N GLU H 182 46.51 16.75 -8.88
CA GLU H 182 47.48 15.88 -9.55
C GLU H 182 46.89 15.26 -10.80
N TYR H 183 45.61 14.91 -10.76
CA TYR H 183 45.00 14.25 -11.91
C TYR H 183 44.70 15.22 -13.05
N GLY H 184 44.58 16.51 -12.75
CA GLY H 184 44.22 17.51 -13.74
C GLY H 184 42.76 17.91 -13.72
N LEU H 185 41.96 17.39 -12.78
CA LEU H 185 40.56 17.76 -12.69
C LEU H 185 40.39 19.18 -12.17
N ILE H 186 41.28 19.62 -11.28
CA ILE H 186 41.29 20.99 -10.80
C ILE H 186 42.68 21.57 -11.01
N ASP H 187 42.78 22.88 -10.83
CA ASP H 187 44.05 23.57 -10.98
C ASP H 187 44.73 23.88 -9.66
N GLU H 188 43.94 24.15 -8.62
CA GLU H 188 44.48 24.57 -7.33
C GLU H 188 43.58 24.03 -6.22
N VAL H 189 44.20 23.65 -5.11
CA VAL H 189 43.47 23.37 -3.88
C VAL H 189 43.38 24.69 -3.13
N MET H 190 42.16 25.24 -3.02
CA MET H 190 41.98 26.55 -2.39
C MET H 190 42.26 26.43 -0.90
N GLU H 191 43.39 27.00 -0.48
CA GLU H 191 43.87 26.98 0.90
C GLU H 191 43.30 28.16 1.68
N PRO H 192 43.18 28.04 3.02
CA PRO H 192 42.60 29.11 3.85
C PRO H 192 43.32 30.45 3.71
N ILE I 4 14.13 29.40 -9.87
CA ILE I 4 13.99 29.77 -8.47
C ILE I 4 14.55 31.17 -8.09
N PRO I 5 15.75 31.55 -8.55
CA PRO I 5 16.37 32.78 -8.03
C PRO I 5 15.56 34.01 -8.43
N THR I 6 15.73 35.07 -7.65
CA THR I 6 15.00 36.32 -7.87
C THR I 6 15.87 37.41 -8.48
N TYR I 18 11.15 39.14 -10.05
CA TYR I 18 11.00 38.13 -11.08
C TYR I 18 11.79 36.88 -10.69
N ASP I 19 11.46 35.73 -11.26
CA ASP I 19 12.40 34.62 -11.26
C ASP I 19 13.30 34.69 -12.49
N ILE I 20 14.32 33.84 -12.51
CA ILE I 20 15.34 33.92 -13.57
C ILE I 20 14.73 33.74 -14.95
N TYR I 21 13.65 32.96 -15.05
CA TYR I 21 13.05 32.72 -16.36
C TYR I 21 12.28 33.96 -16.83
N SER I 22 11.61 34.65 -15.91
CA SER I 22 10.93 35.89 -16.26
C SER I 22 11.91 36.97 -16.68
N ARG I 23 13.09 37.00 -16.06
CA ARG I 23 14.11 37.96 -16.49
C ARG I 23 14.57 37.66 -17.92
N LEU I 24 14.73 36.37 -18.24
CA LEU I 24 15.06 36.00 -19.62
C LEU I 24 13.90 36.25 -20.56
N LEU I 25 12.67 36.11 -20.08
CA LEU I 25 11.51 36.37 -20.92
C LEU I 25 11.46 37.82 -21.38
N LYS I 26 11.94 38.77 -20.56
CA LYS I 26 11.95 40.16 -21.03
C LYS I 26 12.91 40.33 -22.19
N ASP I 27 13.95 39.50 -22.29
CA ASP I 27 14.85 39.49 -23.43
C ASP I 27 14.39 38.51 -24.51
N ARG I 28 13.10 38.14 -24.50
CA ARG I 28 12.50 37.29 -25.53
C ARG I 28 13.15 35.90 -25.57
N ILE I 29 13.52 35.39 -24.40
CA ILE I 29 14.10 34.06 -24.27
C ILE I 29 13.10 33.18 -23.53
N ILE I 30 12.78 32.03 -24.12
CA ILE I 30 11.84 31.07 -23.54
C ILE I 30 12.60 29.78 -23.27
N MET I 31 12.43 29.25 -22.06
CA MET I 31 13.13 28.04 -21.64
C MET I 31 12.15 26.87 -21.65
N LEU I 32 12.38 25.91 -22.54
CA LEU I 32 11.68 24.63 -22.52
C LEU I 32 12.66 23.59 -22.01
N GLY I 33 12.55 23.25 -20.73
CA GLY I 33 13.47 22.31 -20.11
C GLY I 33 12.80 21.24 -19.27
N SER I 34 11.72 20.65 -19.78
CA SER I 34 10.99 19.62 -19.05
C SER I 34 10.20 18.80 -20.06
N GLN I 35 9.46 17.83 -19.53
CA GLN I 35 8.54 17.07 -20.36
C GLN I 35 7.50 18.00 -20.97
N ILE I 36 6.98 17.64 -22.14
CA ILE I 36 5.98 18.44 -22.83
C ILE I 36 4.62 17.84 -22.47
N ASP I 37 3.86 18.54 -21.63
CA ASP I 37 2.48 18.19 -21.32
C ASP I 37 1.61 19.42 -21.58
N ASP I 38 0.32 19.30 -21.28
CA ASP I 38 -0.60 20.40 -21.56
C ASP I 38 -0.22 21.64 -20.75
N ASN I 39 0.22 21.47 -19.50
CA ASN I 39 0.57 22.62 -18.69
C ASN I 39 1.78 23.35 -19.27
N VAL I 40 2.82 22.60 -19.67
CA VAL I 40 3.99 23.21 -20.27
C VAL I 40 3.64 23.89 -21.59
N ALA I 41 2.91 23.19 -22.46
CA ALA I 41 2.54 23.75 -23.75
C ALA I 41 1.71 25.02 -23.57
N ASN I 42 0.81 25.00 -22.59
CA ASN I 42 0.00 26.19 -22.31
C ASN I 42 0.88 27.37 -21.95
N SER I 43 1.90 27.14 -21.12
CA SER I 43 2.79 28.22 -20.71
C SER I 43 3.61 28.74 -21.88
N ILE I 44 4.16 27.83 -22.69
CA ILE I 44 4.98 28.23 -23.84
C ILE I 44 4.13 29.01 -24.84
N VAL I 45 2.93 28.51 -25.13
CA VAL I 45 2.03 29.20 -26.05
C VAL I 45 1.74 30.61 -25.53
N SER I 46 1.47 30.72 -24.23
CA SER I 46 1.18 32.04 -23.66
C SER I 46 2.37 32.98 -23.79
N GLN I 47 3.58 32.47 -23.56
CA GLN I 47 4.76 33.32 -23.67
C GLN I 47 4.99 33.75 -25.12
N LEU I 48 4.73 32.85 -26.07
CA LEU I 48 4.88 33.20 -27.49
C LEU I 48 3.89 34.28 -27.90
N LEU I 49 2.61 34.12 -27.53
CA LEU I 49 1.61 35.14 -27.84
C LEU I 49 1.96 36.47 -27.18
N PHE I 50 2.44 36.42 -25.94
CA PHE I 50 2.81 37.62 -25.22
C PHE I 50 3.98 38.34 -25.89
N LEU I 51 5.00 37.59 -26.32
CA LEU I 51 6.14 38.23 -26.96
C LEU I 51 5.77 38.84 -28.29
N GLN I 52 4.83 38.23 -29.03
CA GLN I 52 4.39 38.82 -30.28
C GLN I 52 3.64 40.12 -30.04
N ALA I 53 2.81 40.18 -29.00
CA ALA I 53 2.06 41.40 -28.71
C ALA I 53 2.99 42.55 -28.34
N GLN I 54 4.06 42.28 -27.59
CA GLN I 54 5.01 43.33 -27.25
C GLN I 54 5.81 43.79 -28.46
N ASP I 55 6.23 42.87 -29.31
CA ASP I 55 6.99 43.20 -30.51
C ASP I 55 6.87 42.06 -31.50
N SER I 56 6.21 42.32 -32.64
CA SER I 56 5.98 41.31 -33.65
C SER I 56 7.14 41.15 -34.63
N GLU I 57 8.23 41.90 -34.47
CA GLU I 57 9.30 41.86 -35.45
C GLU I 57 10.58 41.20 -34.94
N LYS I 58 11.01 41.51 -33.72
CA LYS I 58 12.24 40.93 -33.20
C LYS I 58 12.07 39.44 -32.96
N ASP I 59 13.16 38.70 -33.19
CA ASP I 59 13.14 37.25 -33.04
C ASP I 59 12.83 36.83 -31.60
N ILE I 60 12.35 35.60 -31.46
CA ILE I 60 12.13 34.95 -30.17
C ILE I 60 13.09 33.77 -30.10
N TYR I 61 13.62 33.51 -28.90
CA TYR I 61 14.59 32.45 -28.68
C TYR I 61 13.99 31.37 -27.79
N LEU I 62 13.86 30.16 -28.33
CA LEU I 62 13.30 29.03 -27.61
C LEU I 62 14.41 28.00 -27.35
N TYR I 63 14.87 27.94 -26.12
CA TYR I 63 15.80 26.91 -25.70
C TYR I 63 15.04 25.62 -25.39
N ILE I 64 15.58 24.50 -25.86
CA ILE I 64 14.91 23.22 -25.75
C ILE I 64 15.83 22.22 -25.07
N ASN I 65 15.41 21.73 -23.91
CA ASN I 65 16.05 20.60 -23.23
C ASN I 65 14.89 19.73 -22.72
N SER I 66 14.42 18.81 -23.55
CA SER I 66 13.19 18.07 -23.27
C SER I 66 13.29 16.63 -23.73
N PRO I 67 12.78 15.68 -22.94
CA PRO I 67 12.70 14.29 -23.39
C PRO I 67 11.50 13.99 -24.26
N GLY I 68 10.67 14.98 -24.55
CA GLY I 68 9.45 14.80 -25.31
C GLY I 68 8.22 14.91 -24.43
N GLY I 69 7.15 14.28 -24.90
CA GLY I 69 5.93 14.25 -24.13
C GLY I 69 4.72 14.15 -25.06
N SER I 70 3.65 14.83 -24.66
CA SER I 70 2.38 14.76 -25.39
C SER I 70 2.51 15.33 -26.79
N VAL I 71 1.98 14.60 -27.77
CA VAL I 71 2.02 15.04 -29.17
C VAL I 71 1.08 16.23 -29.39
N THR I 72 -0.13 16.18 -28.83
CA THR I 72 -1.05 17.29 -29.00
C THR I 72 -0.55 18.54 -28.29
N ALA I 73 0.06 18.37 -27.11
CA ALA I 73 0.66 19.52 -26.45
C ALA I 73 1.80 20.08 -27.28
N GLY I 74 2.60 19.20 -27.89
CA GLY I 74 3.66 19.67 -28.76
C GLY I 74 3.15 20.37 -30.00
N PHE I 75 2.01 19.92 -30.54
CA PHE I 75 1.46 20.60 -31.70
C PHE I 75 0.85 21.94 -31.33
N ALA I 76 0.36 22.09 -30.10
CA ALA I 76 -0.06 23.41 -29.62
C ALA I 76 1.10 24.38 -29.65
N ILE I 77 2.29 23.94 -29.24
CA ILE I 77 3.47 24.79 -29.35
C ILE I 77 3.88 24.97 -30.81
N TYR I 78 3.88 23.88 -31.58
CA TYR I 78 4.30 23.94 -32.98
C TYR I 78 3.46 24.93 -33.76
N ASP I 79 2.14 24.78 -33.71
CA ASP I 79 1.27 25.64 -34.51
C ASP I 79 1.36 27.10 -34.07
N THR I 80 1.58 27.36 -32.77
CA THR I 80 1.73 28.74 -32.32
C THR I 80 3.02 29.35 -32.86
N ILE I 81 4.11 28.56 -32.88
CA ILE I 81 5.34 29.02 -33.50
C ILE I 81 5.10 29.39 -34.96
N GLN I 82 4.40 28.51 -35.68
CA GLN I 82 4.17 28.75 -37.10
C GLN I 82 3.23 29.92 -37.31
N HIS I 83 2.36 30.20 -36.35
CA HIS I 83 1.33 31.22 -36.54
C HIS I 83 1.84 32.62 -36.27
N ILE I 84 2.65 32.81 -35.22
CA ILE I 84 3.06 34.16 -34.86
C ILE I 84 3.99 34.74 -35.90
N LYS I 85 4.07 36.07 -35.94
CA LYS I 85 4.87 36.80 -36.89
C LYS I 85 6.37 36.75 -36.60
N PRO I 86 6.82 36.93 -35.34
CA PRO I 86 8.26 36.88 -35.10
C PRO I 86 8.85 35.51 -35.44
N ASP I 87 10.08 35.53 -35.93
CA ASP I 87 10.83 34.29 -36.07
C ASP I 87 11.15 33.73 -34.70
N VAL I 88 11.00 32.41 -34.57
CA VAL I 88 11.30 31.72 -33.33
C VAL I 88 12.56 30.90 -33.57
N GLN I 89 13.65 31.30 -32.92
CA GLN I 89 14.87 30.52 -32.97
C GLN I 89 14.81 29.40 -31.94
N THR I 90 15.29 28.23 -32.33
CA THR I 90 15.33 27.07 -31.46
C THR I 90 16.78 26.70 -31.17
N ILE I 91 17.09 26.48 -29.90
CA ILE I 91 18.44 26.11 -29.47
C ILE I 91 18.35 24.88 -28.58
N CYS I 92 18.93 23.77 -29.04
CA CYS I 92 18.93 22.53 -28.28
C CYS I 92 20.13 22.51 -27.36
N ILE I 93 19.88 22.39 -26.05
CA ILE I 93 20.92 22.21 -25.04
C ILE I 93 20.64 20.90 -24.33
N GLY I 94 21.67 20.09 -24.16
CA GLY I 94 21.51 18.81 -23.51
C GLY I 94 20.83 17.78 -24.38
N MET I 95 19.49 17.81 -24.44
CA MET I 95 18.76 16.75 -25.12
C MET I 95 17.45 17.29 -25.69
N ALA I 96 17.18 16.93 -26.94
CA ALA I 96 15.87 17.17 -27.57
C ALA I 96 15.43 15.81 -28.13
N ALA I 97 14.52 15.16 -27.42
CA ALA I 97 14.07 13.83 -27.77
C ALA I 97 12.59 13.87 -28.11
N SER I 98 12.19 13.03 -29.08
CA SER I 98 10.79 12.81 -29.43
C SER I 98 10.14 14.13 -29.80
N MET I 99 9.04 14.54 -29.17
CA MET I 99 8.38 15.81 -29.50
C MET I 99 9.32 17.00 -29.33
N GLY I 100 10.33 16.86 -28.47
CA GLY I 100 11.29 17.95 -28.30
C GLY I 100 12.14 18.19 -29.53
N SER I 101 12.57 17.09 -30.19
CA SER I 101 13.30 17.23 -31.44
C SER I 101 12.38 17.69 -32.57
N PHE I 102 11.09 17.37 -32.48
CA PHE I 102 10.13 17.90 -33.45
C PHE I 102 10.03 19.41 -33.32
N LEU I 103 9.96 19.93 -32.09
CA LEU I 103 9.93 21.37 -31.90
C LEU I 103 11.27 22.02 -32.25
N LEU I 104 12.38 21.32 -32.03
CA LEU I 104 13.68 21.84 -32.45
C LEU I 104 13.69 22.10 -33.95
N ALA I 105 13.17 21.15 -34.73
CA ALA I 105 13.08 21.28 -36.18
C ALA I 105 12.02 22.30 -36.62
N ALA I 106 11.18 22.78 -35.70
CA ALA I 106 10.12 23.71 -36.04
C ALA I 106 10.56 25.18 -36.04
N GLY I 107 11.78 25.47 -35.62
CA GLY I 107 12.26 26.85 -35.60
C GLY I 107 12.37 27.45 -36.99
N ALA I 108 12.58 28.77 -37.01
CA ALA I 108 12.78 29.45 -38.29
C ALA I 108 13.99 28.88 -39.01
N LYS I 109 13.81 28.55 -40.29
CA LYS I 109 14.89 27.97 -41.08
C LYS I 109 16.08 28.92 -41.13
N GLY I 110 17.27 28.37 -40.88
CA GLY I 110 18.46 29.17 -40.71
C GLY I 110 18.73 29.57 -39.27
N LYS I 111 17.75 29.39 -38.39
CA LYS I 111 17.85 29.80 -36.99
C LYS I 111 17.55 28.67 -36.03
N ARG I 112 17.89 27.44 -36.40
CA ARG I 112 17.75 26.27 -35.54
C ARG I 112 19.15 25.78 -35.16
N PHE I 113 19.42 25.70 -33.86
CA PHE I 113 20.77 25.46 -33.38
C PHE I 113 20.78 24.32 -32.37
N ALA I 114 21.97 23.76 -32.18
CA ALA I 114 22.25 22.84 -31.08
C ALA I 114 23.68 23.07 -30.62
N LEU I 115 23.89 22.99 -29.32
CA LEU I 115 25.24 23.11 -28.79
C LEU I 115 26.03 21.85 -29.14
N PRO I 116 27.37 21.93 -29.18
CA PRO I 116 28.16 20.84 -29.79
C PRO I 116 27.92 19.46 -29.19
N ASN I 117 27.68 19.37 -27.89
CA ASN I 117 27.50 18.09 -27.22
C ASN I 117 26.03 17.79 -26.91
N ALA I 118 25.12 18.62 -27.40
CA ALA I 118 23.71 18.35 -27.26
C ALA I 118 23.33 17.10 -28.06
N GLU I 119 22.27 16.43 -27.63
CA GLU I 119 21.82 15.19 -28.22
C GLU I 119 20.42 15.37 -28.81
N VAL I 120 20.18 14.73 -29.95
CA VAL I 120 18.89 14.78 -30.62
C VAL I 120 18.44 13.35 -30.85
N MET I 121 17.21 13.03 -30.45
CA MET I 121 16.67 11.69 -30.64
C MET I 121 15.30 11.78 -31.29
N ILE I 122 15.08 10.94 -32.31
CA ILE I 122 13.82 10.86 -33.02
C ILE I 122 13.30 9.42 -32.96
N HIS I 123 11.99 9.27 -32.82
CA HIS I 123 11.35 7.96 -32.87
C HIS I 123 9.86 8.14 -33.16
N GLN I 124 9.17 7.03 -33.36
CA GLN I 124 7.76 7.07 -33.66
C GLN I 124 6.94 7.31 -32.41
N PRO I 125 5.72 7.85 -32.55
CA PRO I 125 4.92 8.17 -31.37
C PRO I 125 4.48 6.95 -30.59
N LEU I 126 4.25 7.16 -29.30
CA LEU I 126 3.84 6.13 -28.36
C LEU I 126 2.40 6.37 -27.91
N GLY I 127 1.71 5.28 -27.56
CA GLY I 127 0.35 5.40 -27.13
C GLY I 127 -0.15 4.11 -26.52
N GLY I 128 -1.47 4.06 -26.31
CA GLY I 128 -2.11 2.90 -25.72
C GLY I 128 -3.53 2.77 -26.22
N ALA I 129 -4.10 1.58 -26.01
CA ALA I 129 -5.47 1.31 -26.43
C ALA I 129 -6.02 0.18 -25.57
N GLN I 130 -7.29 0.30 -25.19
CA GLN I 130 -7.91 -0.72 -24.36
C GLN I 130 -9.41 -0.76 -24.66
N GLY I 131 -9.98 -1.97 -24.59
CA GLY I 131 -11.40 -2.14 -24.74
C GLY I 131 -11.74 -3.12 -25.85
N GLN I 132 -12.85 -2.85 -26.54
CA GLN I 132 -13.31 -3.70 -27.62
C GLN I 132 -12.40 -3.61 -28.83
N ALA I 133 -12.49 -4.61 -29.70
CA ALA I 133 -11.69 -4.65 -30.91
C ALA I 133 -11.94 -3.41 -31.77
N THR I 134 -13.18 -2.95 -31.84
CA THR I 134 -13.49 -1.74 -32.61
C THR I 134 -12.82 -0.52 -32.00
N GLU I 135 -12.80 -0.43 -30.67
CA GLU I 135 -12.17 0.69 -29.98
C GLU I 135 -10.66 0.68 -30.20
N ILE I 136 -10.05 -0.50 -30.18
CA ILE I 136 -8.63 -0.63 -30.47
C ILE I 136 -8.34 -0.26 -31.92
N GLU I 137 -9.24 -0.62 -32.83
CA GLU I 137 -9.06 -0.23 -34.23
C GLU I 137 -9.07 1.28 -34.38
N ILE I 138 -9.99 1.95 -33.71
CA ILE I 138 -10.05 3.41 -33.78
C ILE I 138 -8.77 4.02 -33.24
N ALA I 139 -8.29 3.52 -32.10
CA ALA I 139 -7.09 4.08 -31.49
C ALA I 139 -5.84 3.85 -32.35
N ALA I 140 -5.74 2.68 -32.99
CA ALA I 140 -4.59 2.42 -33.86
C ALA I 140 -4.62 3.30 -35.10
N ASN I 141 -5.79 3.43 -35.72
CA ASN I 141 -5.91 4.31 -36.88
C ASN I 141 -5.55 5.73 -36.51
N HIS I 142 -5.92 6.17 -35.31
CA HIS I 142 -5.62 7.54 -34.90
C HIS I 142 -4.12 7.76 -34.73
N ILE I 143 -3.43 6.84 -34.03
CA ILE I 143 -2.01 7.05 -33.79
C ILE I 143 -1.22 6.88 -35.08
N LEU I 144 -1.73 6.06 -36.01
CA LEU I 144 -1.09 5.93 -37.32
C LEU I 144 -1.25 7.21 -38.14
N LYS I 145 -2.41 7.86 -38.09
CA LYS I 145 -2.55 9.17 -38.73
C LYS I 145 -1.68 10.21 -38.05
N THR I 146 -1.53 10.12 -36.72
CA THR I 146 -0.68 11.08 -36.02
C THR I 146 0.77 10.93 -36.45
N ARG I 147 1.23 9.69 -36.62
CA ARG I 147 2.61 9.48 -37.05
C ARG I 147 2.85 10.02 -38.46
N GLU I 148 1.94 9.76 -39.39
CA GLU I 148 2.12 10.28 -40.75
C GLU I 148 2.07 11.80 -40.78
N LYS I 149 1.22 12.40 -39.97
CA LYS I 149 1.21 13.86 -39.85
C LYS I 149 2.55 14.38 -39.33
N LEU I 150 3.12 13.70 -38.32
CA LEU I 150 4.42 14.09 -37.79
C LEU I 150 5.52 13.89 -38.83
N ASN I 151 5.48 12.77 -39.55
CA ASN I 151 6.51 12.50 -40.55
C ASN I 151 6.41 13.45 -41.74
N ARG I 152 5.19 13.78 -42.16
CA ARG I 152 5.02 14.71 -43.26
C ARG I 152 5.61 16.07 -42.93
N ILE I 153 5.29 16.61 -41.75
CA ILE I 153 5.86 17.89 -41.34
C ILE I 153 7.37 17.77 -41.16
N LEU I 154 7.84 16.69 -40.53
CA LEU I 154 9.27 16.50 -40.36
C LEU I 154 9.98 16.48 -41.71
N SER I 155 9.34 15.90 -42.72
CA SER I 155 9.90 15.88 -44.07
C SER I 155 9.99 17.31 -44.64
N GLU I 156 8.94 18.12 -44.42
CA GLU I 156 8.94 19.48 -44.95
C GLU I 156 10.00 20.34 -44.28
N ARG I 157 10.31 20.05 -43.02
CA ARG I 157 11.24 20.89 -42.26
C ARG I 157 12.68 20.42 -42.34
N THR I 158 12.92 19.17 -42.72
CA THR I 158 14.27 18.65 -42.82
C THR I 158 14.76 18.46 -44.25
N GLY I 159 13.85 18.40 -45.22
CA GLY I 159 14.20 18.05 -46.58
C GLY I 159 14.28 16.56 -46.83
N GLN I 160 14.15 15.73 -45.80
CA GLN I 160 14.20 14.29 -45.97
C GLN I 160 12.89 13.77 -46.55
N SER I 161 12.98 12.63 -47.23
CA SER I 161 11.79 12.02 -47.79
C SER I 161 10.96 11.39 -46.67
N ILE I 162 9.68 11.18 -46.96
CA ILE I 162 8.78 10.60 -45.96
C ILE I 162 9.20 9.17 -45.65
N GLU I 163 9.61 8.41 -46.67
CA GLU I 163 10.07 7.04 -46.45
C GLU I 163 11.31 6.99 -45.57
N LYS I 164 12.21 7.97 -45.71
CA LYS I 164 13.43 8.04 -44.91
C LYS I 164 13.10 8.32 -43.44
N ILE I 165 12.17 9.24 -43.22
CA ILE I 165 11.69 9.55 -41.87
C ILE I 165 11.06 8.32 -41.23
N GLN I 166 10.26 7.57 -42.01
CA GLN I 166 9.63 6.37 -41.49
C GLN I 166 10.66 5.35 -41.03
N GLN I 167 11.67 5.10 -41.85
CA GLN I 167 12.69 4.13 -41.49
C GLN I 167 13.60 4.64 -40.39
N ASP I 168 13.90 5.93 -40.37
CA ASP I 168 14.78 6.47 -39.34
C ASP I 168 14.09 6.67 -37.99
N THR I 169 12.76 6.61 -37.92
CA THR I 169 12.03 6.76 -36.67
C THR I 169 11.38 5.47 -36.20
N ASP I 170 11.62 4.36 -36.88
CA ASP I 170 11.02 3.08 -36.49
C ASP I 170 11.46 2.67 -35.09
N ARG I 171 12.68 2.99 -34.72
CA ARG I 171 13.20 2.77 -33.38
C ARG I 171 13.84 4.06 -32.90
N ASP I 172 14.21 4.09 -31.63
CA ASP I 172 14.93 5.22 -31.07
C ASP I 172 16.20 5.47 -31.90
N ASN I 173 16.32 6.68 -32.44
CA ASN I 173 17.46 7.06 -33.26
C ASN I 173 18.13 8.28 -32.62
N PHE I 174 19.31 8.05 -32.03
CA PHE I 174 20.06 9.09 -31.36
C PHE I 174 21.03 9.75 -32.34
N LEU I 175 21.06 11.08 -32.33
CA LEU I 175 21.91 11.85 -33.23
C LEU I 175 22.76 12.83 -32.43
N THR I 176 24.02 12.95 -32.83
CA THR I 176 24.84 14.03 -32.32
C THR I 176 24.37 15.35 -32.93
N ALA I 177 24.91 16.46 -32.41
CA ALA I 177 24.58 17.76 -32.96
C ALA I 177 24.97 17.86 -34.43
N ALA I 178 26.15 17.36 -34.77
CA ALA I 178 26.60 17.41 -36.17
C ALA I 178 25.70 16.56 -37.06
N GLU I 179 25.32 15.37 -36.60
CA GLU I 179 24.41 14.53 -37.37
C GLU I 179 23.03 15.17 -37.50
N ALA I 180 22.58 15.91 -36.49
CA ALA I 180 21.29 16.58 -36.58
C ALA I 180 21.30 17.69 -37.63
N LYS I 181 22.41 18.42 -37.74
CA LYS I 181 22.51 19.44 -38.79
C LYS I 181 22.61 18.77 -40.16
N GLU I 182 23.39 17.70 -40.24
CA GLU I 182 23.43 16.91 -41.46
C GLU I 182 22.04 16.42 -41.86
N TYR I 183 21.24 16.01 -40.87
CA TYR I 183 19.93 15.47 -41.16
C TYR I 183 18.93 16.54 -41.60
N GLY I 184 19.15 17.79 -41.22
CA GLY I 184 18.21 18.85 -41.48
C GLY I 184 17.33 19.22 -40.31
N LEU I 185 17.56 18.63 -39.14
CA LEU I 185 16.78 18.98 -37.95
C LEU I 185 17.19 20.34 -37.42
N ILE I 186 18.46 20.71 -37.56
CA ILE I 186 18.95 22.04 -37.20
C ILE I 186 19.75 22.57 -38.38
N ASP I 187 20.08 23.85 -38.31
CA ASP I 187 20.87 24.49 -39.35
C ASP I 187 22.33 24.64 -39.00
N GLU I 188 22.66 24.84 -37.72
CA GLU I 188 24.06 25.07 -37.39
C GLU I 188 24.35 24.47 -36.03
N VAL I 189 25.55 23.93 -35.88
CA VAL I 189 26.06 23.55 -34.57
C VAL I 189 26.70 24.81 -33.99
N MET I 190 26.09 25.34 -32.94
CA MET I 190 26.54 26.59 -32.33
C MET I 190 27.85 26.33 -31.59
N GLU I 191 28.98 26.85 -32.15
CA GLU I 191 30.31 26.67 -31.62
C GLU I 191 30.65 27.76 -30.59
N PRO I 192 31.56 27.45 -29.64
CA PRO I 192 31.90 28.43 -28.60
C PRO I 192 32.45 29.73 -29.15
N GLU I 193 31.67 30.80 -29.06
CA GLU I 193 32.10 32.11 -29.52
C GLU I 193 33.24 32.65 -28.67
N ILE J 4 3.42 30.00 -15.85
CA ILE J 4 4.28 30.05 -14.67
C ILE J 4 5.09 31.34 -14.53
N PRO J 5 5.75 31.81 -15.59
CA PRO J 5 6.63 32.97 -15.43
C PRO J 5 5.81 34.21 -15.07
N THR J 6 6.47 35.15 -14.42
CA THR J 6 5.82 36.35 -13.97
C THR J 6 6.25 37.52 -14.86
N VAL J 7 5.33 38.44 -15.10
CA VAL J 7 5.59 39.47 -16.11
C VAL J 7 5.29 40.88 -15.59
N TYR J 18 2.17 40.07 -12.41
CA TYR J 18 1.26 39.05 -12.94
C TYR J 18 2.00 37.79 -13.33
N ASP J 19 1.29 36.66 -13.38
CA ASP J 19 1.79 35.53 -14.13
C ASP J 19 1.37 35.71 -15.58
N ILE J 20 1.89 34.84 -16.45
CA ILE J 20 1.66 35.03 -17.88
C ILE J 20 0.18 34.99 -18.21
N TYR J 21 -0.61 34.22 -17.45
CA TYR J 21 -2.04 34.11 -17.76
C TYR J 21 -2.79 35.35 -17.33
N SER J 22 -2.43 35.95 -16.19
CA SER J 22 -3.04 37.21 -15.78
C SER J 22 -2.67 38.33 -16.74
N ARG J 23 -1.46 38.29 -17.29
CA ARG J 23 -1.06 39.28 -18.28
C ARG J 23 -1.89 39.17 -19.55
N LEU J 24 -2.14 37.93 -20.00
CA LEU J 24 -2.99 37.73 -21.16
C LEU J 24 -4.44 38.06 -20.85
N LEU J 25 -4.87 37.88 -19.61
CA LEU J 25 -6.25 38.23 -19.27
C LEU J 25 -6.52 39.72 -19.45
N LYS J 26 -5.51 40.58 -19.28
CA LYS J 26 -5.72 42.01 -19.55
C LYS J 26 -6.06 42.26 -21.02
N ASP J 27 -5.58 41.40 -21.92
CA ASP J 27 -5.96 41.47 -23.32
C ASP J 27 -7.21 40.64 -23.62
N ARG J 28 -7.99 40.28 -22.59
CA ARG J 28 -9.25 39.55 -22.75
C ARG J 28 -9.02 38.17 -23.35
N ILE J 29 -7.92 37.54 -22.97
CA ILE J 29 -7.57 36.20 -23.42
C ILE J 29 -7.73 35.24 -22.25
N ILE J 30 -8.51 34.19 -22.45
CA ILE J 30 -8.75 33.16 -21.44
C ILE J 30 -8.17 31.86 -21.97
N MET J 31 -7.42 31.17 -21.12
CA MET J 31 -6.73 29.93 -21.44
C MET J 31 -7.48 28.76 -20.82
N LEU J 32 -8.08 27.92 -21.66
CA LEU J 32 -8.64 26.65 -21.20
C LEU J 32 -7.67 25.57 -21.65
N GLY J 33 -6.80 25.16 -20.75
CA GLY J 33 -5.77 24.21 -21.12
C GLY J 33 -5.62 23.02 -20.19
N SER J 34 -6.75 22.46 -19.76
CA SER J 34 -6.74 21.28 -18.91
C SER J 34 -8.08 20.58 -19.08
N GLN J 35 -8.22 19.43 -18.42
CA GLN J 35 -9.51 18.79 -18.37
C GLN J 35 -10.50 19.65 -17.61
N ILE J 36 -11.78 19.50 -17.95
CA ILE J 36 -12.84 20.36 -17.45
C ILE J 36 -13.47 19.71 -16.23
N ASP J 37 -13.26 20.31 -15.07
CA ASP J 37 -13.96 19.95 -13.85
C ASP J 37 -14.61 21.21 -13.29
N ASP J 38 -15.23 21.06 -12.10
CA ASP J 38 -15.91 22.18 -11.49
C ASP J 38 -14.95 23.32 -11.16
N ASN J 39 -13.71 23.01 -10.74
CA ASN J 39 -12.78 24.08 -10.41
C ASN J 39 -12.41 24.88 -11.65
N VAL J 40 -12.11 24.20 -12.75
CA VAL J 40 -11.77 24.88 -13.99
C VAL J 40 -12.96 25.69 -14.49
N ALA J 41 -14.15 25.09 -14.47
CA ALA J 41 -15.35 25.80 -14.92
C ALA J 41 -15.61 27.04 -14.08
N ASN J 42 -15.41 26.95 -12.76
CA ASN J 42 -15.58 28.11 -11.90
C ASN J 42 -14.65 29.25 -12.32
N SER J 43 -13.39 28.91 -12.63
CA SER J 43 -12.44 29.95 -13.04
C SER J 43 -12.81 30.55 -14.38
N ILE J 44 -13.16 29.71 -15.37
CA ILE J 44 -13.50 30.21 -16.70
C ILE J 44 -14.74 31.11 -16.63
N VAL J 45 -15.78 30.65 -15.93
CA VAL J 45 -16.99 31.45 -15.80
C VAL J 45 -16.68 32.78 -15.12
N SER J 46 -15.87 32.74 -14.05
CA SER J 46 -15.52 33.97 -13.34
C SER J 46 -14.75 34.93 -14.24
N GLN J 47 -13.85 34.40 -15.06
CA GLN J 47 -13.10 35.27 -15.96
C GLN J 47 -14.01 35.88 -17.02
N LEU J 48 -14.98 35.09 -17.50
CA LEU J 48 -15.93 35.60 -18.49
C LEU J 48 -16.79 36.70 -17.90
N LEU J 49 -17.35 36.49 -16.71
CA LEU J 49 -18.17 37.51 -16.08
C LEU J 49 -17.35 38.78 -15.80
N PHE J 50 -16.10 38.62 -15.36
CA PHE J 50 -15.26 39.79 -15.12
C PHE J 50 -14.96 40.55 -16.40
N LEU J 51 -14.66 39.84 -17.49
CA LEU J 51 -14.37 40.55 -18.73
C LEU J 51 -15.60 41.27 -19.26
N GLN J 52 -16.79 40.71 -19.05
CA GLN J 52 -18.01 41.39 -19.47
C GLN J 52 -18.23 42.66 -18.67
N ALA J 53 -17.94 42.61 -17.37
CA ALA J 53 -18.09 43.80 -16.52
C ALA J 53 -17.15 44.91 -16.97
N GLN J 54 -15.94 44.54 -17.43
CA GLN J 54 -14.98 45.55 -17.90
C GLN J 54 -15.49 46.24 -19.15
N ASP J 55 -16.01 45.49 -20.11
CA ASP J 55 -16.51 46.04 -21.36
C ASP J 55 -17.42 45.00 -21.98
N SER J 56 -18.69 45.33 -22.15
CA SER J 56 -19.67 44.38 -22.66
C SER J 56 -19.65 44.25 -24.17
N GLU J 57 -18.77 44.97 -24.84
CA GLU J 57 -18.68 44.99 -26.30
C GLU J 57 -17.42 44.34 -26.84
N LYS J 58 -16.29 44.54 -26.18
CA LYS J 58 -15.02 44.02 -26.69
C LYS J 58 -15.07 42.51 -26.72
N ASP J 59 -14.46 41.92 -27.75
CA ASP J 59 -14.46 40.46 -27.87
C ASP J 59 -13.65 39.81 -26.74
N ILE J 60 -13.97 38.55 -26.48
CA ILE J 60 -13.22 37.69 -25.58
C ILE J 60 -12.62 36.56 -26.41
N TYR J 61 -11.38 36.19 -26.09
CA TYR J 61 -10.67 35.16 -26.84
C TYR J 61 -10.41 33.97 -25.91
N LEU J 62 -11.01 32.82 -26.23
CA LEU J 62 -10.91 31.62 -25.42
C LEU J 62 -10.09 30.58 -26.17
N TYR J 63 -8.85 30.38 -25.73
CA TYR J 63 -8.02 29.30 -26.27
C TYR J 63 -8.38 27.99 -25.59
N ILE J 64 -8.47 26.93 -26.38
CA ILE J 64 -8.94 25.64 -25.89
C ILE J 64 -7.89 24.58 -26.23
N ASN J 65 -7.30 23.99 -25.19
CA ASN J 65 -6.45 22.80 -25.31
C ASN J 65 -6.90 21.88 -24.17
N SER J 66 -7.93 21.08 -24.43
CA SER J 66 -8.60 20.34 -23.37
C SER J 66 -9.01 18.95 -23.82
N PRO J 67 -8.78 17.93 -22.99
CA PRO J 67 -9.29 16.59 -23.31
C PRO J 67 -10.75 16.40 -22.95
N GLY J 68 -11.41 17.44 -22.43
CA GLY J 68 -12.80 17.31 -22.05
C GLY J 68 -12.93 17.21 -20.54
N GLY J 69 -14.02 16.61 -20.08
CA GLY J 69 -14.22 16.42 -18.67
C GLY J 69 -15.71 16.43 -18.36
N SER J 70 -16.05 17.02 -17.21
CA SER J 70 -17.43 17.02 -16.73
C SER J 70 -18.35 17.75 -17.70
N VAL J 71 -19.47 17.10 -18.04
CA VAL J 71 -20.44 17.71 -18.94
C VAL J 71 -21.15 18.88 -18.26
N THR J 72 -21.51 18.72 -16.98
CA THR J 72 -22.20 19.82 -16.29
C THR J 72 -21.26 21.00 -16.08
N ALA J 73 -19.98 20.75 -15.78
CA ALA J 73 -19.03 21.86 -15.68
C ALA J 73 -18.85 22.54 -17.03
N GLY J 74 -18.84 21.76 -18.12
CA GLY J 74 -18.77 22.35 -19.45
C GLY J 74 -19.99 23.14 -19.82
N PHE J 75 -21.17 22.71 -19.37
CA PHE J 75 -22.39 23.48 -19.64
C PHE J 75 -22.45 24.75 -18.82
N ALA J 76 -21.80 24.75 -17.65
CA ALA J 76 -21.65 26.01 -16.92
C ALA J 76 -20.88 27.03 -17.75
N ILE J 77 -19.84 26.57 -18.47
CA ILE J 77 -19.10 27.45 -19.37
C ILE J 77 -19.92 27.79 -20.60
N TYR J 78 -20.58 26.79 -21.19
CA TYR J 78 -21.36 27.00 -22.40
C TYR J 78 -22.43 28.06 -22.19
N ASP J 79 -23.26 27.88 -21.15
CA ASP J 79 -24.35 28.83 -20.91
C ASP J 79 -23.82 30.21 -20.59
N THR J 80 -22.68 30.31 -19.92
CA THR J 80 -22.09 31.62 -19.65
C THR J 80 -21.62 32.29 -20.94
N ILE J 81 -21.03 31.51 -21.86
CA ILE J 81 -20.63 32.07 -23.14
C ILE J 81 -21.84 32.61 -23.89
N GLN J 82 -22.92 31.83 -23.92
CA GLN J 82 -24.10 32.25 -24.67
C GLN J 82 -24.80 33.43 -24.02
N HIS J 83 -24.65 33.59 -22.71
CA HIS J 83 -25.42 34.59 -21.98
C HIS J 83 -24.77 35.98 -22.01
N ILE J 84 -23.45 36.05 -21.90
CA ILE J 84 -22.80 37.35 -21.77
C ILE J 84 -22.90 38.11 -23.09
N LYS J 85 -22.77 39.42 -23.01
CA LYS J 85 -22.91 40.33 -24.13
C LYS J 85 -21.73 40.22 -25.11
N PRO J 86 -20.48 40.19 -24.65
CA PRO J 86 -19.37 40.12 -25.61
C PRO J 86 -19.39 38.84 -26.43
N ASP J 87 -18.95 38.95 -27.67
CA ASP J 87 -18.67 37.77 -28.46
C ASP J 87 -17.48 37.03 -27.87
N VAL J 88 -17.58 35.70 -27.83
CA VAL J 88 -16.51 34.84 -27.34
C VAL J 88 -15.94 34.10 -28.54
N GLN J 89 -14.71 34.44 -28.91
CA GLN J 89 -14.01 33.67 -29.93
C GLN J 89 -13.38 32.43 -29.31
N THR J 90 -13.47 31.30 -30.00
CA THR J 90 -12.85 30.06 -29.58
C THR J 90 -11.75 29.69 -30.56
N ILE J 91 -10.57 29.34 -30.02
CA ILE J 91 -9.40 28.98 -30.81
C ILE J 91 -8.86 27.68 -30.25
N CYS J 92 -8.92 26.62 -31.04
CA CYS J 92 -8.41 25.33 -30.62
C CYS J 92 -6.94 25.20 -31.00
N ILE J 93 -6.09 24.99 -30.00
CA ILE J 93 -4.68 24.67 -30.20
C ILE J 93 -4.45 23.31 -29.58
N GLY J 94 -3.73 22.45 -30.31
CA GLY J 94 -3.45 21.14 -29.77
C GLY J 94 -4.63 20.18 -29.80
N MET J 95 -5.57 20.37 -28.86
CA MET J 95 -6.59 19.37 -28.56
C MET J 95 -7.91 20.03 -28.18
N ALA J 96 -8.99 19.62 -28.83
CA ALA J 96 -10.35 19.87 -28.34
C ALA J 96 -11.12 18.55 -28.41
N ALA J 97 -11.22 17.85 -27.29
CA ALA J 97 -11.87 16.55 -27.28
C ALA J 97 -13.08 16.59 -26.36
N SER J 98 -14.11 15.84 -26.74
CA SER J 98 -15.29 15.61 -25.89
C SER J 98 -15.90 16.97 -25.56
N MET J 99 -16.10 17.30 -24.28
CA MET J 99 -16.66 18.60 -23.92
C MET J 99 -15.78 19.74 -24.44
N GLY J 100 -14.49 19.48 -24.68
CA GLY J 100 -13.63 20.51 -25.24
C GLY J 100 -14.02 20.87 -26.66
N SER J 101 -14.36 19.87 -27.47
CA SER J 101 -14.86 20.16 -28.82
C SER J 101 -16.25 20.78 -28.77
N PHE J 102 -17.03 20.48 -27.74
CA PHE J 102 -18.33 21.11 -27.56
C PHE J 102 -18.20 22.61 -27.31
N LEU J 103 -17.27 22.99 -26.43
CA LEU J 103 -17.04 24.41 -26.15
C LEU J 103 -16.41 25.11 -27.35
N LEU J 104 -15.59 24.40 -28.13
CA LEU J 104 -15.03 24.97 -29.35
C LEU J 104 -16.14 25.35 -30.32
N ALA J 105 -17.12 24.48 -30.51
CA ALA J 105 -18.24 24.81 -31.39
C ALA J 105 -19.15 25.86 -30.80
N ALA J 106 -18.98 26.20 -29.53
CA ALA J 106 -19.84 27.14 -28.82
C ALA J 106 -19.44 28.60 -28.99
N GLY J 107 -18.30 28.88 -29.63
CA GLY J 107 -17.88 30.24 -29.83
C GLY J 107 -18.83 30.99 -30.77
N ALA J 108 -18.65 32.30 -30.82
CA ALA J 108 -19.45 33.13 -31.71
C ALA J 108 -19.32 32.66 -33.15
N LYS J 109 -20.45 32.50 -33.82
CA LYS J 109 -20.47 32.05 -35.20
C LYS J 109 -19.64 33.00 -36.06
N GLY J 110 -18.76 32.42 -36.87
CA GLY J 110 -17.79 33.19 -37.62
C GLY J 110 -16.47 33.41 -36.91
N LYS J 111 -16.39 33.14 -35.60
CA LYS J 111 -15.18 33.41 -34.83
C LYS J 111 -14.73 32.16 -34.07
N ARG J 112 -14.94 30.98 -34.64
CA ARG J 112 -14.46 29.72 -34.05
C ARG J 112 -13.35 29.20 -34.95
N PHE J 113 -12.17 29.01 -34.36
CA PHE J 113 -10.96 28.73 -35.12
C PHE J 113 -10.25 27.50 -34.57
N ALA J 114 -9.41 26.90 -35.41
CA ALA J 114 -8.48 25.88 -34.98
C ALA J 114 -7.22 26.02 -35.80
N LEU J 115 -6.07 25.82 -35.16
CA LEU J 115 -4.81 25.87 -35.87
C LEU J 115 -4.69 24.61 -36.74
N PRO J 116 -3.87 24.67 -37.79
CA PRO J 116 -3.91 23.59 -38.81
C PRO J 116 -3.69 22.20 -38.27
N ASN J 117 -2.85 22.03 -37.25
CA ASN J 117 -2.55 20.70 -36.74
C ASN J 117 -3.26 20.37 -35.45
N ALA J 118 -4.18 21.22 -35.01
CA ALA J 118 -4.97 20.93 -33.82
C ALA J 118 -5.86 19.72 -34.07
N GLU J 119 -6.20 19.02 -32.98
CA GLU J 119 -6.96 17.79 -33.06
C GLU J 119 -8.33 18.00 -32.44
N VAL J 120 -9.36 17.48 -33.09
CA VAL J 120 -10.73 17.60 -32.63
C VAL J 120 -11.33 16.20 -32.57
N MET J 121 -11.89 15.86 -31.42
CA MET J 121 -12.50 14.55 -31.22
C MET J 121 -13.90 14.74 -30.63
N ILE J 122 -14.87 14.02 -31.18
CA ILE J 122 -16.23 14.03 -30.68
C ILE J 122 -16.63 12.60 -30.34
N HIS J 123 -17.40 12.44 -29.27
CA HIS J 123 -17.92 11.13 -28.89
C HIS J 123 -19.09 11.33 -27.94
N GLN J 124 -19.76 10.23 -27.62
CA GLN J 124 -20.88 10.30 -26.70
C GLN J 124 -20.40 10.38 -25.26
N PRO J 125 -21.21 10.94 -24.35
CA PRO J 125 -20.77 11.14 -22.97
C PRO J 125 -20.55 9.82 -22.24
N LEU J 126 -19.70 9.89 -21.22
CA LEU J 126 -19.31 8.75 -20.38
C LEU J 126 -19.84 8.92 -18.97
N GLY J 127 -20.10 7.79 -18.31
CA GLY J 127 -20.61 7.86 -16.95
C GLY J 127 -20.54 6.51 -16.26
N GLY J 128 -21.20 6.45 -15.12
CA GLY J 128 -21.22 5.24 -14.32
C GLY J 128 -22.48 5.18 -13.48
N ALA J 129 -22.76 3.98 -12.97
CA ALA J 129 -23.93 3.75 -12.14
C ALA J 129 -23.69 2.56 -11.24
N GLN J 130 -24.17 2.67 -10.01
CA GLN J 130 -24.01 1.61 -9.01
C GLN J 130 -25.25 1.58 -8.13
N GLY J 131 -25.65 0.37 -7.74
CA GLY J 131 -26.73 0.22 -6.80
C GLY J 131 -27.87 -0.65 -7.27
N GLN J 132 -29.08 -0.30 -6.83
CA GLN J 132 -30.26 -1.06 -7.20
C GLN J 132 -30.60 -0.87 -8.67
N ALA J 133 -31.40 -1.81 -9.19
CA ALA J 133 -31.83 -1.73 -10.57
C ALA J 133 -32.53 -0.41 -10.87
N THR J 134 -33.36 0.06 -9.93
CA THR J 134 -34.03 1.34 -10.11
C THR J 134 -33.03 2.50 -10.24
N GLU J 135 -31.99 2.48 -9.41
CA GLU J 135 -30.99 3.54 -9.44
C GLU J 135 -30.18 3.52 -10.74
N ILE J 136 -29.83 2.34 -11.23
CA ILE J 136 -29.13 2.24 -12.51
C ILE J 136 -30.04 2.70 -13.65
N GLU J 137 -31.33 2.42 -13.54
CA GLU J 137 -32.28 2.89 -14.55
C GLU J 137 -32.34 4.42 -14.55
N ILE J 138 -32.36 5.03 -13.37
CA ILE J 138 -32.37 6.49 -13.28
C ILE J 138 -31.09 7.07 -13.87
N ALA J 139 -29.93 6.49 -13.53
CA ALA J 139 -28.68 7.01 -14.07
C ALA J 139 -28.61 6.82 -15.57
N ALA J 140 -29.12 5.69 -16.06
CA ALA J 140 -29.11 5.46 -17.51
C ALA J 140 -29.99 6.48 -18.23
N ASN J 141 -31.19 6.73 -17.72
CA ASN J 141 -32.06 7.74 -18.32
C ASN J 141 -31.42 9.12 -18.30
N HIS J 142 -30.70 9.46 -17.23
CA HIS J 142 -30.11 10.79 -17.13
C HIS J 142 -28.99 10.98 -18.15
N ILE J 143 -28.09 10.01 -18.28
CA ILE J 143 -27.01 10.19 -19.24
C ILE J 143 -27.53 10.12 -20.67
N LEU J 144 -28.61 9.37 -20.91
CA LEU J 144 -29.22 9.38 -22.24
C LEU J 144 -29.88 10.72 -22.53
N LYS J 145 -30.53 11.32 -21.53
CA LYS J 145 -31.10 12.64 -21.69
C LYS J 145 -30.01 13.68 -21.93
N THR J 146 -28.87 13.51 -21.25
CA THR J 146 -27.75 14.42 -21.42
C THR J 146 -27.19 14.33 -22.83
N ARG J 147 -27.08 13.11 -23.37
CA ARG J 147 -26.57 12.95 -24.73
C ARG J 147 -27.51 13.60 -25.74
N GLU J 148 -28.82 13.42 -25.57
CA GLU J 148 -29.78 14.05 -26.47
C GLU J 148 -29.66 15.58 -26.40
N LYS J 149 -29.47 16.12 -25.20
CA LYS J 149 -29.26 17.55 -25.09
C LYS J 149 -27.99 17.97 -25.83
N LEU J 150 -26.90 17.20 -25.65
CA LEU J 150 -25.65 17.55 -26.33
C LEU J 150 -25.79 17.46 -27.84
N ASN J 151 -26.44 16.40 -28.35
CA ASN J 151 -26.56 16.26 -29.80
C ASN J 151 -27.46 17.33 -30.39
N ARG J 152 -28.53 17.69 -29.68
CA ARG J 152 -29.41 18.75 -30.14
C ARG J 152 -28.65 20.05 -30.31
N ILE J 153 -27.88 20.45 -29.29
CA ILE J 153 -27.12 21.70 -29.38
C ILE J 153 -26.04 21.62 -30.45
N LEU J 154 -25.31 20.49 -30.50
CA LEU J 154 -24.29 20.34 -31.53
C LEU J 154 -24.88 20.47 -32.92
N SER J 155 -26.10 19.97 -33.12
CA SER J 155 -26.76 20.10 -34.41
C SER J 155 -27.03 21.57 -34.72
N GLU J 156 -27.44 22.35 -33.72
CA GLU J 156 -27.74 23.75 -33.96
C GLU J 156 -26.49 24.54 -34.30
N ARG J 157 -25.33 24.17 -33.73
CA ARG J 157 -24.12 24.94 -33.95
C ARG J 157 -23.27 24.44 -35.11
N THR J 158 -23.49 23.22 -35.62
CA THR J 158 -22.74 22.74 -36.77
C THR J 158 -23.54 22.70 -38.05
N GLY J 159 -24.86 22.70 -37.97
CA GLY J 159 -25.68 22.52 -39.16
C GLY J 159 -25.87 21.08 -39.56
N GLN J 160 -25.19 20.14 -38.92
CA GLN J 160 -25.38 18.73 -39.21
C GLN J 160 -26.68 18.26 -38.60
N SER J 161 -27.23 17.21 -39.19
CA SER J 161 -28.45 16.62 -38.67
C SER J 161 -28.17 15.89 -37.36
N ILE J 162 -29.23 15.76 -36.56
CA ILE J 162 -29.09 15.10 -35.26
C ILE J 162 -28.74 13.63 -35.46
N GLU J 163 -29.35 12.98 -36.45
CA GLU J 163 -29.03 11.58 -36.71
C GLU J 163 -27.58 11.43 -37.14
N LYS J 164 -27.05 12.39 -37.90
CA LYS J 164 -25.65 12.34 -38.25
C LYS J 164 -24.77 12.56 -37.01
N ILE J 165 -25.16 13.48 -36.13
CA ILE J 165 -24.42 13.64 -34.88
C ILE J 165 -24.43 12.32 -34.12
N GLN J 166 -25.58 11.64 -34.11
CA GLN J 166 -25.71 10.36 -33.42
C GLN J 166 -24.75 9.33 -33.99
N GLN J 167 -24.66 9.22 -35.33
CA GLN J 167 -23.79 8.21 -35.93
C GLN J 167 -22.33 8.55 -35.69
N ASP J 168 -21.97 9.83 -35.74
CA ASP J 168 -20.59 10.26 -35.64
C ASP J 168 -20.04 10.28 -34.21
N THR J 169 -20.89 10.18 -33.18
CA THR J 169 -20.40 10.18 -31.81
C THR J 169 -20.58 8.83 -31.12
N ASP J 170 -21.01 7.80 -31.84
CA ASP J 170 -21.20 6.49 -31.21
C ASP J 170 -19.89 5.96 -30.65
N ARG J 171 -18.77 6.24 -31.33
CA ARG J 171 -17.44 5.88 -30.90
C ARG J 171 -16.55 7.11 -31.01
N ASP J 172 -15.33 7.00 -30.48
CA ASP J 172 -14.36 8.08 -30.60
C ASP J 172 -14.14 8.44 -32.06
N ASN J 173 -14.41 9.70 -32.41
CA ASN J 173 -14.32 10.19 -33.78
C ASN J 173 -13.34 11.35 -33.82
N PHE J 174 -12.16 11.10 -34.38
CA PHE J 174 -11.11 12.11 -34.47
C PHE J 174 -11.22 12.88 -35.80
N LEU J 175 -11.15 14.20 -35.72
CA LEU J 175 -11.24 15.07 -36.88
C LEU J 175 -10.03 15.99 -36.93
N THR J 176 -9.48 16.19 -38.13
CA THR J 176 -8.48 17.24 -38.29
C THR J 176 -9.16 18.61 -38.22
N ALA J 177 -8.32 19.66 -38.17
CA ALA J 177 -8.85 21.01 -38.19
C ALA J 177 -9.67 21.27 -39.45
N ALA J 178 -9.18 20.81 -40.60
CA ALA J 178 -9.91 21.00 -41.85
C ALA J 178 -11.24 20.25 -41.82
N GLU J 179 -11.23 19.01 -41.32
CA GLU J 179 -12.47 18.27 -41.19
C GLU J 179 -13.41 18.89 -40.17
N ALA J 180 -12.86 19.49 -39.11
CA ALA J 180 -13.73 20.15 -38.13
C ALA J 180 -14.46 21.33 -38.75
N LYS J 181 -13.80 22.05 -39.65
CA LYS J 181 -14.48 23.10 -40.40
C LYS J 181 -15.50 22.52 -41.39
N GLU J 182 -15.12 21.46 -42.10
CA GLU J 182 -16.07 20.80 -42.99
C GLU J 182 -17.30 20.36 -42.21
N TYR J 183 -17.11 19.90 -40.98
CA TYR J 183 -18.21 19.40 -40.16
C TYR J 183 -19.08 20.52 -39.62
N GLY J 184 -18.56 21.74 -39.48
CA GLY J 184 -19.27 22.84 -38.86
C GLY J 184 -18.89 23.11 -37.41
N LEU J 185 -17.89 22.42 -36.87
CA LEU J 185 -17.46 22.67 -35.49
C LEU J 185 -16.70 23.98 -35.37
N ILE J 186 -15.94 24.37 -36.40
CA ILE J 186 -15.26 25.66 -36.45
C ILE J 186 -15.65 26.36 -37.74
N ASP J 187 -15.26 27.64 -37.82
CA ASP J 187 -15.57 28.45 -39.01
C ASP J 187 -14.39 28.56 -39.97
N GLU J 188 -13.16 28.61 -39.48
CA GLU J 188 -11.98 28.78 -40.32
C GLU J 188 -10.79 28.09 -39.65
N VAL J 189 -9.95 27.47 -40.47
CA VAL J 189 -8.64 27.00 -40.01
C VAL J 189 -7.66 28.15 -40.13
N MET J 190 -7.16 28.64 -39.00
CA MET J 190 -6.27 29.78 -39.00
C MET J 190 -4.93 29.39 -39.63
N GLU J 191 -4.64 29.92 -40.85
CA GLU J 191 -3.43 29.63 -41.58
C GLU J 191 -2.30 30.55 -41.15
N PRO J 192 -1.04 30.10 -41.26
CA PRO J 192 0.13 30.87 -40.83
C PRO J 192 0.26 32.23 -41.50
N ILE K 4 -7.61 31.32 -10.73
CA ILE K 4 -6.16 31.52 -10.67
C ILE K 4 -5.65 32.92 -11.10
N PRO K 5 -6.14 33.50 -12.19
CA PRO K 5 -5.52 34.73 -12.71
C PRO K 5 -5.67 35.90 -11.75
N THR K 6 -4.77 36.86 -11.89
CA THR K 6 -4.74 38.07 -11.07
C THR K 6 -5.20 39.24 -11.92
N VAL K 7 -5.98 40.15 -11.33
CA VAL K 7 -6.45 41.32 -12.07
C VAL K 7 -5.83 42.61 -11.51
N TYR K 18 -5.95 41.80 -7.03
CA TYR K 18 -6.98 40.84 -6.66
C TYR K 18 -6.79 39.51 -7.36
N ASP K 19 -7.36 38.44 -6.79
CA ASP K 19 -7.57 37.25 -7.61
C ASP K 19 -8.92 37.41 -8.30
N ILE K 20 -9.22 36.50 -9.23
CA ILE K 20 -10.42 36.69 -10.03
C ILE K 20 -11.68 36.63 -9.16
N TYR K 21 -11.66 35.84 -8.08
CA TYR K 21 -12.85 35.71 -7.26
C TYR K 21 -13.05 36.90 -6.32
N SER K 22 -11.96 37.43 -5.74
CA SER K 22 -12.08 38.61 -4.89
C SER K 22 -12.50 39.84 -5.70
N ARG K 23 -12.06 39.94 -6.95
CA ARG K 23 -12.49 41.04 -7.80
C ARG K 23 -13.99 40.99 -8.04
N LEU K 24 -14.53 39.78 -8.25
CA LEU K 24 -15.97 39.63 -8.44
C LEU K 24 -16.72 39.95 -7.14
N LEU K 25 -16.11 39.66 -5.99
CA LEU K 25 -16.74 39.96 -4.71
C LEU K 25 -16.96 41.45 -4.53
N LYS K 26 -16.09 42.26 -5.14
CA LYS K 26 -16.29 43.71 -5.12
C LYS K 26 -17.59 44.11 -5.82
N ASP K 27 -18.03 43.33 -6.80
CA ASP K 27 -19.31 43.56 -7.45
C ASP K 27 -20.43 42.78 -6.78
N ARG K 28 -20.22 42.35 -5.53
CA ARG K 28 -21.23 41.66 -4.73
C ARG K 28 -21.63 40.34 -5.37
N ILE K 29 -20.66 39.66 -5.99
CA ILE K 29 -20.87 38.37 -6.63
C ILE K 29 -20.12 37.31 -5.85
N ILE K 30 -20.81 36.24 -5.46
CA ILE K 30 -20.22 35.13 -4.72
C ILE K 30 -20.28 33.88 -5.59
N MET K 31 -19.14 33.16 -5.66
CA MET K 31 -18.99 31.94 -6.46
C MET K 31 -19.02 30.71 -5.55
N LEU K 32 -20.08 29.91 -5.69
CA LEU K 32 -20.14 28.59 -5.06
C LEU K 32 -19.95 27.57 -6.18
N GLY K 33 -18.73 27.06 -6.32
CA GLY K 33 -18.44 26.14 -7.41
C GLY K 33 -17.75 24.86 -6.97
N SER K 34 -18.21 24.30 -5.85
CA SER K 34 -17.65 23.06 -5.33
C SER K 34 -18.70 22.42 -4.43
N GLN K 35 -18.39 21.22 -3.91
CA GLN K 35 -19.29 20.65 -2.92
C GLN K 35 -19.25 21.49 -1.63
N ILE K 36 -20.32 21.35 -0.86
CA ILE K 36 -20.55 22.16 0.33
C ILE K 36 -20.00 21.41 1.55
N ASP K 37 -18.94 21.93 2.15
CA ASP K 37 -18.44 21.46 3.43
C ASP K 37 -18.32 22.64 4.39
N ASP K 38 -17.79 22.38 5.59
CA ASP K 38 -17.68 23.45 6.59
C ASP K 38 -16.77 24.58 6.12
N ASN K 39 -15.68 24.24 5.41
CA ASN K 39 -14.76 25.28 4.93
C ASN K 39 -15.44 26.17 3.89
N VAL K 40 -16.12 25.55 2.92
CA VAL K 40 -16.81 26.31 1.88
C VAL K 40 -17.92 27.17 2.49
N ALA K 41 -18.72 26.59 3.38
CA ALA K 41 -19.78 27.35 4.04
C ALA K 41 -19.22 28.49 4.86
N ASN K 42 -18.09 28.25 5.55
CA ASN K 42 -17.45 29.30 6.33
C ASN K 42 -17.08 30.48 5.45
N SER K 43 -16.56 30.21 4.25
CA SER K 43 -16.20 31.27 3.33
C SER K 43 -17.43 31.99 2.81
N ILE K 44 -18.47 31.24 2.41
CA ILE K 44 -19.66 31.87 1.85
C ILE K 44 -20.33 32.75 2.89
N VAL K 45 -20.46 32.24 4.13
CA VAL K 45 -21.07 33.02 5.19
C VAL K 45 -20.27 34.29 5.45
N SER K 46 -18.94 34.19 5.45
CA SER K 46 -18.10 35.37 5.65
C SER K 46 -18.29 36.38 4.52
N GLN K 47 -18.42 35.91 3.29
CA GLN K 47 -18.63 36.82 2.17
C GLN K 47 -20.00 37.48 2.26
N LEU K 48 -21.01 36.73 2.69
CA LEU K 48 -22.35 37.31 2.86
C LEU K 48 -22.36 38.36 3.96
N LEU K 49 -21.77 38.05 5.12
CA LEU K 49 -21.72 39.02 6.20
C LEU K 49 -20.93 40.26 5.79
N PHE K 50 -19.84 40.07 5.05
CA PHE K 50 -19.02 41.19 4.60
C PHE K 50 -19.79 42.10 3.65
N LEU K 51 -20.51 41.53 2.68
CA LEU K 51 -21.23 42.33 1.71
C LEU K 51 -22.38 43.11 2.35
N GLN K 52 -23.02 42.56 3.37
CA GLN K 52 -24.06 43.31 4.08
C GLN K 52 -23.45 44.49 4.83
N ALA K 53 -22.29 44.27 5.46
CA ALA K 53 -21.59 45.35 6.14
C ALA K 53 -21.17 46.44 5.15
N GLN K 54 -20.82 46.04 3.92
CA GLN K 54 -20.50 47.01 2.89
C GLN K 54 -21.74 47.81 2.49
N ASP K 55 -22.86 47.13 2.29
CA ASP K 55 -24.10 47.79 1.88
C ASP K 55 -25.25 46.83 2.15
N SER K 56 -26.15 47.22 3.05
CA SER K 56 -27.28 46.36 3.41
C SER K 56 -28.45 46.46 2.43
N GLU K 57 -28.31 47.24 1.36
CA GLU K 57 -29.40 47.48 0.41
C GLU K 57 -29.21 46.81 -0.93
N LYS K 58 -28.01 46.86 -1.51
CA LYS K 58 -27.79 46.26 -2.83
C LYS K 58 -27.91 44.75 -2.80
N ASP K 59 -28.44 44.18 -3.88
CA ASP K 59 -28.59 42.75 -4.00
C ASP K 59 -27.21 42.08 -4.01
N ILE K 60 -27.21 40.82 -3.62
CA ILE K 60 -26.03 39.96 -3.71
C ILE K 60 -26.35 38.88 -4.73
N TYR K 61 -25.35 38.50 -5.52
CA TYR K 61 -25.51 37.51 -6.57
C TYR K 61 -24.68 36.29 -6.20
N LEU K 62 -25.36 35.17 -5.98
CA LEU K 62 -24.73 33.92 -5.58
C LEU K 62 -24.87 32.94 -6.74
N TYR K 63 -23.76 32.72 -7.46
CA TYR K 63 -23.72 31.70 -8.49
C TYR K 63 -23.48 30.34 -7.86
N ILE K 64 -24.22 29.33 -8.32
CA ILE K 64 -24.22 28.01 -7.74
C ILE K 64 -23.90 26.99 -8.81
N ASN K 65 -22.78 26.29 -8.65
CA ASN K 65 -22.44 25.10 -9.44
C ASN K 65 -21.88 24.10 -8.42
N SER K 66 -22.77 23.31 -7.82
CA SER K 66 -22.38 22.48 -6.70
C SER K 66 -23.04 21.10 -6.78
N PRO K 67 -22.29 20.04 -6.50
CA PRO K 67 -22.89 18.71 -6.41
C PRO K 67 -23.58 18.42 -5.09
N GLY K 68 -23.61 19.39 -4.18
CA GLY K 68 -24.18 19.21 -2.86
C GLY K 68 -23.11 19.10 -1.80
N GLY K 69 -23.46 18.44 -0.71
CA GLY K 69 -22.52 18.21 0.35
C GLY K 69 -23.23 18.16 1.70
N SER K 70 -22.54 18.69 2.71
CA SER K 70 -23.04 18.64 4.08
C SER K 70 -24.33 19.44 4.22
N VAL K 71 -25.31 18.82 4.88
CA VAL K 71 -26.59 19.49 5.11
C VAL K 71 -26.43 20.61 6.14
N THR K 72 -25.69 20.35 7.22
CA THR K 72 -25.50 21.36 8.24
C THR K 72 -24.69 22.54 7.70
N ALA K 73 -23.68 22.25 6.86
CA ALA K 73 -22.95 23.33 6.22
C ALA K 73 -23.85 24.12 5.26
N GLY K 74 -24.74 23.42 4.57
CA GLY K 74 -25.69 24.12 3.71
C GLY K 74 -26.67 24.98 4.49
N PHE K 75 -27.07 24.51 5.69
CA PHE K 75 -27.98 25.30 6.51
C PHE K 75 -27.27 26.50 7.12
N ALA K 76 -25.96 26.42 7.36
CA ALA K 76 -25.20 27.59 7.77
C ALA K 76 -25.27 28.67 6.70
N ILE K 77 -25.20 28.26 5.43
CA ILE K 77 -25.36 29.21 4.33
C ILE K 77 -26.82 29.65 4.23
N TYR K 78 -27.75 28.69 4.32
CA TYR K 78 -29.17 29.01 4.18
C TYR K 78 -29.63 30.04 5.19
N ASP K 79 -29.37 29.80 6.47
CA ASP K 79 -29.84 30.71 7.50
C ASP K 79 -29.19 32.09 7.38
N THR K 80 -27.93 32.13 6.93
CA THR K 80 -27.29 33.43 6.74
C THR K 80 -27.94 34.22 5.61
N ILE K 81 -28.30 33.54 4.53
CA ILE K 81 -29.04 34.21 3.45
C ILE K 81 -30.35 34.79 3.99
N GLN K 82 -31.08 33.99 4.76
CA GLN K 82 -32.38 34.43 5.27
C GLN K 82 -32.24 35.53 6.31
N HIS K 83 -31.10 35.60 7.01
CA HIS K 83 -30.98 36.55 8.11
C HIS K 83 -30.56 37.94 7.62
N ILE K 84 -29.65 38.01 6.66
CA ILE K 84 -29.11 39.31 6.27
C ILE K 84 -30.18 40.13 5.55
N LYS K 85 -29.97 41.45 5.55
CA LYS K 85 -30.95 42.35 4.93
C LYS K 85 -30.96 42.29 3.41
N PRO K 86 -29.81 42.30 2.72
CA PRO K 86 -29.87 42.33 1.25
C PRO K 86 -30.52 41.09 0.67
N ASP K 87 -31.22 41.29 -0.45
CA ASP K 87 -31.69 40.17 -1.24
C ASP K 87 -30.49 39.41 -1.83
N VAL K 88 -30.57 38.08 -1.77
CA VAL K 88 -29.54 37.22 -2.35
C VAL K 88 -30.15 36.53 -3.56
N GLN K 89 -29.67 36.90 -4.74
CA GLN K 89 -30.08 36.24 -5.97
C GLN K 89 -29.30 34.96 -6.15
N THR K 90 -29.97 33.90 -6.60
CA THR K 90 -29.33 32.62 -6.88
C THR K 90 -29.39 32.34 -8.37
N ILE K 91 -28.25 31.99 -8.94
CA ILE K 91 -28.11 31.69 -10.36
C ILE K 91 -27.40 30.35 -10.48
N CYS K 92 -28.09 29.35 -10.99
CA CYS K 92 -27.54 28.02 -11.18
C CYS K 92 -26.91 27.89 -12.55
N ILE K 93 -25.62 27.58 -12.59
CA ILE K 93 -24.89 27.28 -13.82
C ILE K 93 -24.35 25.87 -13.72
N GLY K 94 -24.52 25.08 -14.77
CA GLY K 94 -24.06 23.71 -14.76
C GLY K 94 -24.93 22.79 -13.95
N MET K 95 -24.75 22.80 -12.63
CA MET K 95 -25.36 21.80 -11.76
C MET K 95 -25.63 22.39 -10.38
N ALA K 96 -26.85 22.19 -9.87
CA ALA K 96 -27.17 22.45 -8.46
C ALA K 96 -27.86 21.18 -7.95
N ALA K 97 -27.12 20.34 -7.25
CA ALA K 97 -27.62 19.06 -6.81
C ALA K 97 -27.64 18.98 -5.30
N SER K 98 -28.64 18.27 -4.77
CA SER K 98 -28.78 17.95 -3.35
C SER K 98 -28.82 19.26 -2.58
N MET K 99 -27.95 19.49 -1.59
CA MET K 99 -27.98 20.74 -0.84
C MET K 99 -27.77 21.94 -1.75
N GLY K 100 -27.13 21.74 -2.91
CA GLY K 100 -26.94 22.83 -3.84
C GLY K 100 -28.24 23.32 -4.44
N SER K 101 -29.14 22.38 -4.80
CA SER K 101 -30.46 22.79 -5.27
C SER K 101 -31.30 23.36 -4.14
N PHE K 102 -31.03 22.93 -2.91
CA PHE K 102 -31.70 23.53 -1.75
C PHE K 102 -31.31 25.00 -1.61
N LEU K 103 -30.02 25.31 -1.76
CA LEU K 103 -29.58 26.69 -1.70
C LEU K 103 -30.06 27.49 -2.90
N LEU K 104 -30.18 26.85 -4.06
CA LEU K 104 -30.75 27.51 -5.23
C LEU K 104 -32.18 27.98 -4.96
N ALA K 105 -32.99 27.13 -4.33
CA ALA K 105 -34.35 27.48 -3.99
C ALA K 105 -34.43 28.49 -2.85
N ALA K 106 -33.32 28.74 -2.16
CA ALA K 106 -33.30 29.62 -1.00
C ALA K 106 -33.12 31.10 -1.35
N GLY K 107 -32.86 31.43 -2.62
CA GLY K 107 -32.69 32.81 -3.00
C GLY K 107 -33.95 33.64 -2.80
N ALA K 108 -33.77 34.96 -2.91
CA ALA K 108 -34.88 35.89 -2.77
C ALA K 108 -35.96 35.58 -3.79
N LYS K 109 -37.22 35.54 -3.33
CA LYS K 109 -38.33 35.21 -4.21
C LYS K 109 -38.39 36.17 -5.38
N GLY K 110 -38.53 35.62 -6.59
CA GLY K 110 -38.47 36.39 -7.80
C GLY K 110 -37.09 36.56 -8.37
N LYS K 111 -36.05 36.20 -7.62
CA LYS K 111 -34.66 36.40 -8.01
C LYS K 111 -33.86 35.09 -7.96
N ARG K 112 -34.50 33.97 -8.27
CA ARG K 112 -33.84 32.67 -8.36
C ARG K 112 -33.81 32.22 -9.81
N PHE K 113 -32.62 31.98 -10.35
CA PHE K 113 -32.45 31.75 -11.77
C PHE K 113 -31.63 30.50 -12.03
N ALA K 114 -31.76 29.98 -13.25
CA ALA K 114 -30.89 28.95 -13.77
C ALA K 114 -30.71 29.19 -15.26
N LEU K 115 -29.49 29.01 -15.75
CA LEU K 115 -29.25 29.16 -17.18
C LEU K 115 -29.85 27.97 -17.93
N PRO K 116 -30.15 28.14 -19.23
CA PRO K 116 -31.02 27.16 -19.92
C PRO K 116 -30.57 25.71 -19.85
N ASN K 117 -29.27 25.43 -19.87
CA ASN K 117 -28.79 24.05 -19.87
C ASN K 117 -28.28 23.62 -18.51
N ALA K 118 -28.47 24.45 -17.49
CA ALA K 118 -28.14 24.07 -16.12
C ALA K 118 -29.02 22.92 -15.66
N GLU K 119 -28.50 22.16 -14.72
CA GLU K 119 -29.16 20.97 -14.21
C GLU K 119 -29.46 21.12 -12.73
N VAL K 120 -30.64 20.67 -12.32
CA VAL K 120 -31.05 20.74 -10.93
C VAL K 120 -31.47 19.34 -10.49
N MET K 121 -30.92 18.87 -9.37
CA MET K 121 -31.23 17.54 -8.88
C MET K 121 -31.62 17.62 -7.41
N ILE K 122 -32.70 16.93 -7.06
CA ILE K 122 -33.18 16.85 -5.69
C ILE K 122 -33.25 15.38 -5.29
N HIS K 123 -32.93 15.10 -4.03
CA HIS K 123 -33.03 13.75 -3.50
C HIS K 123 -33.04 13.83 -1.99
N GLN K 124 -33.27 12.69 -1.34
CA GLN K 124 -33.29 12.65 0.11
C GLN K 124 -31.86 12.64 0.66
N PRO K 125 -31.67 13.08 1.90
CA PRO K 125 -30.31 13.17 2.45
C PRO K 125 -29.64 11.81 2.57
N LEU K 126 -28.31 11.82 2.54
CA LEU K 126 -27.49 10.63 2.68
C LEU K 126 -26.72 10.69 3.99
N GLY K 127 -26.48 9.52 4.57
CA GLY K 127 -25.74 9.46 5.82
C GLY K 127 -25.31 8.06 6.15
N GLY K 128 -24.81 7.89 7.37
CA GLY K 128 -24.33 6.60 7.82
C GLY K 128 -24.46 6.47 9.32
N ALA K 129 -24.36 5.23 9.78
CA ALA K 129 -24.46 4.92 11.20
C ALA K 129 -23.74 3.61 11.49
N GLN K 130 -23.04 3.56 12.62
CA GLN K 130 -22.31 2.37 13.04
C GLN K 130 -22.31 2.29 14.56
N GLY K 131 -22.37 1.05 15.05
CA GLY K 131 -22.27 0.83 16.48
C GLY K 131 -23.42 0.04 17.05
N GLN K 132 -23.79 0.36 18.29
CA GLN K 132 -24.85 -0.31 19.01
C GLN K 132 -26.20 0.02 18.39
N ALA K 133 -27.19 -0.83 18.68
CA ALA K 133 -28.54 -0.61 18.16
C ALA K 133 -29.09 0.75 18.56
N THR K 134 -28.86 1.15 19.81
CA THR K 134 -29.30 2.49 20.24
C THR K 134 -28.60 3.58 19.45
N GLU K 135 -27.30 3.40 19.16
CA GLU K 135 -26.60 4.43 18.41
C GLU K 135 -27.11 4.52 16.98
N ILE K 136 -27.42 3.37 16.36
CA ILE K 136 -28.01 3.39 15.03
C ILE K 136 -29.41 4.00 15.08
N GLU K 137 -30.16 3.71 16.15
CA GLU K 137 -31.48 4.29 16.28
C GLU K 137 -31.42 5.81 16.39
N ILE K 138 -30.46 6.32 17.17
CA ILE K 138 -30.31 7.77 17.32
C ILE K 138 -29.98 8.41 15.98
N ALA K 139 -29.05 7.83 15.23
CA ALA K 139 -28.64 8.40 13.95
C ALA K 139 -29.77 8.38 12.92
N ALA K 140 -30.59 7.31 12.93
CA ALA K 140 -31.71 7.23 12.01
C ALA K 140 -32.75 8.29 12.33
N ASN K 141 -33.08 8.46 13.62
CA ASN K 141 -34.03 9.49 14.02
C ASN K 141 -33.55 10.87 13.62
N HIS K 142 -32.24 11.12 13.76
CA HIS K 142 -31.71 12.44 13.45
C HIS K 142 -31.81 12.75 11.97
N ILE K 143 -31.43 11.80 11.11
CA ILE K 143 -31.47 12.05 9.67
C ILE K 143 -32.92 12.09 9.16
N LEU K 144 -33.84 11.36 9.82
CA LEU K 144 -35.25 11.46 9.45
C LEU K 144 -35.81 12.83 9.80
N LYS K 145 -35.43 13.37 10.96
CA LYS K 145 -35.81 14.74 11.32
C LYS K 145 -35.16 15.77 10.40
N THR K 146 -33.94 15.51 9.93
CA THR K 146 -33.29 16.43 9.01
C THR K 146 -34.03 16.49 7.68
N ARG K 147 -34.47 15.33 7.18
CA ARG K 147 -35.17 15.30 5.89
C ARG K 147 -36.49 16.06 5.93
N GLU K 148 -37.31 15.85 6.96
CA GLU K 148 -38.56 16.60 7.03
C GLU K 148 -38.31 18.09 7.20
N LYS K 149 -37.26 18.46 7.93
CA LYS K 149 -36.90 19.86 7.99
C LYS K 149 -36.55 20.39 6.60
N LEU K 150 -35.80 19.59 5.83
CA LEU K 150 -35.50 19.97 4.45
C LEU K 150 -36.75 20.00 3.59
N ASN K 151 -37.63 18.99 3.74
CA ASN K 151 -38.84 18.93 2.94
C ASN K 151 -39.81 20.05 3.32
N ARG K 152 -39.88 20.37 4.61
CA ARG K 152 -40.75 21.45 5.07
C ARG K 152 -40.36 22.77 4.42
N ILE K 153 -39.07 23.10 4.47
CA ILE K 153 -38.57 24.35 3.89
C ILE K 153 -38.73 24.34 2.37
N LEU K 154 -38.38 23.21 1.73
CA LEU K 154 -38.53 23.12 0.28
C LEU K 154 -39.98 23.37 -0.13
N SER K 155 -40.93 22.88 0.69
CA SER K 155 -42.34 23.11 0.42
C SER K 155 -42.67 24.60 0.47
N GLU K 156 -42.12 25.32 1.44
CA GLU K 156 -42.39 26.75 1.57
C GLU K 156 -41.78 27.53 0.42
N ARG K 157 -40.66 27.08 -0.14
CA ARG K 157 -39.99 27.85 -1.18
C ARG K 157 -40.41 27.47 -2.59
N THR K 158 -41.03 26.30 -2.78
CA THR K 158 -41.51 25.88 -4.09
C THR K 158 -43.02 25.94 -4.23
N GLY K 159 -43.76 25.95 -3.12
CA GLY K 159 -45.20 25.86 -3.19
C GLY K 159 -45.74 24.46 -3.32
N GLN K 160 -44.89 23.46 -3.48
CA GLN K 160 -45.36 22.08 -3.53
C GLN K 160 -45.68 21.57 -2.13
N SER K 161 -46.54 20.57 -2.08
CA SER K 161 -46.90 19.97 -0.82
C SER K 161 -45.73 19.15 -0.27
N ILE K 162 -45.76 18.94 1.04
CA ILE K 162 -44.71 18.18 1.70
C ILE K 162 -44.71 16.73 1.19
N GLU K 163 -45.90 16.17 0.98
CA GLU K 163 -45.99 14.79 0.50
C GLU K 163 -45.41 14.64 -0.90
N LYS K 164 -45.63 15.62 -1.78
CA LYS K 164 -45.06 15.47 -3.10
C LYS K 164 -43.54 15.61 -3.06
N ILE K 165 -43.03 16.55 -2.26
CA ILE K 165 -41.59 16.68 -2.09
C ILE K 165 -41.00 15.36 -1.62
N GLN K 166 -41.69 14.70 -0.69
CA GLN K 166 -41.27 13.39 -0.18
C GLN K 166 -41.16 12.37 -1.31
N GLN K 167 -42.18 12.30 -2.17
CA GLN K 167 -42.19 11.29 -3.23
C GLN K 167 -41.23 11.66 -4.36
N ASP K 168 -41.08 12.96 -4.65
CA ASP K 168 -40.19 13.39 -5.73
C ASP K 168 -38.72 13.37 -5.33
N THR K 169 -38.40 13.24 -4.04
CA THR K 169 -37.01 13.16 -3.60
C THR K 169 -36.66 11.77 -3.08
N ASP K 170 -37.56 10.80 -3.22
CA ASP K 170 -37.26 9.44 -2.77
C ASP K 170 -36.06 8.86 -3.48
N ARG K 171 -35.89 9.19 -4.75
CA ARG K 171 -34.74 8.79 -5.55
C ARG K 171 -34.15 10.03 -6.21
N ASP K 172 -32.99 9.87 -6.84
CA ASP K 172 -32.39 10.96 -7.59
C ASP K 172 -33.37 11.46 -8.64
N ASN K 173 -33.72 12.74 -8.56
CA ASN K 173 -34.67 13.35 -9.47
C ASN K 173 -33.99 14.50 -10.19
N PHE K 174 -33.65 14.28 -11.46
CA PHE K 174 -32.96 15.27 -12.27
C PHE K 174 -33.98 16.14 -13.02
N LEU K 175 -33.78 17.46 -12.95
CA LEU K 175 -34.69 18.40 -13.58
C LEU K 175 -33.94 19.33 -14.52
N THR K 176 -34.53 19.59 -15.68
CA THR K 176 -34.02 20.65 -16.53
C THR K 176 -34.32 22.01 -15.90
N ALA K 177 -33.73 23.06 -16.47
CA ALA K 177 -33.98 24.40 -15.97
C ALA K 177 -35.46 24.76 -16.04
N ALA K 178 -36.11 24.43 -17.16
CA ALA K 178 -37.52 24.74 -17.31
C ALA K 178 -38.37 23.96 -16.32
N GLU K 179 -38.07 22.67 -16.13
CA GLU K 179 -38.79 21.88 -15.14
C GLU K 179 -38.55 22.40 -13.74
N ALA K 180 -37.36 22.91 -13.46
CA ALA K 180 -37.11 23.49 -12.14
C ALA K 180 -37.97 24.72 -11.91
N LYS K 181 -38.20 25.51 -12.97
CA LYS K 181 -39.11 26.65 -12.84
C LYS K 181 -40.55 26.18 -12.66
N GLU K 182 -40.97 25.19 -13.44
CA GLU K 182 -42.30 24.62 -13.29
C GLU K 182 -42.49 24.03 -11.90
N TYR K 183 -41.43 23.46 -11.32
CA TYR K 183 -41.52 22.88 -9.99
C TYR K 183 -41.57 23.93 -8.88
N GLY K 184 -41.06 25.13 -9.14
CA GLY K 184 -40.99 26.18 -8.12
C GLY K 184 -39.63 26.35 -7.47
N LEU K 185 -38.61 25.62 -7.93
CA LEU K 185 -37.27 25.77 -7.37
C LEU K 185 -36.62 27.08 -7.79
N ILE K 186 -36.89 27.53 -9.02
CA ILE K 186 -36.43 28.82 -9.52
C ILE K 186 -37.63 29.58 -10.03
N ASP K 187 -37.42 30.87 -10.32
CA ASP K 187 -38.47 31.74 -10.81
C ASP K 187 -38.39 31.97 -12.31
N GLU K 188 -37.19 31.99 -12.89
CA GLU K 188 -37.01 32.26 -14.30
C GLU K 188 -35.78 31.52 -14.83
N VAL K 189 -35.88 31.06 -16.06
CA VAL K 189 -34.72 30.58 -16.81
C VAL K 189 -34.12 31.79 -17.51
N MET K 190 -32.88 32.15 -17.14
CA MET K 190 -32.22 33.32 -17.71
C MET K 190 -31.88 33.07 -19.18
N GLU K 191 -32.58 33.75 -20.07
CA GLU K 191 -32.31 33.54 -21.48
C GLU K 191 -31.18 34.45 -21.96
N PRO K 192 -30.44 34.04 -23.01
CA PRO K 192 -29.31 34.83 -23.51
C PRO K 192 -29.70 36.25 -23.95
N ILE L 4 -10.63 31.91 1.16
CA ILE L 4 -9.77 32.17 0.01
C ILE L 4 -9.80 33.63 -0.51
N PRO L 5 -10.99 34.27 -0.63
CA PRO L 5 -11.03 35.57 -1.32
C PRO L 5 -10.21 36.63 -0.58
N THR L 6 -9.81 37.64 -1.32
CA THR L 6 -8.96 38.69 -0.77
C THR L 6 -9.73 39.99 -0.49
N TYR L 18 -6.04 41.88 2.69
CA TYR L 18 -6.54 40.90 3.66
C TYR L 18 -7.22 39.73 2.98
N ASP L 19 -7.32 38.61 3.69
CA ASP L 19 -8.30 37.60 3.32
C ASP L 19 -9.61 37.92 4.03
N ILE L 20 -10.68 37.21 3.64
CA ILE L 20 -12.01 37.56 4.13
C ILE L 20 -12.09 37.43 5.64
N TYR L 21 -11.31 36.53 6.24
CA TYR L 21 -11.38 36.34 7.69
C TYR L 21 -10.66 37.46 8.43
N SER L 22 -9.54 37.95 7.90
CA SER L 22 -8.87 39.09 8.52
C SER L 22 -9.72 40.35 8.42
N ARG L 23 -10.44 40.52 7.32
CA ARG L 23 -11.34 41.67 7.21
C ARG L 23 -12.47 41.59 8.23
N LEU L 24 -13.00 40.38 8.46
CA LEU L 24 -14.00 40.24 9.52
C LEU L 24 -13.38 40.41 10.89
N LEU L 25 -12.12 39.97 11.06
CA LEU L 25 -11.43 40.15 12.34
C LEU L 25 -11.26 41.63 12.64
N LYS L 26 -11.13 42.45 11.59
CA LYS L 26 -11.06 43.90 11.78
C LYS L 26 -12.34 44.44 12.39
N ASP L 27 -13.49 43.78 12.13
CA ASP L 27 -14.74 44.10 12.81
C ASP L 27 -14.98 43.23 14.06
N ARG L 28 -13.93 42.64 14.62
CA ARG L 28 -14.00 41.83 15.85
C ARG L 28 -14.89 40.60 15.67
N ILE L 29 -14.85 40.01 14.48
CA ILE L 29 -15.59 38.79 14.15
C ILE L 29 -14.59 37.66 13.94
N ILE L 30 -14.78 36.56 14.66
CA ILE L 30 -13.92 35.37 14.58
C ILE L 30 -14.76 34.22 14.03
N MET L 31 -14.23 33.53 13.02
CA MET L 31 -14.95 32.45 12.35
C MET L 31 -14.35 31.10 12.76
N LEU L 32 -15.12 30.33 13.50
CA LEU L 32 -14.78 28.94 13.82
C LEU L 32 -15.63 28.03 12.94
N GLY L 33 -15.04 27.52 11.87
CA GLY L 33 -15.76 26.70 10.92
C GLY L 33 -15.07 25.41 10.56
N SER L 34 -14.52 24.72 11.57
CA SER L 34 -13.82 23.46 11.37
C SER L 34 -13.81 22.70 12.68
N GLN L 35 -13.26 21.49 12.65
CA GLN L 35 -13.04 20.75 13.87
C GLN L 35 -12.03 21.50 14.74
N ILE L 36 -12.12 21.26 16.05
CA ILE L 36 -11.30 21.96 17.03
C ILE L 36 -10.09 21.08 17.31
N ASP L 37 -8.92 21.51 16.83
CA ASP L 37 -7.67 20.87 17.21
C ASP L 37 -6.73 21.94 17.73
N ASP L 38 -5.48 21.57 18.04
CA ASP L 38 -4.55 22.54 18.62
C ASP L 38 -4.28 23.71 17.69
N ASN L 39 -4.20 23.45 16.38
CA ASN L 39 -3.93 24.55 15.46
C ASN L 39 -5.07 25.56 15.47
N VAL L 40 -6.31 25.06 15.43
CA VAL L 40 -7.47 25.95 15.45
C VAL L 40 -7.54 26.71 16.77
N ALA L 41 -7.36 25.99 17.89
CA ALA L 41 -7.44 26.64 19.20
C ALA L 41 -6.37 27.72 19.34
N ASN L 42 -5.16 27.43 18.85
CA ASN L 42 -4.09 28.41 18.91
C ASN L 42 -4.46 29.68 18.15
N SER L 43 -5.06 29.53 16.98
CA SER L 43 -5.46 30.68 16.18
C SER L 43 -6.58 31.46 16.85
N ILE L 44 -7.60 30.75 17.37
CA ILE L 44 -8.72 31.43 18.02
C ILE L 44 -8.24 32.20 19.24
N VAL L 45 -7.41 31.55 20.07
CA VAL L 45 -6.88 32.20 21.27
C VAL L 45 -6.09 33.45 20.89
N SER L 46 -5.25 33.36 19.85
CA SER L 46 -4.47 34.52 19.43
C SER L 46 -5.37 35.65 18.95
N GLN L 47 -6.44 35.31 18.23
CA GLN L 47 -7.36 36.35 17.76
C GLN L 47 -8.10 36.99 18.94
N LEU L 48 -8.45 36.18 19.95
CA LEU L 48 -9.11 36.72 21.14
C LEU L 48 -8.19 37.66 21.90
N LEU L 49 -6.94 37.26 22.11
CA LEU L 49 -5.98 38.14 22.78
C LEU L 49 -5.72 39.39 21.95
N PHE L 50 -5.66 39.25 20.63
CA PHE L 50 -5.44 40.40 19.77
C PHE L 50 -6.60 41.38 19.85
N LEU L 51 -7.84 40.87 19.83
CA LEU L 51 -9.01 41.75 19.89
C LEU L 51 -9.10 42.46 21.23
N GLN L 52 -8.69 41.80 22.31
CA GLN L 52 -8.70 42.45 23.62
C GLN L 52 -7.68 43.57 23.66
N ALA L 53 -6.48 43.33 23.10
CA ALA L 53 -5.45 44.35 23.05
C ALA L 53 -5.89 45.53 22.19
N GLN L 54 -6.66 45.27 21.13
CA GLN L 54 -7.19 46.34 20.28
C GLN L 54 -8.17 47.21 21.06
N ASP L 55 -9.09 46.58 21.79
CA ASP L 55 -10.09 47.27 22.59
C ASP L 55 -10.62 46.27 23.59
N SER L 56 -10.41 46.54 24.89
CA SER L 56 -10.80 45.62 25.93
C SER L 56 -12.27 45.72 26.30
N GLU L 57 -13.03 46.60 25.63
CA GLU L 57 -14.42 46.86 25.97
C GLU L 57 -15.40 46.37 24.93
N LYS L 58 -15.15 46.62 23.64
CA LYS L 58 -16.12 46.26 22.62
C LYS L 58 -16.29 44.75 22.52
N ASP L 59 -17.52 44.33 22.22
CA ASP L 59 -17.83 42.92 22.14
C ASP L 59 -17.07 42.22 21.01
N ILE L 60 -16.92 40.91 21.18
CA ILE L 60 -16.33 40.02 20.19
C ILE L 60 -17.42 39.05 19.74
N TYR L 61 -17.42 38.72 18.45
CA TYR L 61 -18.42 37.85 17.85
C TYR L 61 -17.74 36.58 17.36
N LEU L 62 -18.11 35.44 17.93
CA LEU L 62 -17.55 34.14 17.59
C LEU L 62 -18.61 33.31 16.89
N TYR L 63 -18.48 33.17 15.57
CA TYR L 63 -19.35 32.26 14.84
C TYR L 63 -18.83 30.83 14.98
N ILE L 64 -19.75 29.91 15.22
CA ILE L 64 -19.40 28.52 15.52
C ILE L 64 -20.14 27.62 14.55
N ASN L 65 -19.38 26.91 13.71
CA ASN L 65 -19.86 25.80 12.88
C ASN L 65 -18.80 24.71 13.01
N SER L 66 -18.95 23.87 14.03
CA SER L 66 -17.89 22.91 14.37
C SER L 66 -18.47 21.57 14.83
N PRO L 67 -17.87 20.46 14.39
CA PRO L 67 -18.26 19.14 14.91
C PRO L 67 -17.59 18.78 16.22
N GLY L 68 -16.76 19.63 16.80
CA GLY L 68 -16.04 19.35 18.01
C GLY L 68 -14.56 19.10 17.76
N GLY L 69 -13.97 18.35 18.66
CA GLY L 69 -12.58 17.99 18.51
C GLY L 69 -11.92 17.78 19.88
N SER L 70 -10.67 18.22 19.98
CA SER L 70 -9.88 18.02 21.18
C SER L 70 -10.49 18.77 22.37
N VAL L 71 -10.58 18.07 23.50
CA VAL L 71 -11.10 18.68 24.71
C VAL L 71 -10.11 19.71 25.25
N THR L 72 -8.81 19.38 25.24
CA THR L 72 -7.82 20.33 25.72
C THR L 72 -7.72 21.53 24.78
N ALA L 73 -7.84 21.32 23.48
CA ALA L 73 -7.86 22.45 22.56
C ALA L 73 -9.08 23.32 22.81
N GLY L 74 -10.23 22.70 23.07
CA GLY L 74 -11.42 23.46 23.38
C GLY L 74 -11.33 24.22 24.69
N PHE L 75 -10.65 23.63 25.68
CA PHE L 75 -10.50 24.34 26.95
C PHE L 75 -9.54 25.51 26.82
N ALA L 76 -8.58 25.44 25.89
CA ALA L 76 -7.75 26.60 25.62
C ALA L 76 -8.60 27.76 25.11
N ILE L 77 -9.58 27.48 24.24
CA ILE L 77 -10.49 28.52 23.79
C ILE L 77 -11.44 28.93 24.91
N TYR L 78 -11.96 27.95 25.65
CA TYR L 78 -12.90 28.24 26.72
C TYR L 78 -12.30 29.18 27.77
N ASP L 79 -11.12 28.83 28.30
CA ASP L 79 -10.53 29.65 29.35
C ASP L 79 -10.15 31.03 28.83
N THR L 80 -9.73 31.13 27.57
CA THR L 80 -9.39 32.43 27.00
C THR L 80 -10.62 33.31 26.89
N ILE L 81 -11.76 32.73 26.49
CA ILE L 81 -13.01 33.47 26.49
C ILE L 81 -13.31 33.98 27.90
N GLN L 82 -13.17 33.10 28.89
CA GLN L 82 -13.50 33.47 30.27
C GLN L 82 -12.51 34.46 30.85
N HIS L 83 -11.28 34.48 30.34
CA HIS L 83 -10.24 35.31 30.96
C HIS L 83 -10.29 36.74 30.45
N ILE L 84 -10.52 36.95 29.15
CA ILE L 84 -10.46 38.30 28.61
C ILE L 84 -11.64 39.12 29.10
N LYS L 85 -11.46 40.45 29.07
CA LYS L 85 -12.46 41.39 29.55
C LYS L 85 -13.65 41.56 28.61
N PRO L 86 -13.48 41.69 27.29
CA PRO L 86 -14.64 41.89 26.42
C PRO L 86 -15.60 40.71 26.46
N ASP L 87 -16.88 41.01 26.31
CA ASP L 87 -17.87 39.96 26.12
C ASP L 87 -17.65 39.26 24.79
N VAL L 88 -17.78 37.95 24.79
CA VAL L 88 -17.67 37.14 23.58
C VAL L 88 -19.05 36.61 23.25
N GLN L 89 -19.65 37.13 22.19
CA GLN L 89 -20.91 36.60 21.69
C GLN L 89 -20.66 35.37 20.83
N THR L 90 -21.48 34.34 21.02
CA THR L 90 -21.38 33.11 20.25
C THR L 90 -22.62 32.97 19.38
N ILE L 91 -22.41 32.66 18.11
CA ILE L 91 -23.50 32.49 17.15
C ILE L 91 -23.28 31.15 16.46
N CYS L 92 -24.20 30.22 16.68
CA CYS L 92 -24.10 28.90 16.07
C CYS L 92 -24.78 28.92 14.71
N ILE L 93 -24.04 28.58 13.66
CA ILE L 93 -24.58 28.42 12.32
C ILE L 93 -24.31 26.99 11.88
N GLY L 94 -25.32 26.33 11.33
CA GLY L 94 -25.16 24.96 10.89
C GLY L 94 -25.14 23.96 12.03
N MET L 95 -23.99 23.81 12.68
CA MET L 95 -23.81 22.75 13.67
C MET L 95 -22.81 23.16 14.73
N ALA L 96 -23.17 22.92 16.00
CA ALA L 96 -22.23 23.00 17.11
C ALA L 96 -22.35 21.69 17.86
N ALA L 97 -21.41 20.78 17.62
CA ALA L 97 -21.43 19.46 18.23
C ALA L 97 -20.23 19.30 19.14
N SER L 98 -20.44 18.57 20.23
CA SER L 98 -19.38 18.17 21.18
C SER L 98 -18.73 19.43 21.73
N MET L 99 -17.41 19.58 21.66
CA MET L 99 -16.77 20.79 22.18
C MET L 99 -17.28 22.05 21.49
N GLY L 100 -17.81 21.92 20.27
CA GLY L 100 -18.39 23.07 19.62
C GLY L 100 -19.63 23.57 20.35
N SER L 101 -20.48 22.65 20.83
CA SER L 101 -21.62 23.06 21.63
C SER L 101 -21.17 23.56 23.00
N PHE L 102 -20.04 23.05 23.50
CA PHE L 102 -19.49 23.55 24.76
C PHE L 102 -19.04 25.01 24.61
N LEU L 103 -18.34 25.33 23.53
CA LEU L 103 -17.92 26.71 23.33
C LEU L 103 -19.11 27.62 23.06
N LEU L 104 -20.14 27.09 22.39
CA LEU L 104 -21.37 27.85 22.17
C LEU L 104 -21.99 28.28 23.50
N ALA L 105 -22.07 27.35 24.45
CA ALA L 105 -22.59 27.65 25.78
C ALA L 105 -21.64 28.51 26.59
N ALA L 106 -20.41 28.72 26.13
CA ALA L 106 -19.40 29.48 26.85
C ALA L 106 -19.47 30.99 26.60
N GLY L 107 -20.30 31.43 25.67
CA GLY L 107 -20.41 32.85 25.40
C GLY L 107 -21.00 33.63 26.57
N ALA L 108 -20.92 34.95 26.47
CA ALA L 108 -21.46 35.84 27.49
C ALA L 108 -22.95 35.59 27.69
N LYS L 109 -23.36 35.49 28.95
CA LYS L 109 -24.76 35.23 29.27
C LYS L 109 -25.65 36.31 28.65
N GLY L 110 -26.70 35.86 27.95
CA GLY L 110 -27.54 36.76 27.19
C GLY L 110 -27.10 36.98 25.76
N LYS L 111 -25.91 36.51 25.40
CA LYS L 111 -25.30 36.76 24.10
C LYS L 111 -24.91 35.47 23.38
N ARG L 112 -25.67 34.40 23.62
CA ARG L 112 -25.47 33.12 22.96
C ARG L 112 -26.65 32.85 22.04
N PHE L 113 -26.36 32.65 20.75
CA PHE L 113 -27.40 32.59 19.73
C PHE L 113 -27.22 31.37 18.84
N ALA L 114 -28.31 31.00 18.17
CA ALA L 114 -28.28 30.01 17.11
C ALA L 114 -29.28 30.41 16.04
N LEU L 115 -28.91 30.20 14.79
CA LEU L 115 -29.81 30.48 13.70
C LEU L 115 -30.93 29.43 13.69
N PRO L 116 -32.08 29.73 13.09
CA PRO L 116 -33.26 28.87 13.27
C PRO L 116 -33.05 27.41 12.89
N ASN L 117 -32.24 27.12 11.87
CA ASN L 117 -32.05 25.76 11.42
C ASN L 117 -30.72 25.17 11.87
N ALA L 118 -29.99 25.87 12.72
CA ALA L 118 -28.76 25.33 13.29
C ALA L 118 -29.07 24.16 14.22
N GLU L 119 -28.10 23.27 14.35
CA GLU L 119 -28.22 22.06 15.16
C GLU L 119 -27.19 22.09 16.28
N VAL L 120 -27.57 21.58 17.45
CA VAL L 120 -26.69 21.49 18.61
C VAL L 120 -26.69 20.06 19.09
N MET L 121 -25.50 19.48 19.30
CA MET L 121 -25.37 18.11 19.75
C MET L 121 -24.43 18.07 20.95
N ILE L 122 -24.82 17.33 21.99
CA ILE L 122 -24.03 17.14 23.20
C ILE L 122 -23.82 15.65 23.42
N HIS L 123 -22.62 15.30 23.90
CA HIS L 123 -22.35 13.91 24.26
C HIS L 123 -21.13 13.88 25.16
N GLN L 124 -20.84 12.70 25.70
CA GLN L 124 -19.72 12.54 26.60
C GLN L 124 -18.41 12.45 25.80
N PRO L 125 -17.27 12.76 26.44
CA PRO L 125 -15.99 12.79 25.70
C PRO L 125 -15.61 11.42 25.16
N LEU L 126 -14.81 11.45 24.09
CA LEU L 126 -14.30 10.25 23.45
C LEU L 126 -12.80 10.17 23.65
N GLY L 127 -12.28 8.95 23.70
CA GLY L 127 -10.86 8.77 23.90
C GLY L 127 -10.44 7.34 23.63
N GLY L 128 -9.20 7.05 24.01
CA GLY L 128 -8.63 5.74 23.85
C GLY L 128 -7.57 5.50 24.89
N ALA L 129 -7.21 4.23 25.06
CA ALA L 129 -6.19 3.84 26.03
C ALA L 129 -5.59 2.52 25.58
N GLN L 130 -4.27 2.38 25.77
CA GLN L 130 -3.59 1.16 25.39
C GLN L 130 -2.41 0.93 26.32
N GLY L 131 -2.13 -0.35 26.59
CA GLY L 131 -0.97 -0.72 27.37
C GLY L 131 -1.29 -1.56 28.58
N GLN L 132 -0.54 -1.37 29.66
CA GLN L 132 -0.76 -2.13 30.88
C GLN L 132 -2.08 -1.73 31.55
N ALA L 133 -2.56 -2.61 32.43
CA ALA L 133 -3.81 -2.32 33.14
C ALA L 133 -3.70 -1.02 33.94
N THR L 134 -2.55 -0.75 34.54
CA THR L 134 -2.36 0.50 35.27
C THR L 134 -2.46 1.70 34.35
N GLU L 135 -1.89 1.60 33.15
CA GLU L 135 -1.96 2.70 32.21
C GLU L 135 -3.39 2.92 31.75
N ILE L 136 -4.12 1.83 31.54
CA ILE L 136 -5.52 1.90 31.17
C ILE L 136 -6.34 2.48 32.31
N GLU L 137 -5.99 2.13 33.55
CA GLU L 137 -6.66 2.72 34.71
C GLU L 137 -6.39 4.23 34.79
N ILE L 138 -5.15 4.64 34.53
CA ILE L 138 -4.83 6.07 34.56
C ILE L 138 -5.62 6.82 33.50
N ALA L 139 -5.65 6.27 32.29
CA ALA L 139 -6.37 6.93 31.20
C ALA L 139 -7.87 6.94 31.46
N ALA L 140 -8.39 5.88 32.07
CA ALA L 140 -9.82 5.85 32.41
C ALA L 140 -10.16 6.89 33.47
N ASN L 141 -9.33 6.96 34.52
CA ASN L 141 -9.54 7.97 35.55
C ASN L 141 -9.46 9.38 34.98
N HIS L 142 -8.53 9.60 34.05
CA HIS L 142 -8.36 10.95 33.51
C HIS L 142 -9.58 11.38 32.69
N ILE L 143 -10.06 10.51 31.81
CA ILE L 143 -11.18 10.90 30.97
C ILE L 143 -12.46 11.02 31.79
N LEU L 144 -12.56 10.25 32.88
CA LEU L 144 -13.70 10.40 33.78
C LEU L 144 -13.66 11.74 34.51
N LYS L 145 -12.46 12.18 34.91
CA LYS L 145 -12.33 13.51 35.49
C LYS L 145 -12.65 14.59 34.47
N THR L 146 -12.25 14.35 33.21
CA THR L 146 -12.50 15.32 32.16
C THR L 146 -14.00 15.46 31.91
N ARG L 147 -14.73 14.35 31.93
CA ARG L 147 -16.17 14.43 31.74
C ARG L 147 -16.84 15.18 32.89
N GLU L 148 -16.43 14.91 34.13
CA GLU L 148 -17.00 15.61 35.27
C GLU L 148 -16.71 17.11 35.21
N LYS L 149 -15.50 17.48 34.78
CA LYS L 149 -15.18 18.89 34.59
C LYS L 149 -16.06 19.51 33.51
N LEU L 150 -16.25 18.79 32.40
CA LEU L 150 -17.10 19.31 31.33
C LEU L 150 -18.55 19.43 31.79
N ASN L 151 -19.05 18.40 32.49
CA ASN L 151 -20.44 18.43 32.94
C ASN L 151 -20.66 19.48 34.02
N ARG L 152 -19.67 19.68 34.90
CA ARG L 152 -19.78 20.72 35.92
C ARG L 152 -19.94 22.10 35.28
N ILE L 153 -19.04 22.45 34.35
CA ILE L 153 -19.13 23.75 33.70
C ILE L 153 -20.40 23.85 32.87
N LEU L 154 -20.74 22.80 32.13
CA LEU L 154 -21.98 22.81 31.37
C LEU L 154 -23.18 23.04 32.28
N SER L 155 -23.15 22.45 33.48
CA SER L 155 -24.20 22.69 34.46
C SER L 155 -24.21 24.15 34.91
N GLU L 156 -23.02 24.73 35.07
CA GLU L 156 -22.92 26.12 35.54
C GLU L 156 -23.46 27.08 34.50
N ARG L 157 -23.30 26.76 33.22
CA ARG L 157 -23.65 27.69 32.14
C ARG L 157 -25.05 27.50 31.59
N THR L 158 -25.68 26.36 31.85
CA THR L 158 -27.05 26.13 31.38
C THR L 158 -28.09 26.22 32.48
N GLY L 159 -27.69 26.10 33.75
CA GLY L 159 -28.62 26.05 34.85
C GLY L 159 -29.18 24.68 35.16
N GLN L 160 -28.89 23.68 34.35
CA GLN L 160 -29.34 22.32 34.61
C GLN L 160 -28.49 21.68 35.70
N SER L 161 -29.08 20.69 36.37
CA SER L 161 -28.36 19.96 37.40
C SER L 161 -27.29 19.06 36.80
N ILE L 162 -26.33 18.69 37.64
CA ILE L 162 -25.23 17.83 37.22
C ILE L 162 -25.76 16.47 36.78
N GLU L 163 -26.73 15.93 37.53
CA GLU L 163 -27.27 14.62 37.21
C GLU L 163 -28.02 14.63 35.87
N LYS L 164 -28.72 15.73 35.57
CA LYS L 164 -29.40 15.82 34.28
C LYS L 164 -28.42 15.91 33.13
N ILE L 165 -27.36 16.71 33.27
CA ILE L 165 -26.36 16.81 32.22
C ILE L 165 -25.74 15.44 31.96
N GLN L 166 -25.43 14.71 33.04
CA GLN L 166 -24.85 13.38 32.91
C GLN L 166 -25.78 12.45 32.13
N GLN L 167 -27.07 12.50 32.45
CA GLN L 167 -28.04 11.65 31.76
C GLN L 167 -28.21 12.06 30.30
N ASP L 168 -28.20 13.37 30.03
CA ASP L 168 -28.43 13.90 28.69
C ASP L 168 -27.20 13.84 27.78
N THR L 169 -26.02 13.54 28.32
CA THR L 169 -24.82 13.41 27.50
C THR L 169 -24.34 11.97 27.39
N ASP L 170 -25.09 11.01 27.94
CA ASP L 170 -24.64 9.62 27.89
C ASP L 170 -24.51 9.14 26.45
N ARG L 171 -25.40 9.60 25.57
CA ARG L 171 -25.38 9.27 24.17
C ARG L 171 -25.46 10.56 23.37
N ASP L 172 -25.27 10.46 22.05
CA ASP L 172 -25.42 11.60 21.16
C ASP L 172 -26.81 12.19 21.32
N ASN L 173 -26.88 13.47 21.68
CA ASN L 173 -28.14 14.15 21.91
C ASN L 173 -28.24 15.37 20.97
N PHE L 174 -29.08 15.25 19.95
CA PHE L 174 -29.27 16.33 18.98
C PHE L 174 -30.41 17.25 19.41
N LEU L 175 -30.16 18.56 19.37
CA LEU L 175 -31.13 19.57 19.77
C LEU L 175 -31.33 20.57 18.64
N THR L 176 -32.58 20.98 18.41
CA THR L 176 -32.82 22.10 17.53
C THR L 176 -32.41 23.40 18.22
N ALA L 177 -32.39 24.49 17.45
CA ALA L 177 -32.07 25.79 18.03
C ALA L 177 -33.06 26.15 19.12
N ALA L 178 -34.36 25.91 18.88
CA ALA L 178 -35.37 26.21 19.90
C ALA L 178 -35.15 25.37 21.14
N GLU L 179 -34.87 24.08 20.96
CA GLU L 179 -34.60 23.20 22.10
C GLU L 179 -33.33 23.60 22.85
N ALA L 180 -32.33 24.10 22.12
CA ALA L 180 -31.10 24.51 22.78
C ALA L 180 -31.33 25.70 23.71
N LYS L 181 -32.20 26.63 23.31
CA LYS L 181 -32.54 27.73 24.20
C LYS L 181 -33.36 27.24 25.38
N GLU L 182 -34.28 26.29 25.12
CA GLU L 182 -35.04 25.66 26.20
C GLU L 182 -34.09 25.00 27.21
N TYR L 183 -33.02 24.39 26.71
CA TYR L 183 -32.07 23.68 27.57
C TYR L 183 -31.17 24.65 28.32
N GLY L 184 -30.99 25.87 27.81
CA GLY L 184 -30.09 26.82 28.40
C GLY L 184 -28.72 26.90 27.76
N LEU L 185 -28.50 26.17 26.66
CA LEU L 185 -27.22 26.22 25.98
C LEU L 185 -27.02 27.54 25.25
N ILE L 186 -28.09 28.12 24.73
CA ILE L 186 -28.08 29.44 24.11
C ILE L 186 -29.14 30.29 24.80
N ASP L 187 -29.11 31.59 24.50
CA ASP L 187 -30.07 32.53 25.06
C ASP L 187 -31.19 32.89 24.09
N GLU L 188 -30.90 32.95 22.79
CA GLU L 188 -31.90 33.42 21.84
C GLU L 188 -31.72 32.70 20.49
N VAL L 189 -32.85 32.40 19.85
CA VAL L 189 -32.85 31.98 18.46
C VAL L 189 -32.92 33.24 17.60
N MET L 190 -31.86 33.53 16.85
CA MET L 190 -31.78 34.74 16.04
C MET L 190 -32.74 34.67 14.86
N GLU L 191 -33.77 35.48 14.90
CA GLU L 191 -34.72 35.48 13.78
C GLU L 191 -34.27 36.44 12.69
N PRO L 192 -34.65 36.20 11.44
CA PRO L 192 -34.20 37.05 10.34
C PRO L 192 -34.58 38.51 10.53
N GLU L 193 -33.61 39.39 10.25
CA GLU L 193 -33.81 40.83 10.37
C GLU L 193 -34.22 41.44 9.03
N ILE M 4 -3.26 31.95 10.69
CA ILE M 4 -3.45 32.24 9.27
C ILE M 4 -3.89 33.68 8.94
N PRO M 5 -4.83 34.30 9.70
CA PRO M 5 -5.37 35.58 9.23
C PRO M 5 -4.31 36.67 9.23
N THR M 6 -4.51 37.67 8.38
CA THR M 6 -3.58 38.80 8.28
C THR M 6 -4.17 40.05 8.93
N TYR M 18 1.39 41.10 8.49
CA TYR M 18 1.62 40.02 9.45
C TYR M 18 0.53 38.97 9.43
N ASP M 19 0.86 37.78 9.93
CA ASP M 19 -0.15 36.86 10.41
C ASP M 19 -0.40 37.13 11.90
N ILE M 20 -1.41 36.47 12.46
CA ILE M 20 -1.81 36.77 13.83
C ILE M 20 -0.66 36.52 14.80
N TYR M 21 0.21 35.55 14.50
CA TYR M 21 1.32 35.24 15.40
C TYR M 21 2.40 36.30 15.31
N SER M 22 2.65 36.83 14.10
CA SER M 22 3.57 37.96 13.98
C SER M 22 3.01 39.19 14.68
N ARG M 23 1.68 39.33 14.68
CA ARG M 23 1.08 40.43 15.43
C ARG M 23 1.35 40.30 16.92
N LEU M 24 1.26 39.08 17.46
CA LEU M 24 1.53 38.87 18.87
C LEU M 24 3.01 38.99 19.20
N LEU M 25 3.89 38.59 18.28
CA LEU M 25 5.32 38.69 18.54
C LEU M 25 5.77 40.13 18.72
N LYS M 26 5.09 41.09 18.09
CA LYS M 26 5.40 42.50 18.31
C LYS M 26 5.17 42.88 19.77
N ASP M 27 4.23 42.23 20.45
CA ASP M 27 3.98 42.43 21.87
C ASP M 27 4.76 41.46 22.75
N ARG M 28 5.82 40.84 22.21
CA ARG M 28 6.68 39.93 22.95
C ARG M 28 5.94 38.68 23.44
N ILE M 29 4.98 38.23 22.63
CA ILE M 29 4.21 37.03 22.91
C ILE M 29 4.63 35.95 21.93
N ILE M 30 5.01 34.79 22.45
CA ILE M 30 5.42 33.65 21.63
C ILE M 30 4.41 32.54 21.86
N MET M 31 3.97 31.92 20.76
CA MET M 31 2.97 30.86 20.81
C MET M 31 3.66 29.52 20.60
N LEU M 32 3.68 28.69 21.65
CA LEU M 32 4.10 27.30 21.54
C LEU M 32 2.82 26.46 21.60
N GLY M 33 2.32 26.07 20.44
CA GLY M 33 1.07 25.35 20.35
C GLY M 33 1.15 24.12 19.48
N SER M 34 2.22 23.36 19.60
CA SER M 34 2.39 22.15 18.80
C SER M 34 3.37 21.24 19.52
N GLN M 35 3.60 20.07 18.93
CA GLN M 35 4.64 19.17 19.40
C GLN M 35 5.99 19.85 19.30
N ILE M 36 6.91 19.44 20.17
CA ILE M 36 8.24 20.02 20.25
C ILE M 36 9.18 19.14 19.43
N ASP M 37 9.60 19.64 18.28
CA ASP M 37 10.65 19.01 17.49
C ASP M 37 11.74 20.04 17.23
N ASP M 38 12.76 19.67 16.45
CA ASP M 38 13.85 20.61 16.21
C ASP M 38 13.37 21.86 15.47
N ASN M 39 12.43 21.71 14.54
CA ASN M 39 11.94 22.88 13.81
C ASN M 39 11.24 23.86 14.73
N VAL M 40 10.36 23.36 15.61
CA VAL M 40 9.64 24.23 16.53
C VAL M 40 10.61 24.93 17.48
N ALA M 41 11.55 24.16 18.05
CA ALA M 41 12.54 24.76 18.95
C ALA M 41 13.36 25.83 18.24
N ASN M 42 13.69 25.59 16.96
CA ASN M 42 14.44 26.58 16.20
C ASN M 42 13.68 27.89 16.12
N SER M 43 12.37 27.81 15.86
CA SER M 43 11.55 29.02 15.77
C SER M 43 11.44 29.72 17.11
N ILE M 44 11.20 28.95 18.18
CA ILE M 44 11.03 29.53 19.50
C ILE M 44 12.33 30.20 19.95
N VAL M 45 13.46 29.51 19.77
CA VAL M 45 14.75 30.08 20.16
C VAL M 45 15.03 31.35 19.35
N SER M 46 14.73 31.32 18.05
CA SER M 46 14.96 32.50 17.22
C SER M 46 14.11 33.68 17.68
N GLN M 47 12.85 33.42 18.08
CA GLN M 47 12.02 34.51 18.55
C GLN M 47 12.54 35.06 19.87
N LEU M 48 13.02 34.19 20.76
CA LEU M 48 13.56 34.63 22.05
C LEU M 48 14.79 35.50 21.85
N LEU M 49 15.73 35.05 21.02
CA LEU M 49 16.93 35.84 20.74
C LEU M 49 16.57 37.18 20.08
N PHE M 50 15.59 37.15 19.17
CA PHE M 50 15.18 38.39 18.52
C PHE M 50 14.55 39.37 19.51
N LEU M 51 13.68 38.86 20.41
CA LEU M 51 13.03 39.75 21.37
C LEU M 51 14.04 40.35 22.34
N GLN M 52 15.07 39.59 22.70
CA GLN M 52 16.11 40.14 23.56
C GLN M 52 16.91 41.23 22.84
N ALA M 53 17.22 41.02 21.56
CA ALA M 53 17.95 42.04 20.81
C ALA M 53 17.14 43.32 20.68
N GLN M 54 15.82 43.19 20.50
CA GLN M 54 14.97 44.38 20.50
C GLN M 54 14.93 45.04 21.87
N ASP M 55 14.85 44.24 22.92
CA ASP M 55 14.81 44.76 24.28
C ASP M 55 15.23 43.68 25.26
N SER M 56 16.33 43.90 25.96
CA SER M 56 16.81 42.94 26.94
C SER M 56 16.14 43.10 28.29
N GLU M 57 15.19 44.03 28.43
CA GLU M 57 14.58 44.34 29.72
C GLU M 57 13.13 43.90 29.85
N LYS M 58 12.32 44.15 28.82
CA LYS M 58 10.89 43.84 28.89
C LYS M 58 10.66 42.34 28.95
N ASP M 59 9.64 41.93 29.70
CA ASP M 59 9.33 40.51 29.83
C ASP M 59 8.90 39.90 28.50
N ILE M 60 9.06 38.58 28.41
CA ILE M 60 8.58 37.79 27.27
C ILE M 60 7.49 36.86 27.79
N TYR M 61 6.44 36.69 26.99
CA TYR M 61 5.29 35.86 27.34
C TYR M 61 5.24 34.66 26.42
N LEU M 62 5.39 33.47 26.99
CA LEU M 62 5.42 32.23 26.23
C LEU M 62 4.16 31.43 26.56
N TYR M 63 3.21 31.43 25.64
CA TYR M 63 2.05 30.56 25.78
C TYR M 63 2.41 29.15 25.35
N ILE M 64 1.96 28.17 26.15
CA ILE M 64 2.32 26.78 25.95
C ILE M 64 1.04 25.96 25.87
N ASN M 65 0.80 25.35 24.71
CA ASN M 65 -0.24 24.35 24.49
C ASN M 65 0.42 23.24 23.67
N SER M 66 1.07 22.31 24.37
CA SER M 66 1.92 21.32 23.73
C SER M 66 1.80 19.95 24.39
N PRO M 67 1.77 18.87 23.60
CA PRO M 67 1.85 17.53 24.17
C PRO M 67 3.26 17.05 24.49
N GLY M 68 4.26 17.88 24.27
CA GLY M 68 5.64 17.50 24.49
C GLY M 68 6.39 17.26 23.20
N GLY M 69 7.42 16.46 23.29
CA GLY M 69 8.18 16.10 22.10
C GLY M 69 9.63 15.79 22.48
N SER M 70 10.53 16.22 21.59
CA SER M 70 11.94 15.94 21.74
C SER M 70 12.50 16.58 23.01
N VAL M 71 13.26 15.81 23.77
CA VAL M 71 13.87 16.34 24.98
C VAL M 71 14.97 17.34 24.64
N THR M 72 15.81 17.02 23.65
CA THR M 72 16.89 17.94 23.28
C THR M 72 16.34 19.22 22.66
N ALA M 73 15.28 19.12 21.85
CA ALA M 73 14.66 20.33 21.33
C ALA M 73 14.06 21.16 22.46
N GLY M 74 13.49 20.49 23.46
CA GLY M 74 12.97 21.22 24.60
C GLY M 74 14.06 21.89 25.42
N PHE M 75 15.21 21.24 25.53
CA PHE M 75 16.33 21.85 26.25
C PHE M 75 16.94 22.99 25.46
N ALA M 76 16.85 22.94 24.13
CA ALA M 76 17.24 24.11 23.34
C ALA M 76 16.39 25.31 23.71
N ILE M 77 15.08 25.11 23.89
CA ILE M 77 14.22 26.19 24.35
C ILE M 77 14.51 26.52 25.81
N TYR M 78 14.68 25.48 26.64
CA TYR M 78 14.95 25.69 28.06
C TYR M 78 16.20 26.53 28.28
N ASP M 79 17.33 26.11 27.70
CA ASP M 79 18.58 26.82 27.92
C ASP M 79 18.53 28.24 27.37
N THR M 80 17.80 28.45 26.27
CA THR M 80 17.69 29.80 25.74
C THR M 80 16.89 30.69 26.70
N ILE M 81 15.83 30.15 27.29
CA ILE M 81 15.06 30.90 28.28
C ILE M 81 15.97 31.30 29.45
N GLN M 82 16.76 30.35 29.96
CA GLN M 82 17.59 30.63 31.12
C GLN M 82 18.73 31.58 30.78
N HIS M 83 19.16 31.62 29.51
CA HIS M 83 20.36 32.37 29.17
C HIS M 83 20.06 33.85 28.94
N ILE M 84 18.94 34.16 28.28
CA ILE M 84 18.67 35.54 27.91
C ILE M 84 18.37 36.37 29.16
N LYS M 85 18.54 37.68 29.04
CA LYS M 85 18.35 38.62 30.14
C LYS M 85 16.88 38.83 30.49
N PRO M 86 15.97 39.00 29.52
CA PRO M 86 14.57 39.24 29.89
C PRO M 86 13.96 38.04 30.63
N ASP M 87 13.06 38.34 31.56
CA ASP M 87 12.24 37.31 32.16
C ASP M 87 11.28 36.74 31.12
N VAL M 88 11.11 35.42 31.16
CA VAL M 88 10.18 34.73 30.28
C VAL M 88 9.02 34.21 31.13
N GLN M 89 7.84 34.79 30.92
CA GLN M 89 6.64 34.28 31.55
C GLN M 89 6.08 33.12 30.74
N THR M 90 5.61 32.09 31.44
CA THR M 90 4.97 30.94 30.80
C THR M 90 3.50 30.90 31.21
N ILE M 91 2.63 30.73 30.22
CA ILE M 91 1.19 30.67 30.43
C ILE M 91 0.69 29.42 29.72
N CYS M 92 0.19 28.45 30.49
CA CYS M 92 -0.31 27.21 29.94
C CYS M 92 -1.80 27.38 29.62
N ILE M 93 -2.15 27.14 28.35
CA ILE M 93 -3.53 27.09 27.91
C ILE M 93 -3.76 25.72 27.30
N GLY M 94 -4.88 25.10 27.67
CA GLY M 94 -5.19 23.79 27.16
C GLY M 94 -4.38 22.66 27.77
N MET M 95 -3.15 22.47 27.30
CA MET M 95 -2.40 21.27 27.67
C MET M 95 -0.91 21.59 27.68
N ALA M 96 -0.22 21.19 28.75
CA ALA M 96 1.24 21.18 28.79
C ALA M 96 1.66 19.81 29.31
N ALA M 97 2.07 18.92 28.42
CA ALA M 97 2.43 17.56 28.80
C ALA M 97 3.89 17.29 28.49
N SER M 98 4.52 16.48 29.34
CA SER M 98 5.88 15.97 29.15
C SER M 98 6.83 17.16 29.02
N MET M 99 7.62 17.28 27.94
CA MET M 99 8.54 18.40 27.80
C MET M 99 7.81 19.73 27.84
N GLY M 100 6.53 19.75 27.47
CA GLY M 100 5.77 20.98 27.55
C GLY M 100 5.55 21.43 28.98
N SER M 101 5.25 20.50 29.88
CA SER M 101 5.12 20.86 31.29
C SER M 101 6.48 21.20 31.89
N PHE M 102 7.55 20.60 31.35
CA PHE M 102 8.89 20.98 31.76
C PHE M 102 9.19 22.44 31.42
N LEU M 103 8.83 22.85 30.20
CA LEU M 103 9.03 24.25 29.81
C LEU M 103 8.12 25.20 30.57
N LEU M 104 6.90 24.76 30.91
CA LEU M 104 6.00 25.58 31.73
C LEU M 104 6.65 25.92 33.07
N ALA M 105 7.25 24.92 33.73
CA ALA M 105 7.95 25.12 34.99
C ALA M 105 9.26 25.87 34.83
N ALA M 106 9.71 26.09 33.60
CA ALA M 106 10.98 26.76 33.32
C ALA M 106 10.85 28.28 33.26
N GLY M 107 9.63 28.81 33.33
CA GLY M 107 9.43 30.24 33.28
C GLY M 107 10.04 30.94 34.49
N ALA M 108 10.10 32.26 34.42
CA ALA M 108 10.61 33.06 35.53
C ALA M 108 9.80 32.77 36.79
N LYS M 109 10.52 32.51 37.89
CA LYS M 109 9.86 32.20 39.16
C LYS M 109 8.94 33.36 39.55
N GLY M 110 7.71 33.01 39.93
CA GLY M 110 6.68 33.99 40.18
C GLY M 110 5.85 34.35 38.98
N LYS M 111 6.27 33.97 37.78
CA LYS M 111 5.55 34.32 36.54
C LYS M 111 5.24 33.09 35.70
N ARG M 112 4.94 31.97 36.36
CA ARG M 112 4.53 30.74 35.68
C ARG M 112 3.05 30.54 35.95
N PHE M 113 2.25 30.45 34.89
CA PHE M 113 0.81 30.47 35.02
C PHE M 113 0.17 29.32 34.24
N ALA M 114 -1.06 29.01 34.64
CA ALA M 114 -1.93 28.11 33.90
C ALA M 114 -3.36 28.59 34.08
N LEU M 115 -4.14 28.49 33.01
CA LEU M 115 -5.53 28.86 33.06
C LEU M 115 -6.30 27.79 33.86
N PRO M 116 -7.45 28.15 34.44
CA PRO M 116 -8.08 27.24 35.43
C PRO M 116 -8.35 25.84 34.92
N ASN M 117 -8.68 25.67 33.65
CA ASN M 117 -8.98 24.36 33.09
C ASN M 117 -7.86 23.78 32.24
N ALA M 118 -6.70 24.43 32.20
CA ALA M 118 -5.56 23.87 31.50
C ALA M 118 -5.11 22.60 32.20
N GLU M 119 -4.49 21.70 31.45
CA GLU M 119 -4.07 20.42 31.96
C GLU M 119 -2.56 20.31 31.91
N VAL M 120 -1.98 19.71 32.94
CA VAL M 120 -0.54 19.53 33.06
C VAL M 120 -0.29 18.05 33.31
N MET M 121 0.59 17.45 32.52
CA MET M 121 0.93 16.05 32.67
C MET M 121 2.44 15.90 32.72
N ILE M 122 2.91 15.11 33.68
CA ILE M 122 4.33 14.81 33.84
C ILE M 122 4.48 13.29 33.78
N HIS M 123 5.57 12.84 33.17
CA HIS M 123 5.90 11.42 33.12
C HIS M 123 7.38 11.29 32.77
N GLN M 124 7.87 10.07 32.82
CA GLN M 124 9.26 9.88 32.47
C GLN M 124 9.44 9.85 30.95
N PRO M 125 10.63 10.19 30.45
CA PRO M 125 10.83 10.27 29.00
C PRO M 125 10.72 8.92 28.30
N LEU M 126 10.38 8.99 27.02
CA LEU M 126 10.24 7.82 26.15
C LEU M 126 11.37 7.79 25.14
N GLY M 127 11.70 6.59 24.69
CA GLY M 127 12.75 6.42 23.71
C GLY M 127 12.76 5.03 23.15
N GLY M 128 13.82 4.73 22.41
CA GLY M 128 13.94 3.42 21.81
C GLY M 128 15.40 3.06 21.63
N ALA M 129 15.62 1.77 21.43
CA ALA M 129 16.95 1.22 21.26
C ALA M 129 16.82 -0.06 20.46
N GLN M 130 17.74 -0.27 19.53
CA GLN M 130 17.68 -1.45 18.68
C GLN M 130 19.10 -1.81 18.29
N GLY M 131 19.38 -3.12 18.21
CA GLY M 131 20.69 -3.55 17.77
C GLY M 131 21.39 -4.49 18.73
N GLN M 132 22.71 -4.38 18.82
CA GLN M 132 23.49 -5.26 19.70
C GLN M 132 23.23 -4.92 21.16
N ALA M 133 23.57 -5.87 22.03
CA ALA M 133 23.41 -5.68 23.47
C ALA M 133 24.18 -4.47 23.97
N THR M 134 25.40 -4.28 23.47
CA THR M 134 26.20 -3.12 23.87
C THR M 134 25.54 -1.82 23.44
N GLU M 135 24.95 -1.81 22.24
CA GLU M 135 24.25 -0.61 21.77
C GLU M 135 23.01 -0.35 22.61
N ILE M 136 22.30 -1.42 23.00
CA ILE M 136 21.11 -1.26 23.82
C ILE M 136 21.49 -0.70 25.19
N GLU M 137 22.64 -1.15 25.72
CA GLU M 137 23.12 -0.64 27.00
C GLU M 137 23.47 0.85 26.91
N ILE M 138 24.14 1.25 25.83
CA ILE M 138 24.48 2.66 25.67
C ILE M 138 23.22 3.51 25.60
N ALA M 139 22.21 3.05 24.84
CA ALA M 139 20.99 3.83 24.72
C ALA M 139 20.23 3.89 26.05
N ALA M 140 20.25 2.80 26.82
CA ALA M 140 19.59 2.80 28.13
C ALA M 140 20.29 3.73 29.10
N ASN M 141 21.63 3.69 29.15
CA ASN M 141 22.36 4.61 30.02
C ASN M 141 22.05 6.05 29.67
N HIS M 142 21.97 6.36 28.38
CA HIS M 142 21.72 7.74 27.98
C HIS M 142 20.36 8.22 28.42
N ILE M 143 19.32 7.41 28.20
CA ILE M 143 17.99 7.88 28.57
C ILE M 143 17.82 7.92 30.09
N LEU M 144 18.54 7.07 30.82
CA LEU M 144 18.51 7.15 32.27
C LEU M 144 19.19 8.41 32.78
N LYS M 145 20.32 8.78 32.16
CA LYS M 145 20.96 10.06 32.48
C LYS M 145 20.08 11.24 32.09
N THR M 146 19.36 11.14 30.97
CA THR M 146 18.50 12.24 30.58
C THR M 146 17.36 12.42 31.58
N ARG M 147 16.77 11.32 32.05
CA ARG M 147 15.72 11.43 33.05
C ARG M 147 16.28 12.03 34.34
N GLU M 148 17.49 11.60 34.71
CA GLU M 148 18.14 12.14 35.92
C GLU M 148 18.38 13.64 35.78
N LYS M 149 18.82 14.10 34.60
CA LYS M 149 18.96 15.53 34.37
C LYS M 149 17.60 16.23 34.45
N LEU M 150 16.56 15.64 33.86
CA LEU M 150 15.23 16.25 33.91
C LEU M 150 14.71 16.33 35.33
N ASN M 151 14.88 15.27 36.13
CA ASN M 151 14.37 15.26 37.49
C ASN M 151 15.10 16.23 38.39
N ARG M 152 16.42 16.35 38.20
CA ARG M 152 17.19 17.31 39.01
C ARG M 152 16.70 18.73 38.77
N ILE M 153 16.56 19.13 37.51
CA ILE M 153 16.08 20.47 37.20
C ILE M 153 14.64 20.64 37.67
N LEU M 154 13.79 19.64 37.43
CA LEU M 154 12.41 19.71 37.91
C LEU M 154 12.36 19.91 39.41
N SER M 155 13.27 19.25 40.14
CA SER M 155 13.32 19.39 41.59
C SER M 155 13.67 20.82 42.02
N GLU M 156 14.66 21.44 41.36
CA GLU M 156 15.03 22.79 41.77
C GLU M 156 13.97 23.82 41.40
N ARG M 157 13.21 23.61 40.33
CA ARG M 157 12.24 24.61 39.92
C ARG M 157 10.88 24.43 40.59
N THR M 158 10.60 23.26 41.16
CA THR M 158 9.36 23.04 41.87
C THR M 158 9.51 22.97 43.39
N GLY M 159 10.72 22.72 43.89
CA GLY M 159 10.92 22.53 45.31
C GLY M 159 10.70 21.13 45.81
N GLN M 160 10.18 20.23 44.98
CA GLN M 160 9.99 18.84 45.38
C GLN M 160 11.33 18.12 45.39
N SER M 161 11.42 17.08 46.21
CA SER M 161 12.63 16.28 46.25
C SER M 161 12.77 15.46 44.97
N ILE M 162 14.00 15.04 44.68
CA ILE M 162 14.26 14.29 43.47
C ILE M 162 13.52 12.94 43.49
N GLU M 163 13.54 12.27 44.64
CA GLU M 163 12.83 11.00 44.75
C GLU M 163 11.32 11.19 44.60
N LYS M 164 10.81 12.33 45.07
CA LYS M 164 9.41 12.70 44.86
C LYS M 164 9.08 12.86 43.38
N ILE M 165 9.97 13.55 42.63
CA ILE M 165 9.79 13.67 41.18
C ILE M 165 9.85 12.30 40.53
N GLN M 166 10.81 11.46 40.95
CA GLN M 166 10.98 10.13 40.37
C GLN M 166 9.72 9.28 40.52
N GLN M 167 9.13 9.26 41.73
CA GLN M 167 7.95 8.42 41.90
C GLN M 167 6.74 9.02 41.20
N ASP M 168 6.62 10.35 41.16
CA ASP M 168 5.45 10.97 40.56
C ASP M 168 5.49 10.99 39.04
N THR M 169 6.64 10.69 38.43
CA THR M 169 6.75 10.66 36.98
C THR M 169 6.93 9.25 36.46
N ASP M 170 6.85 8.23 37.32
CA ASP M 170 7.01 6.86 36.88
C ASP M 170 5.95 6.48 35.86
N ARG M 171 4.73 7.00 36.02
CA ARG M 171 3.65 6.79 35.06
C ARG M 171 3.06 8.14 34.69
N ASP M 172 2.18 8.13 33.68
CA ASP M 172 1.48 9.35 33.29
C ASP M 172 0.75 9.92 34.50
N ASN M 173 1.09 11.16 34.84
CA ASN M 173 0.53 11.84 36.01
C ASN M 173 -0.14 13.13 35.56
N PHE M 174 -1.48 13.12 35.53
CA PHE M 174 -2.23 14.29 35.12
C PHE M 174 -2.55 15.16 36.32
N LEU M 175 -2.31 16.46 36.17
CA LEU M 175 -2.55 17.44 37.22
C LEU M 175 -3.44 18.54 36.67
N THR M 176 -4.41 18.97 37.48
CA THR M 176 -5.14 20.17 37.13
C THR M 176 -4.23 21.39 37.30
N ALA M 177 -4.73 22.54 36.86
CA ALA M 177 -3.97 23.78 37.06
C ALA M 177 -3.71 24.02 38.53
N ALA M 178 -4.73 23.83 39.38
CA ALA M 178 -4.58 24.02 40.81
C ALA M 178 -3.60 23.02 41.42
N GLU M 179 -3.69 21.74 41.02
CA GLU M 179 -2.74 20.74 41.51
C GLU M 179 -1.33 21.05 41.03
N ALA M 180 -1.18 21.58 39.82
CA ALA M 180 0.13 21.95 39.32
C ALA M 180 0.74 23.08 40.16
N LYS M 181 -0.11 23.98 40.66
CA LYS M 181 0.38 25.01 41.56
C LYS M 181 0.78 24.40 42.90
N GLU M 182 -0.03 23.47 43.41
CA GLU M 182 0.33 22.75 44.64
C GLU M 182 1.66 22.05 44.49
N TYR M 183 1.92 21.48 43.31
CA TYR M 183 3.16 20.75 43.09
C TYR M 183 4.36 21.67 42.95
N GLY M 184 4.15 22.92 42.56
CA GLY M 184 5.24 23.84 42.31
C GLY M 184 5.61 24.00 40.85
N LEU M 185 4.86 23.39 39.94
CA LEU M 185 5.13 23.53 38.51
C LEU M 185 4.77 24.91 37.99
N ILE M 186 3.73 25.53 38.55
CA ILE M 186 3.36 26.90 38.23
C ILE M 186 3.29 27.68 39.53
N ASP M 187 3.21 29.00 39.40
CA ASP M 187 3.11 29.88 40.56
C ASP M 187 1.69 30.34 40.83
N GLU M 188 0.89 30.52 39.81
CA GLU M 188 -0.45 31.07 39.99
C GLU M 188 -1.38 30.46 38.95
N VAL M 189 -2.62 30.19 39.36
CA VAL M 189 -3.68 29.88 38.42
C VAL M 189 -4.27 31.21 37.98
N MET M 190 -4.09 31.53 36.71
CA MET M 190 -4.55 32.81 36.16
C MET M 190 -6.08 32.83 36.14
N GLU M 191 -6.68 33.64 37.05
CA GLU M 191 -8.12 33.70 37.22
C GLU M 191 -8.74 34.71 36.25
N PRO M 192 -10.02 34.51 35.88
CA PRO M 192 -10.72 35.39 34.92
C PRO M 192 -10.79 36.84 35.35
N ILE N 4 8.71 30.65 11.28
CA ILE N 4 7.38 30.97 10.76
C ILE N 4 7.01 32.47 10.88
N PRO N 5 7.18 33.07 12.07
CA PRO N 5 6.67 34.44 12.25
C PRO N 5 7.42 35.47 11.41
N THR N 6 6.74 36.57 11.14
CA THR N 6 7.26 37.67 10.34
C THR N 6 7.62 38.83 11.27
N VAL N 7 8.72 39.51 10.96
CA VAL N 7 9.17 40.65 11.74
C VAL N 7 8.97 41.95 10.97
N TYR N 18 10.79 40.78 7.11
CA TYR N 18 11.61 39.60 7.29
C TYR N 18 10.85 38.45 7.93
N ASP N 19 11.34 37.24 7.73
CA ASP N 19 11.01 36.14 8.61
C ASP N 19 12.02 36.13 9.76
N ILE N 20 11.73 35.33 10.78
CA ILE N 20 12.56 35.42 11.99
C ILE N 20 14.02 35.07 11.68
N TYR N 21 14.25 34.16 10.72
CA TYR N 21 15.61 33.73 10.43
C TYR N 21 16.37 34.75 9.61
N SER N 22 15.71 35.40 8.64
CA SER N 22 16.37 36.44 7.87
C SER N 22 16.72 37.65 8.72
N ARG N 23 15.88 37.97 9.71
CA ARG N 23 16.20 39.07 10.63
C ARG N 23 17.46 38.76 11.44
N LEU N 24 17.61 37.52 11.89
CA LEU N 24 18.83 37.14 12.61
C LEU N 24 20.05 37.11 11.70
N LEU N 25 19.87 36.71 10.44
CA LEU N 25 21.00 36.76 9.50
C LEU N 25 21.47 38.19 9.31
N LYS N 26 20.56 39.15 9.44
CA LYS N 26 20.93 40.55 9.35
C LYS N 26 21.89 40.94 10.47
N ASP N 27 21.78 40.29 11.62
CA ASP N 27 22.73 40.44 12.72
C ASP N 27 23.84 39.41 12.66
N ARG N 28 24.08 38.81 11.49
CA ARG N 28 25.18 37.85 11.28
C ARG N 28 25.00 36.58 12.11
N ILE N 29 23.75 36.16 12.28
CA ILE N 29 23.43 34.93 13.02
C ILE N 29 22.86 33.91 12.03
N ILE N 30 23.45 32.72 12.01
CA ILE N 30 23.03 31.64 11.13
C ILE N 30 22.49 30.50 11.97
N MET N 31 21.33 29.95 11.58
CA MET N 31 20.63 28.91 12.32
C MET N 31 20.84 27.58 11.61
N LEU N 32 21.57 26.66 12.24
CA LEU N 32 21.65 25.28 11.79
C LEU N 32 20.84 24.45 12.77
N GLY N 33 19.59 24.16 12.42
CA GLY N 33 18.70 23.45 13.32
C GLY N 33 17.96 22.30 12.67
N SER N 34 18.66 21.52 11.85
CA SER N 34 18.04 20.41 11.15
C SER N 34 19.13 19.41 10.79
N GLN N 35 18.72 18.30 10.16
CA GLN N 35 19.66 17.36 9.60
C GLN N 35 20.51 18.04 8.52
N ILE N 36 21.73 17.54 8.35
CA ILE N 36 22.68 18.13 7.41
C ILE N 36 22.64 17.35 6.09
N ASP N 37 22.10 17.99 5.06
CA ASP N 37 22.16 17.45 3.71
C ASP N 37 22.73 18.49 2.75
N ASP N 38 22.73 18.19 1.45
CA ASP N 38 23.30 19.10 0.47
C ASP N 38 22.55 20.43 0.42
N ASN N 39 21.22 20.39 0.57
CA ASN N 39 20.45 21.64 0.53
C ASN N 39 20.74 22.53 1.72
N VAL N 40 20.79 21.95 2.92
CA VAL N 40 21.10 22.72 4.10
C VAL N 40 22.52 23.29 4.01
N ALA N 41 23.49 22.46 3.60
CA ALA N 41 24.85 22.94 3.42
C ALA N 41 24.91 24.04 2.37
N ASN N 42 24.16 23.89 1.28
CA ASN N 42 24.14 24.93 0.27
C ASN N 42 23.66 26.26 0.88
N SER N 43 22.64 26.20 1.73
CA SER N 43 22.13 27.41 2.37
C SER N 43 23.12 27.98 3.37
N ILE N 44 23.72 27.12 4.23
CA ILE N 44 24.67 27.62 5.22
C ILE N 44 25.87 28.25 4.54
N VAL N 45 26.41 27.57 3.52
CA VAL N 45 27.55 28.11 2.79
C VAL N 45 27.22 29.45 2.16
N SER N 46 26.03 29.55 1.53
CA SER N 46 25.65 30.81 0.89
C SER N 46 25.55 31.94 1.91
N GLN N 47 25.04 31.64 3.10
CA GLN N 47 24.96 32.66 4.13
C GLN N 47 26.32 33.08 4.63
N LEU N 48 27.26 32.12 4.74
CA LEU N 48 28.61 32.44 5.19
C LEU N 48 29.32 33.34 4.19
N LEU N 49 29.27 32.99 2.90
CA LEU N 49 29.89 33.82 1.88
C LEU N 49 29.27 35.21 1.84
N PHE N 50 27.96 35.29 2.01
CA PHE N 50 27.28 36.58 1.99
C PHE N 50 27.71 37.44 3.18
N LEU N 51 27.78 36.87 4.37
CA LEU N 51 28.17 37.65 5.54
C LEU N 51 29.60 38.12 5.44
N GLN N 52 30.48 37.32 4.81
CA GLN N 52 31.84 37.77 4.60
C GLN N 52 31.88 38.93 3.60
N ALA N 53 31.06 38.85 2.54
CA ALA N 53 31.03 39.93 1.56
C ALA N 53 30.53 41.23 2.16
N GLN N 54 29.56 41.15 3.08
CA GLN N 54 29.10 42.36 3.76
C GLN N 54 30.16 42.93 4.68
N ASP N 55 30.84 42.07 5.43
CA ASP N 55 31.86 42.53 6.36
C ASP N 55 32.77 41.36 6.66
N SER N 56 34.04 41.46 6.24
CA SER N 56 34.98 40.38 6.43
C SER N 56 35.62 40.40 7.81
N GLU N 57 35.22 41.31 8.69
CA GLU N 57 35.84 41.47 10.00
C GLU N 57 34.95 41.03 11.15
N LYS N 58 33.67 41.36 11.11
CA LYS N 58 32.78 41.06 12.22
C LYS N 58 32.61 39.55 12.38
N ASP N 59 32.49 39.10 13.62
CA ASP N 59 32.30 37.67 13.84
C ASP N 59 30.96 37.21 13.26
N ILE N 60 30.89 35.92 12.96
CA ILE N 60 29.66 35.25 12.57
C ILE N 60 29.32 34.26 13.67
N TYR N 61 28.03 34.13 13.96
CA TYR N 61 27.54 33.26 15.02
C TYR N 61 26.71 32.14 14.40
N LEU N 62 27.16 30.91 14.56
CA LEU N 62 26.51 29.73 14.00
C LEU N 62 25.93 28.92 15.16
N TYR N 63 24.61 28.98 15.33
CA TYR N 63 23.91 28.15 16.30
C TYR N 63 23.69 26.76 15.71
N ILE N 64 23.94 25.74 16.52
CA ILE N 64 23.91 24.36 16.05
C ILE N 64 22.96 23.55 16.92
N ASN N 65 21.88 23.06 16.31
CA ASN N 65 20.97 22.08 16.92
C ASN N 65 20.69 21.06 15.82
N SER N 66 21.56 20.06 15.73
CA SER N 66 21.55 19.16 14.59
C SER N 66 21.85 17.73 15.03
N PRO N 67 21.12 16.75 14.49
CA PRO N 67 21.46 15.34 14.73
C PRO N 67 22.56 14.82 13.81
N GLY N 68 23.11 15.64 12.94
CA GLY N 68 24.11 15.23 11.98
C GLY N 68 23.55 15.14 10.57
N GLY N 69 24.19 14.31 9.76
CA GLY N 69 23.75 14.10 8.42
C GLY N 69 24.93 13.76 7.50
N SER N 70 24.85 14.27 6.27
CA SER N 70 25.83 13.94 5.25
C SER N 70 27.23 14.44 5.62
N VAL N 71 28.21 13.55 5.49
CA VAL N 71 29.59 13.94 5.82
C VAL N 71 30.13 14.90 4.78
N THR N 72 29.86 14.65 3.50
CA THR N 72 30.34 15.58 2.47
C THR N 72 29.66 16.92 2.59
N ALA N 73 28.36 16.92 2.90
CA ALA N 73 27.66 18.19 3.10
C ALA N 73 28.24 18.93 4.30
N GLY N 74 28.59 18.20 5.37
CA GLY N 74 29.20 18.84 6.51
C GLY N 74 30.57 19.42 6.20
N PHE N 75 31.34 18.75 5.34
CA PHE N 75 32.65 19.28 4.97
C PHE N 75 32.52 20.51 4.06
N ALA N 76 31.43 20.61 3.29
CA ALA N 76 31.20 21.85 2.57
C ALA N 76 31.06 23.02 3.53
N ILE N 77 30.35 22.81 4.66
CA ILE N 77 30.24 23.84 5.68
C ILE N 77 31.56 24.06 6.39
N TYR N 78 32.25 22.95 6.74
CA TYR N 78 33.52 23.04 7.47
C TYR N 78 34.55 23.84 6.69
N ASP N 79 34.79 23.48 5.43
CA ASP N 79 35.81 24.15 4.63
C ASP N 79 35.47 25.62 4.38
N THR N 80 34.19 25.95 4.27
CA THR N 80 33.81 27.35 4.11
C THR N 80 34.11 28.15 5.38
N ILE N 81 33.85 27.55 6.56
CA ILE N 81 34.20 28.20 7.82
C ILE N 81 35.70 28.46 7.88
N GLN N 82 36.51 27.47 7.52
CA GLN N 82 37.95 27.62 7.62
C GLN N 82 38.48 28.62 6.61
N HIS N 83 37.77 28.80 5.50
CA HIS N 83 38.25 29.62 4.38
C HIS N 83 37.93 31.10 4.54
N ILE N 84 36.73 31.45 5.02
CA ILE N 84 36.33 32.85 5.06
C ILE N 84 37.13 33.60 6.11
N LYS N 85 37.17 34.93 5.94
CA LYS N 85 37.95 35.75 6.87
C LYS N 85 37.32 35.89 8.25
N PRO N 86 36.00 36.15 8.40
CA PRO N 86 35.46 36.34 9.75
C PRO N 86 35.60 35.08 10.60
N ASP N 87 35.79 35.30 11.90
CA ASP N 87 35.67 34.21 12.87
C ASP N 87 34.22 33.74 12.93
N VAL N 88 34.04 32.43 12.96
CA VAL N 88 32.71 31.84 13.08
C VAL N 88 32.60 31.23 14.46
N GLN N 89 31.78 31.84 15.31
CA GLN N 89 31.48 31.28 16.62
C GLN N 89 30.42 30.20 16.49
N THR N 90 30.60 29.11 17.23
CA THR N 90 29.64 28.01 17.24
C THR N 90 29.00 27.92 18.63
N ILE N 91 27.68 27.82 18.65
CA ILE N 91 26.91 27.73 19.89
C ILE N 91 25.98 26.54 19.76
N CYS N 92 26.20 25.51 20.57
CA CYS N 92 25.36 24.33 20.56
C CYS N 92 24.21 24.51 21.54
N ILE N 93 23.00 24.41 21.02
CA ILE N 93 21.78 24.42 21.82
C ILE N 93 21.04 23.12 21.55
N GLY N 94 20.60 22.47 22.62
CA GLY N 94 19.90 21.20 22.49
C GLY N 94 20.81 20.04 22.18
N MET N 95 21.19 19.90 20.91
CA MET N 95 21.90 18.71 20.46
C MET N 95 22.87 19.03 19.32
N ALA N 96 24.10 18.54 19.44
CA ALA N 96 25.05 18.50 18.33
C ALA N 96 25.59 17.07 18.25
N ALA N 97 25.06 16.28 17.31
CA ALA N 97 25.43 14.89 17.20
C ALA N 97 26.09 14.63 15.85
N SER N 98 27.07 13.71 15.85
CA SER N 98 27.70 13.20 14.63
C SER N 98 28.31 14.37 13.87
N MET N 99 27.97 14.58 12.60
CA MET N 99 28.53 15.71 11.85
C MET N 99 28.21 17.04 12.51
N GLY N 100 27.13 17.11 13.28
CA GLY N 100 26.80 18.34 13.97
C GLY N 100 27.83 18.67 15.05
N SER N 101 28.27 17.66 15.80
CA SER N 101 29.32 17.91 16.79
C SER N 101 30.65 18.20 16.13
N PHE N 102 30.87 17.66 14.92
CA PHE N 102 32.07 17.99 14.17
C PHE N 102 32.12 19.48 13.82
N LEU N 103 30.98 20.03 13.35
CA LEU N 103 30.91 21.44 13.04
C LEU N 103 30.99 22.30 14.29
N LEU N 104 30.48 21.80 15.42
CA LEU N 104 30.62 22.54 16.67
C LEU N 104 32.09 22.76 17.01
N ALA N 105 32.91 21.72 16.86
CA ALA N 105 34.34 21.82 17.10
C ALA N 105 35.06 22.62 16.03
N ALA N 106 34.39 22.97 14.94
CA ALA N 106 35.00 23.68 13.83
C ALA N 106 35.03 25.19 14.02
N GLY N 107 34.36 25.71 15.04
CA GLY N 107 34.36 27.13 15.27
C GLY N 107 35.75 27.64 15.62
N ALA N 108 35.87 28.97 15.62
CA ALA N 108 37.12 29.64 15.95
C ALA N 108 37.58 29.25 17.34
N LYS N 109 38.86 28.90 17.47
CA LYS N 109 39.39 28.51 18.77
C LYS N 109 39.13 29.62 19.79
N GLY N 110 38.57 29.25 20.93
CA GLY N 110 38.17 30.20 21.94
C GLY N 110 36.74 30.69 21.81
N LYS N 111 36.05 30.40 20.70
CA LYS N 111 34.70 30.90 20.47
C LYS N 111 33.74 29.76 20.14
N ARG N 112 33.97 28.59 20.72
CA ARG N 112 33.10 27.43 20.56
C ARG N 112 32.38 27.19 21.87
N PHE N 113 31.05 27.21 21.85
CA PHE N 113 30.26 27.22 23.07
C PHE N 113 29.16 26.17 23.02
N ALA N 114 28.67 25.82 24.20
CA ALA N 114 27.47 25.01 24.34
C ALA N 114 26.73 25.46 25.58
N LEU N 115 25.40 25.47 25.50
CA LEU N 115 24.60 25.81 26.66
C LEU N 115 24.66 24.68 27.69
N PRO N 116 24.40 24.98 28.97
CA PRO N 116 24.70 24.01 30.03
C PRO N 116 24.02 22.65 29.86
N ASN N 117 22.81 22.61 29.31
CA ASN N 117 22.07 21.36 29.18
C ASN N 117 22.10 20.82 27.76
N ALA N 118 22.89 21.43 26.87
CA ALA N 118 23.06 20.89 25.53
C ALA N 118 23.79 19.55 25.59
N GLU N 119 23.54 18.71 24.60
CA GLU N 119 24.14 17.39 24.53
C GLU N 119 25.00 17.31 23.27
N VAL N 120 26.14 16.64 23.38
CA VAL N 120 27.07 16.47 22.28
C VAL N 120 27.32 14.98 22.12
N MET N 121 27.17 14.47 20.90
CA MET N 121 27.35 13.05 20.64
C MET N 121 28.32 12.86 19.48
N ILE N 122 29.29 11.97 19.67
CA ILE N 122 30.28 11.63 18.65
C ILE N 122 30.21 10.14 18.40
N HIS N 123 30.37 9.75 17.14
CA HIS N 123 30.46 8.34 16.77
C HIS N 123 31.08 8.25 15.39
N GLN N 124 31.38 7.03 14.96
CA GLN N 124 31.99 6.86 13.65
C GLN N 124 30.95 7.00 12.55
N PRO N 125 31.36 7.35 11.34
CA PRO N 125 30.38 7.59 10.27
C PRO N 125 29.64 6.33 9.87
N LEU N 126 28.44 6.54 9.32
CA LEU N 126 27.54 5.49 8.88
C LEU N 126 27.42 5.48 7.36
N GLY N 127 27.17 4.31 6.81
CA GLY N 127 27.03 4.20 5.37
C GLY N 127 26.48 2.85 4.96
N GLY N 128 26.52 2.59 3.67
CA GLY N 128 26.04 1.34 3.13
C GLY N 128 26.76 0.97 1.85
N ALA N 129 26.64 -0.30 1.47
CA ALA N 129 27.27 -0.78 0.25
C ALA N 129 26.54 -2.03 -0.24
N GLN N 130 26.36 -2.13 -1.55
CA GLN N 130 25.70 -3.27 -2.16
C GLN N 130 26.26 -3.51 -3.55
N GLY N 131 26.30 -4.78 -3.93
CA GLY N 131 26.72 -5.16 -5.27
C GLY N 131 27.82 -6.20 -5.25
N GLN N 132 28.73 -6.12 -6.20
CA GLN N 132 29.81 -7.09 -6.29
C GLN N 132 30.79 -6.90 -5.13
N ALA N 133 31.57 -7.96 -4.87
CA ALA N 133 32.58 -7.90 -3.82
C ALA N 133 33.54 -6.75 -4.05
N THR N 134 33.91 -6.51 -5.32
CA THR N 134 34.79 -5.39 -5.65
C THR N 134 34.14 -4.05 -5.29
N GLU N 135 32.84 -3.92 -5.54
CA GLU N 135 32.14 -2.69 -5.22
C GLU N 135 32.04 -2.49 -3.70
N ILE N 136 31.82 -3.56 -2.94
CA ILE N 136 31.79 -3.43 -1.48
C ILE N 136 33.16 -3.05 -0.95
N GLU N 137 34.22 -3.59 -1.55
CA GLU N 137 35.57 -3.24 -1.13
C GLU N 137 35.86 -1.76 -1.35
N ILE N 138 35.45 -1.23 -2.50
CA ILE N 138 35.65 0.18 -2.80
C ILE N 138 34.89 1.06 -1.81
N ALA N 139 33.63 0.72 -1.52
CA ALA N 139 32.85 1.51 -0.59
C ALA N 139 33.40 1.43 0.83
N ALA N 140 33.89 0.26 1.23
CA ALA N 140 34.47 0.13 2.58
C ALA N 140 35.74 0.96 2.70
N ASN N 141 36.62 0.88 1.70
CA ASN N 141 37.83 1.68 1.73
C ASN N 141 37.50 3.17 1.78
N HIS N 142 36.45 3.58 1.06
CA HIS N 142 36.11 5.00 1.04
C HIS N 142 35.63 5.49 2.41
N ILE N 143 34.74 4.73 3.06
CA ILE N 143 34.23 5.18 4.36
C ILE N 143 35.32 5.05 5.41
N LEU N 144 36.24 4.11 5.26
CA LEU N 144 37.36 4.03 6.19
C LEU N 144 38.27 5.24 6.05
N LYS N 145 38.51 5.67 4.80
CA LYS N 145 39.29 6.88 4.59
C LYS N 145 38.58 8.12 5.09
N THR N 146 37.26 8.17 4.96
CA THR N 146 36.51 9.31 5.48
C THR N 146 36.61 9.40 6.99
N ARG N 147 36.54 8.25 7.67
CA ARG N 147 36.68 8.26 9.12
C ARG N 147 38.07 8.74 9.54
N GLU N 148 39.11 8.27 8.86
CA GLU N 148 40.47 8.72 9.16
C GLU N 148 40.62 10.23 8.96
N LYS N 149 40.02 10.76 7.89
CA LYS N 149 40.04 12.20 7.68
C LYS N 149 39.29 12.93 8.78
N LEU N 150 38.13 12.41 9.18
CA LEU N 150 37.36 13.02 10.26
C LEU N 150 38.12 12.99 11.58
N ASN N 151 38.78 11.87 11.87
CA ASN N 151 39.48 11.79 13.15
C ASN N 151 40.68 12.72 13.18
N ARG N 152 41.42 12.81 12.08
CA ARG N 152 42.59 13.69 12.04
C ARG N 152 42.21 15.13 12.31
N ILE N 153 41.17 15.62 11.63
CA ILE N 153 40.75 17.00 11.84
C ILE N 153 40.24 17.19 13.26
N LEU N 154 39.43 16.25 13.75
CA LEU N 154 38.94 16.33 15.12
C LEU N 154 40.09 16.35 16.11
N SER N 155 41.15 15.58 15.83
CA SER N 155 42.33 15.62 16.68
C SER N 155 42.97 16.99 16.68
N GLU N 156 43.05 17.63 15.50
CA GLU N 156 43.66 18.94 15.42
C GLU N 156 42.81 19.98 16.13
N ARG N 157 41.49 19.79 16.17
CA ARG N 157 40.63 20.80 16.75
C ARG N 157 40.34 20.58 18.23
N THR N 158 40.54 19.37 18.74
CA THR N 158 40.29 19.10 20.15
C THR N 158 41.56 18.90 20.98
N GLY N 159 42.69 18.55 20.35
CA GLY N 159 43.86 18.18 21.09
C GLY N 159 43.92 16.72 21.51
N GLN N 160 42.87 15.94 21.28
CA GLN N 160 42.91 14.52 21.59
C GLN N 160 43.71 13.80 20.52
N SER N 161 44.28 12.65 20.88
CA SER N 161 45.01 11.84 19.92
C SER N 161 44.04 11.13 18.97
N ILE N 162 44.57 10.71 17.83
CA ILE N 162 43.75 10.01 16.85
C ILE N 162 43.27 8.69 17.40
N GLU N 163 44.14 8.00 18.12
CA GLU N 163 43.78 6.71 18.70
C GLU N 163 42.69 6.90 19.74
N LYS N 164 42.73 8.00 20.49
CA LYS N 164 41.66 8.27 21.44
C LYS N 164 40.36 8.61 20.74
N ILE N 165 40.42 9.43 19.69
CA ILE N 165 39.23 9.72 18.90
C ILE N 165 38.65 8.43 18.32
N GLN N 166 39.51 7.56 17.78
CA GLN N 166 39.07 6.31 17.19
C GLN N 166 38.32 5.43 18.20
N GLN N 167 38.87 5.27 19.40
CA GLN N 167 38.24 4.42 20.40
C GLN N 167 36.98 5.05 20.99
N ASP N 168 36.96 6.37 21.14
CA ASP N 168 35.81 7.04 21.73
C ASP N 168 34.64 7.17 20.76
N THR N 169 34.85 6.94 19.48
CA THR N 169 33.79 7.03 18.49
C THR N 169 33.39 5.67 17.95
N ASP N 170 33.94 4.58 18.52
CA ASP N 170 33.61 3.25 18.03
C ASP N 170 32.10 3.00 18.15
N ARG N 171 31.49 3.51 19.20
CA ARG N 171 30.04 3.51 19.35
C ARG N 171 29.59 4.89 19.80
N ASP N 172 28.27 5.05 19.86
CA ASP N 172 27.66 6.30 20.28
C ASP N 172 28.21 6.74 21.62
N ASN N 173 28.79 7.94 21.63
CA ASN N 173 29.43 8.52 22.81
C ASN N 173 28.72 9.82 23.13
N PHE N 174 27.89 9.80 24.18
CA PHE N 174 27.14 10.97 24.59
C PHE N 174 27.94 11.76 25.63
N LEU N 175 28.04 13.07 25.43
CA LEU N 175 28.78 13.96 26.32
C LEU N 175 27.90 15.11 26.76
N THR N 176 28.01 15.47 28.03
CA THR N 176 27.41 16.71 28.51
C THR N 176 28.17 17.91 27.96
N ALA N 177 27.62 19.10 28.20
CA ALA N 177 28.31 20.32 27.82
C ALA N 177 29.66 20.42 28.54
N ALA N 178 29.68 20.12 29.84
CA ALA N 178 30.93 20.17 30.59
C ALA N 178 31.92 19.14 30.10
N GLU N 179 31.46 17.91 29.81
CA GLU N 179 32.34 16.90 29.27
C GLU N 179 32.86 17.28 27.90
N ALA N 180 32.04 17.93 27.08
CA ALA N 180 32.50 18.36 25.76
C ALA N 180 33.60 19.40 25.86
N LYS N 181 33.54 20.27 26.88
CA LYS N 181 34.60 21.25 27.05
C LYS N 181 35.90 20.59 27.50
N GLU N 182 35.84 19.67 28.46
CA GLU N 182 37.05 18.92 28.82
C GLU N 182 37.59 18.12 27.64
N TYR N 183 36.70 17.61 26.78
CA TYR N 183 37.17 16.82 25.66
C TYR N 183 37.87 17.68 24.61
N GLY N 184 37.59 18.98 24.57
CA GLY N 184 38.15 19.87 23.57
C GLY N 184 37.22 20.19 22.41
N LEU N 185 35.97 19.71 22.45
CA LEU N 185 35.04 20.01 21.38
C LEU N 185 34.55 21.45 21.43
N ILE N 186 34.42 22.00 22.63
CA ILE N 186 34.07 23.41 22.84
C ILE N 186 35.10 24.02 23.78
N ASP N 187 35.07 25.34 23.89
CA ASP N 187 35.99 26.08 24.73
C ASP N 187 35.37 26.49 26.05
N GLU N 188 34.07 26.78 26.07
CA GLU N 188 33.41 27.25 27.28
C GLU N 188 31.95 26.80 27.29
N VAL N 189 31.48 26.50 28.49
CA VAL N 189 30.06 26.27 28.74
C VAL N 189 29.43 27.64 29.00
N MET N 190 28.58 28.08 28.09
CA MET N 190 27.95 29.39 28.18
C MET N 190 26.91 29.42 29.31
N GLU N 191 27.24 30.15 30.37
CA GLU N 191 26.39 30.31 31.55
C GLU N 191 25.44 31.49 31.38
N PRO N 192 24.30 31.47 32.08
CA PRO N 192 23.28 32.51 31.90
C PRO N 192 23.82 33.92 32.14
N GLU N 193 23.37 34.85 31.31
CA GLU N 193 23.74 36.26 31.44
C GLU N 193 22.61 37.06 32.06
C1 MPD O . -34.86 -11.02 -3.27
C2 MPD O . -34.97 -11.64 -4.65
O2 MPD O . -35.70 -12.84 -4.45
CM MPD O . -35.74 -10.71 -5.60
C3 MPD O . -33.55 -11.94 -5.20
C4 MPD O . -32.74 -10.80 -5.78
O4 MPD O . -32.55 -9.80 -4.78
C5 MPD O . -31.38 -11.28 -6.27
C1 GOL P . -13.94 -12.28 -23.02
O1 GOL P . -14.35 -13.63 -23.17
C2 GOL P . -13.38 -11.79 -24.35
O2 GOL P . -14.29 -10.90 -24.94
C3 GOL P . -12.02 -11.14 -24.17
O3 GOL P . -11.38 -11.19 -25.44
C1 GOL Q . -29.56 -6.63 -26.04
O1 GOL Q . -28.66 -6.84 -24.98
C2 GOL Q . -30.60 -7.75 -26.05
O2 GOL Q . -31.55 -7.56 -25.02
C3 GOL Q . -31.28 -7.84 -27.42
O3 GOL Q . -32.07 -9.00 -27.40
C1 MPD R . -19.43 -13.52 -29.68
C2 MPD R . -18.76 -14.50 -28.73
O2 MPD R . -19.81 -15.18 -28.06
CM MPD R . -17.94 -15.50 -29.54
C3 MPD R . -17.87 -13.74 -27.73
C4 MPD R . -16.40 -13.59 -28.08
O4 MPD R . -16.29 -12.66 -29.15
C5 MPD R . -15.58 -13.13 -26.88
C1 MPD S . 11.70 -16.34 -31.84
C2 MPD S . 10.76 -17.08 -30.90
O2 MPD S . 9.47 -17.10 -31.50
CM MPD S . 11.28 -18.52 -30.81
C3 MPD S . 10.65 -16.41 -29.51
C4 MPD S . 11.83 -16.44 -28.54
O4 MPD S . 12.73 -15.41 -28.93
C5 MPD S . 11.40 -16.21 -27.10
C1 GOL T . 24.64 -15.91 -6.60
O1 GOL T . 24.97 -17.27 -6.47
C2 GOL T . 25.83 -15.06 -6.24
O2 GOL T . 26.03 -14.06 -7.22
C3 GOL T . 25.61 -14.42 -4.87
O3 GOL T . 26.81 -13.77 -4.52
C1 MPD U . 32.34 -17.81 -9.17
C2 MPD U . 30.98 -18.50 -9.34
O2 MPD U . 30.29 -17.80 -10.36
CM MPD U . 31.21 -19.94 -9.78
C3 MPD U . 30.23 -18.40 -8.00
C4 MPD U . 29.90 -17.00 -7.49
O4 MPD U . 29.09 -16.38 -8.48
C5 MPD U . 29.15 -17.04 -6.16
C1 GOL V . 20.68 -14.26 16.59
O1 GOL V . 20.80 -15.63 16.91
C2 GOL V . 21.00 -13.42 17.81
O2 GOL V . 22.19 -12.70 17.56
C3 GOL V . 19.85 -12.46 18.12
O3 GOL V . 19.78 -12.31 19.51
C1 MPD W . 27.64 -15.89 20.87
C2 MPD W . 26.94 -16.78 19.84
O2 MPD W . 27.16 -16.21 18.56
CM MPD W . 27.57 -18.17 19.87
C3 MPD W . 25.44 -16.83 20.17
C4 MPD W . 24.67 -15.52 20.10
O4 MPD W . 25.03 -14.86 18.88
C5 MPD W . 23.17 -15.73 20.14
C1 GOL X . -0.71 -12.06 28.38
O1 GOL X . 0.26 -12.29 27.39
C2 GOL X . -0.83 -10.58 28.76
O2 GOL X . 0.43 -10.02 29.01
C3 GOL X . -1.61 -9.79 27.72
O3 GOL X . -2.96 -9.77 28.14
C1 MPD Y . 1.09 -12.38 35.68
C2 MPD Y . 1.48 -13.30 34.53
O2 MPD Y . 2.56 -12.66 33.83
CM MPD Y . 1.97 -14.63 35.09
C3 MPD Y . 0.25 -13.46 33.61
C4 MPD Y . -0.30 -12.22 32.94
O4 MPD Y . 0.76 -11.43 32.44
C5 MPD Y . -1.23 -12.58 31.79
C1 GOL Z . -17.94 -9.88 18.13
O1 GOL Z . -19.32 -9.88 17.86
C2 GOL Z . -17.17 -10.19 16.87
O2 GOL Z . -17.35 -9.13 15.97
C3 GOL Z . -15.70 -10.42 17.18
O3 GOL Z . -15.07 -10.80 15.99
C1 MPD AA . -27.54 -10.17 24.46
C2 MPD AA . -26.38 -11.08 24.03
O2 MPD AA . -25.18 -10.41 24.42
CM MPD AA . -26.46 -12.42 24.76
C3 MPD AA . -26.43 -11.26 22.50
C4 MPD AA . -26.29 -10.01 21.64
O4 MPD AA . -25.29 -9.18 22.23
C5 MPD AA . -25.91 -10.34 20.20
C1 GOL BA . 24.92 9.45 -9.78
O1 GOL BA . 25.27 9.37 -11.14
C2 GOL BA . 23.58 10.14 -9.64
O2 GOL BA . 22.55 9.24 -10.02
C3 GOL BA . 23.38 10.63 -8.21
O3 GOL BA . 21.99 10.65 -7.95
C1 MPD CA . 33.42 12.73 -14.99
C2 MPD CA . 32.60 11.45 -15.06
O2 MPD CA . 33.21 10.62 -16.04
CM MPD CA . 32.68 10.77 -13.70
C3 MPD CA . 31.15 11.78 -15.44
C4 MPD CA . 30.26 10.65 -15.96
O4 MPD CA . 31.10 9.57 -16.36
C5 MPD CA . 29.24 10.21 -14.93
C1 GOL DA . 6.90 11.31 -27.11
O1 GOL DA . 7.26 12.65 -27.40
C2 GOL DA . 6.56 10.57 -28.39
O2 GOL DA . 7.18 9.30 -28.37
C3 GOL DA . 5.05 10.41 -28.52
O3 GOL DA . 4.60 9.74 -27.38
C1 MPD EA . 9.02 12.04 -35.02
C2 MPD EA . 9.86 12.45 -33.81
O2 MPD EA . 10.93 11.53 -33.76
CM MPD EA . 10.42 13.86 -34.03
C3 MPD EA . 9.09 12.30 -32.49
C4 MPD EA . 7.57 12.39 -32.56
O4 MPD EA . 7.04 11.81 -31.35
C5 MPD EA . 7.18 13.84 -32.65
C1 MPD FA . -20.28 15.26 -28.86
C2 MPD FA . -19.33 15.84 -27.83
O2 MPD FA . -18.12 15.08 -27.94
CM MPD FA . -19.04 17.30 -28.19
C3 MPD FA . -19.98 15.69 -26.45
C4 MPD FA . -19.07 15.48 -25.24
O4 MPD FA . -19.59 16.26 -24.16
C5 MPD FA . -19.01 14.02 -24.83
C1 MPD GA . -33.80 17.75 -0.48
C2 MPD GA . -32.74 18.35 -1.39
O2 MPD GA . -32.76 17.64 -2.62
CM MPD GA . -33.10 19.82 -1.67
C3 MPD GA . -31.34 18.23 -0.76
C4 MPD GA . -31.08 17.39 0.49
O4 MPD GA . -31.25 16.01 0.16
C5 MPD GA . -29.69 17.64 1.03
C1 MPD HA . -20.43 17.70 26.75
C2 MPD HA . -20.21 18.38 25.40
O2 MPD HA . -20.92 17.64 24.42
CM MPD HA . -20.77 19.80 25.46
C3 MPD HA . -18.69 18.39 25.11
C4 MPD HA . -17.97 17.05 25.08
O4 MPD HA . -18.74 16.15 24.29
C5 MPD HA . -16.57 17.17 24.48
C1 MPD IA . 7.38 16.42 32.73
C2 MPD IA . 8.75 15.80 32.46
O2 MPD IA . 9.64 16.89 32.28
CM MPD IA . 9.16 14.96 33.67
C3 MPD IA . 8.65 14.99 31.16
C4 MPD IA . 9.95 14.45 30.58
O4 MPD IA . 9.68 13.15 30.07
C5 MPD IA . 10.48 15.36 29.49
C1 GOL JA . 29.94 8.66 2.91
O1 GOL JA . 30.89 7.89 3.64
C2 GOL JA . 28.67 7.86 2.71
O2 GOL JA . 27.84 8.55 1.80
C3 GOL JA . 28.98 6.47 2.18
O3 GOL JA . 27.77 5.87 1.78
C1 MPD KA . 33.29 11.76 14.55
C2 MPD KA . 32.08 12.70 14.57
O2 MPD KA . 31.13 12.11 15.45
CM MPD KA . 32.48 14.06 15.12
C3 MPD KA . 31.52 12.80 13.14
C4 MPD KA . 31.18 11.51 12.41
O4 MPD KA . 30.16 10.84 13.14
C5 MPD KA . 30.71 11.77 10.99
C1 GOL LA . 27.31 11.84 10.30
O1 GOL LA . 26.12 12.45 10.74
C2 GOL LA . 27.27 10.33 10.47
O2 GOL LA . 27.05 9.97 11.82
C3 GOL LA . 26.24 9.70 9.54
O3 GOL LA . 26.96 9.18 8.45
#